data_1YGP
#
_entry.id   1YGP
#
_cell.length_a   103.910
_cell.length_b   143.930
_cell.length_c   169.260
_cell.angle_alpha   90.00
_cell.angle_beta   90.00
_cell.angle_gamma   90.00
#
_symmetry.space_group_name_H-M   'P 21 21 21'
#
loop_
_entity.id
_entity.type
_entity.pdbx_description
1 polymer 'YEAST GLYCOGEN PHOSPHORYLASE'
2 non-polymer 'PHOSPHATE ION'
3 non-polymer "PYRIDOXAL-5'-PHOSPHATE"
#
_entity_poly.entity_id   1
_entity_poly.type   'polypeptide(L)'
_entity_poly.pdbx_seq_one_letter_code
;PRLTRRLTGFLPQEIKSIDTMIPLLSRALWNKHQVKKFNKAEDFQDRFIDHVETTLARSLYNCDDMVAYEAASMSIRDNL
VIDWNKTQQKFTTRDPKRVYYLSLEFLMGRALDNALINMKIEDPEDPAASKGKPREMIKGALDELGFKLEDVLDQEPDAG
LGNGGLGRLAACFVDSMATEGIPAWGYGLRYEYGIFAQKIIDGYQVETPDYWLNSGNPWEIERNEVQIPVTFYGYVDRPE
GGKTTLSASQWIGGERVLAVAYDFPVPGFKTSNVNNLRLWQARPTTEFDLNKFNNGDYKNSVAQQQRAESITAVLYPNDN
FAQGKELRLKQQYFWCAASLHDILRRFKKSKRPWTEFPDQVAIQLNDTHPTLAIVELQRVLVDLEKLDWHEAWDIVTKTF
AYTNHTVMQEALEKWPRRLFGHLLPRHLEIIYDINWFFLEDVAKKFPKDVDLLSRISIIEENSPERQIRMAFLAIVGSHK
VNGVVELHSELIKTTIFKDFIKFYGPSKFVNVTNGITPRRWLKQANPSLAKLISETLNDPTEEYLLDMAKLTQLEKYVED
KEFLKKWNQVKLNNKIRLVDLIKKENDGVDIINREYLDDTLFDMQVKRIHEYKRQQLNVFGIIYRYLAMKNMLKNGASIE
EVARKYPRKVSIFGGKSAPGYYMAKLIIKLINCVADIVNNDESIEHLLKVVFVADYNVSKAEIIIPASDLSEHISTAGTE
ASGTSNMKFVMNGGLIIGTVDGANVEITREIGEDNVFLFGNLSENVEELRYNHQYHPQDLPSSLDSVLSYIESGQFSPEN
PNEFKPLVDSIKYHGDYYLVSDDFESYLATHELVDQEFHNQRSEWLKKSVLSLANVGFFSSDRCIEEYSDTIWNVEPVT
;
_entity_poly.pdbx_strand_id   A,B
#
# COMPACT_ATOMS: atom_id res chain seq x y z
N THR A 4 10.45 17.19 -19.77
CA THR A 4 10.58 16.18 -18.72
C THR A 4 10.78 16.97 -17.41
N ARG A 5 10.95 16.29 -16.27
CA ARG A 5 11.25 16.81 -14.92
C ARG A 5 10.30 17.69 -14.12
N ARG A 6 9.57 18.71 -14.60
CA ARG A 6 8.76 19.49 -13.68
C ARG A 6 7.26 19.29 -13.77
N LEU A 7 6.79 18.83 -12.62
CA LEU A 7 5.41 18.42 -12.46
C LEU A 7 4.42 19.50 -12.16
N THR A 8 4.75 20.67 -11.62
CA THR A 8 3.70 21.63 -11.40
C THR A 8 3.86 22.92 -12.18
N GLY A 9 4.70 23.03 -13.20
CA GLY A 9 4.65 24.25 -14.00
C GLY A 9 5.91 24.57 -14.75
N PHE A 10 5.76 24.90 -16.02
CA PHE A 10 6.90 25.23 -16.82
C PHE A 10 6.98 26.73 -16.76
N LEU A 11 8.16 27.26 -16.47
CA LEU A 11 8.36 28.70 -16.51
C LEU A 11 8.04 29.14 -17.93
N PRO A 12 7.32 30.24 -18.17
CA PRO A 12 6.78 30.61 -19.48
C PRO A 12 7.74 30.48 -20.66
N GLN A 13 8.98 30.89 -20.36
CA GLN A 13 10.10 30.88 -21.28
C GLN A 13 10.42 29.49 -21.83
N GLU A 14 10.43 28.50 -20.91
CA GLU A 14 10.74 27.11 -21.21
C GLU A 14 9.73 26.66 -22.25
N ILE A 15 8.43 26.90 -22.00
CA ILE A 15 7.40 26.55 -22.95
C ILE A 15 7.60 27.24 -24.29
N LYS A 16 7.91 28.54 -24.38
CA LYS A 16 8.11 29.18 -25.68
C LYS A 16 9.31 28.62 -26.42
N SER A 17 10.33 28.10 -25.75
CA SER A 17 11.42 27.46 -26.43
C SER A 17 10.99 26.06 -26.88
N ILE A 18 10.63 25.15 -25.96
CA ILE A 18 10.25 23.76 -26.25
C ILE A 18 9.25 23.58 -27.38
N ASP A 19 8.16 24.35 -27.35
CA ASP A 19 7.06 24.30 -28.30
C ASP A 19 7.55 24.26 -29.74
N THR A 20 8.60 25.01 -30.06
CA THR A 20 9.09 25.02 -31.43
C THR A 20 9.78 23.71 -31.85
N MET A 21 10.42 22.96 -30.95
CA MET A 21 11.04 21.72 -31.38
C MET A 21 10.11 20.50 -31.49
N ILE A 22 8.84 20.65 -31.09
CA ILE A 22 7.91 19.54 -31.17
C ILE A 22 7.38 19.55 -32.59
N PRO A 23 7.45 18.49 -33.39
CA PRO A 23 6.84 18.48 -34.70
C PRO A 23 5.35 18.75 -34.64
N LEU A 24 4.92 19.57 -35.59
CA LEU A 24 3.52 19.92 -35.75
C LEU A 24 2.56 18.73 -35.74
N LEU A 25 2.90 17.55 -36.28
CA LEU A 25 2.00 16.39 -36.20
C LEU A 25 1.87 15.92 -34.76
N SER A 26 2.95 15.83 -33.97
CA SER A 26 2.80 15.40 -32.59
C SER A 26 1.90 16.39 -31.89
N ARG A 27 2.17 17.69 -32.04
CA ARG A 27 1.37 18.69 -31.36
C ARG A 27 -0.08 18.58 -31.80
N ALA A 28 -0.38 18.35 -33.06
CA ALA A 28 -1.74 18.17 -33.50
C ALA A 28 -2.41 16.94 -32.89
N LEU A 29 -1.78 15.76 -32.87
CA LEU A 29 -2.36 14.56 -32.30
C LEU A 29 -2.66 14.75 -30.85
N TRP A 30 -1.66 15.22 -30.11
CA TRP A 30 -1.80 15.44 -28.69
C TRP A 30 -2.96 16.36 -28.43
N ASN A 31 -3.06 17.38 -29.27
CA ASN A 31 -4.12 18.33 -29.10
C ASN A 31 -5.50 17.78 -29.47
N LYS A 32 -5.62 16.86 -30.41
CA LYS A 32 -6.89 16.29 -30.81
C LYS A 32 -7.27 15.13 -29.88
N HIS A 33 -6.44 14.77 -28.92
CA HIS A 33 -6.84 13.72 -28.00
C HIS A 33 -6.63 14.20 -26.58
N GLN A 34 -6.51 15.50 -26.31
CA GLN A 34 -6.30 15.90 -24.94
C GLN A 34 -7.63 15.80 -24.22
N VAL A 35 -7.56 15.31 -22.97
CA VAL A 35 -8.72 15.04 -22.13
C VAL A 35 -9.46 16.33 -21.83
N LYS A 36 -10.76 16.22 -21.79
CA LYS A 36 -11.60 17.37 -21.49
C LYS A 36 -12.37 17.06 -20.20
N LYS A 37 -12.91 18.06 -19.52
CA LYS A 37 -13.65 17.83 -18.29
C LYS A 37 -15.07 17.38 -18.58
N PHE A 38 -15.77 16.68 -17.69
CA PHE A 38 -17.16 16.30 -17.93
C PHE A 38 -17.95 17.58 -18.15
N ASN A 39 -18.77 17.53 -19.17
CA ASN A 39 -19.69 18.60 -19.50
C ASN A 39 -21.11 18.07 -19.33
N LYS A 40 -21.33 16.77 -19.20
CA LYS A 40 -22.67 16.23 -19.21
C LYS A 40 -22.68 14.92 -18.46
N ALA A 41 -23.80 14.38 -17.98
CA ALA A 41 -23.79 13.11 -17.27
C ALA A 41 -23.20 11.99 -18.11
N GLU A 42 -23.51 11.90 -19.41
CA GLU A 42 -22.92 10.86 -20.26
C GLU A 42 -21.40 10.80 -20.15
N ASP A 43 -20.75 11.95 -20.01
CA ASP A 43 -19.32 11.98 -19.88
C ASP A 43 -18.88 11.27 -18.61
N PHE A 44 -19.59 11.50 -17.52
CA PHE A 44 -19.22 10.81 -16.31
C PHE A 44 -19.48 9.34 -16.49
N GLN A 45 -20.58 8.93 -17.15
CA GLN A 45 -20.92 7.51 -17.28
C GLN A 45 -19.86 6.76 -18.05
N ASP A 46 -19.34 7.39 -19.08
CA ASP A 46 -18.30 6.79 -19.87
C ASP A 46 -17.02 6.58 -19.08
N ARG A 47 -16.62 7.51 -18.21
CA ARG A 47 -15.41 7.35 -17.40
C ARG A 47 -15.64 6.29 -16.33
N PHE A 48 -16.82 6.30 -15.74
CA PHE A 48 -17.16 5.37 -14.71
C PHE A 48 -17.11 3.96 -15.29
N ILE A 49 -17.82 3.69 -16.40
CA ILE A 49 -17.84 2.35 -16.98
C ILE A 49 -16.46 1.94 -17.46
N ASP A 50 -15.70 2.79 -18.13
CA ASP A 50 -14.33 2.42 -18.49
C ASP A 50 -13.54 2.08 -17.23
N HIS A 51 -13.63 2.79 -16.09
CA HIS A 51 -12.83 2.38 -14.97
C HIS A 51 -13.28 1.06 -14.40
N VAL A 52 -14.56 0.69 -14.48
CA VAL A 52 -15.02 -0.57 -13.92
C VAL A 52 -14.39 -1.69 -14.73
N GLU A 53 -14.50 -1.54 -16.04
CA GLU A 53 -14.08 -2.58 -16.96
C GLU A 53 -12.60 -2.78 -17.19
N THR A 54 -11.87 -1.69 -17.17
CA THR A 54 -10.46 -1.68 -17.41
C THR A 54 -9.62 -1.61 -16.14
N THR A 55 -9.75 -0.58 -15.30
CA THR A 55 -8.93 -0.40 -14.12
C THR A 55 -9.24 -1.54 -13.17
N LEU A 56 -10.50 -1.57 -12.76
CA LEU A 56 -10.95 -2.56 -11.81
C LEU A 56 -11.21 -3.93 -12.45
N ALA A 57 -11.04 -4.11 -13.75
CA ALA A 57 -11.22 -5.37 -14.45
C ALA A 57 -12.47 -6.13 -14.02
N ARG A 58 -13.60 -5.42 -14.05
CA ARG A 58 -14.85 -5.87 -13.47
C ARG A 58 -15.99 -5.72 -14.49
N SER A 59 -17.25 -6.05 -14.20
CA SER A 59 -18.31 -5.86 -15.17
C SER A 59 -19.59 -5.46 -14.49
N LEU A 60 -20.64 -5.22 -15.27
CA LEU A 60 -21.95 -4.88 -14.72
C LEU A 60 -22.37 -5.92 -13.69
N TYR A 61 -22.10 -7.20 -13.94
CA TYR A 61 -22.57 -8.27 -13.09
C TYR A 61 -21.90 -8.39 -11.75
N ASN A 62 -20.74 -7.78 -11.54
CA ASN A 62 -20.12 -7.87 -10.26
C ASN A 62 -19.59 -6.53 -9.80
N CYS A 63 -19.98 -5.41 -10.41
CA CYS A 63 -19.61 -4.10 -9.89
C CYS A 63 -20.56 -3.76 -8.73
N ASP A 64 -20.13 -4.02 -7.49
CA ASP A 64 -20.89 -3.66 -6.29
C ASP A 64 -20.68 -2.20 -5.83
N ASP A 65 -21.11 -1.76 -4.64
CA ASP A 65 -20.91 -0.38 -4.20
C ASP A 65 -19.48 0.06 -3.91
N MET A 66 -18.64 -0.76 -3.30
CA MET A 66 -17.23 -0.44 -3.16
C MET A 66 -16.62 -0.24 -4.56
N VAL A 67 -16.95 -1.10 -5.54
CA VAL A 67 -16.42 -0.94 -6.89
C VAL A 67 -16.86 0.36 -7.52
N ALA A 68 -18.12 0.67 -7.32
CA ALA A 68 -18.72 1.87 -7.87
C ALA A 68 -18.03 3.10 -7.32
N TYR A 69 -17.75 3.13 -6.02
CA TYR A 69 -17.09 4.23 -5.36
C TYR A 69 -15.67 4.34 -5.89
N GLU A 70 -14.88 3.28 -5.84
CA GLU A 70 -13.54 3.28 -6.43
C GLU A 70 -13.58 3.89 -7.85
N ALA A 71 -14.52 3.46 -8.69
CA ALA A 71 -14.61 3.93 -10.07
C ALA A 71 -15.03 5.38 -10.18
N ALA A 72 -16.03 5.79 -9.39
CA ALA A 72 -16.55 7.14 -9.41
C ALA A 72 -15.45 8.04 -8.89
N SER A 73 -14.82 7.76 -7.75
CA SER A 73 -13.68 8.53 -7.24
C SER A 73 -12.58 8.69 -8.30
N MET A 74 -12.15 7.59 -8.94
CA MET A 74 -11.18 7.68 -10.00
C MET A 74 -11.68 8.63 -11.08
N SER A 75 -12.96 8.62 -11.46
CA SER A 75 -13.42 9.56 -12.49
C SER A 75 -13.35 11.03 -12.05
N ILE A 76 -13.82 11.36 -10.83
CA ILE A 76 -13.80 12.72 -10.33
C ILE A 76 -12.37 13.20 -10.20
N ARG A 77 -11.44 12.45 -9.60
CA ARG A 77 -10.05 12.85 -9.50
C ARG A 77 -9.54 13.17 -10.89
N ASP A 78 -9.87 12.41 -11.96
CA ASP A 78 -9.43 12.71 -13.32
C ASP A 78 -9.76 14.11 -13.77
N ASN A 79 -10.98 14.53 -13.46
CA ASN A 79 -11.47 15.86 -13.76
C ASN A 79 -10.64 16.84 -12.96
N LEU A 80 -10.45 16.56 -11.66
CA LEU A 80 -9.71 17.46 -10.78
C LEU A 80 -8.30 17.67 -11.27
N VAL A 81 -7.56 16.62 -11.61
CA VAL A 81 -6.20 16.69 -12.13
C VAL A 81 -6.08 17.66 -13.29
N ILE A 82 -7.03 17.69 -14.24
CA ILE A 82 -6.99 18.64 -15.32
C ILE A 82 -6.94 20.10 -14.81
N ASP A 83 -7.81 20.50 -13.88
CA ASP A 83 -7.72 21.82 -13.29
C ASP A 83 -6.59 21.96 -12.26
N TRP A 84 -6.14 20.92 -11.53
CA TRP A 84 -4.99 21.02 -10.64
C TRP A 84 -3.79 21.39 -11.53
N ASN A 85 -3.59 20.76 -12.69
CA ASN A 85 -2.50 21.11 -13.56
C ASN A 85 -2.62 22.52 -14.07
N LYS A 86 -3.76 22.98 -14.59
CA LYS A 86 -3.92 24.36 -15.05
C LYS A 86 -3.57 25.38 -13.96
N THR A 87 -4.08 25.21 -12.74
CA THR A 87 -3.92 26.15 -11.65
C THR A 87 -2.47 26.29 -11.26
N GLN A 88 -1.79 25.17 -11.09
CA GLN A 88 -0.38 25.15 -10.77
C GLN A 88 0.45 25.83 -11.86
N GLN A 89 0.05 25.71 -13.12
CA GLN A 89 0.77 26.34 -14.19
C GLN A 89 0.44 27.81 -14.14
N LYS A 90 -0.80 28.24 -13.87
CA LYS A 90 -1.13 29.67 -13.79
C LYS A 90 -0.22 30.32 -12.77
N PHE A 91 -0.13 29.80 -11.55
CA PHE A 91 0.71 30.37 -10.52
C PHE A 91 2.16 30.38 -10.96
N THR A 92 2.72 29.33 -11.58
CA THR A 92 4.07 29.36 -12.11
C THR A 92 4.24 30.48 -13.15
N THR A 93 3.32 30.59 -14.09
CA THR A 93 3.37 31.63 -15.10
C THR A 93 3.16 33.00 -14.50
N ARG A 94 2.36 33.16 -13.45
CA ARG A 94 2.08 34.48 -12.93
C ARG A 94 2.88 34.85 -11.70
N ASP A 95 3.66 33.95 -11.14
CA ASP A 95 4.44 34.16 -9.93
C ASP A 95 3.89 35.07 -8.81
N PRO A 96 2.70 34.83 -8.26
CA PRO A 96 2.15 35.66 -7.20
C PRO A 96 2.79 35.31 -5.87
N LYS A 97 2.58 36.10 -4.82
CA LYS A 97 3.07 35.70 -3.51
C LYS A 97 2.19 34.50 -3.12
N ARG A 98 2.78 33.48 -2.50
CA ARG A 98 2.09 32.27 -2.15
C ARG A 98 2.08 32.12 -0.65
N VAL A 99 1.08 31.37 -0.20
CA VAL A 99 0.85 31.12 1.21
C VAL A 99 1.17 29.65 1.45
N TYR A 100 1.90 29.25 2.48
CA TYR A 100 2.14 27.86 2.75
C TYR A 100 1.60 27.76 4.16
N TYR A 101 0.71 26.80 4.34
CA TYR A 101 -0.01 26.64 5.58
C TYR A 101 0.55 25.36 6.18
N LEU A 102 1.38 25.44 7.21
CA LEU A 102 1.92 24.22 7.79
C LEU A 102 1.06 23.81 8.96
N SER A 103 0.52 22.59 8.93
CA SER A 103 -0.30 22.12 10.01
C SER A 103 0.04 20.66 10.23
N LEU A 104 0.08 20.30 11.51
CA LEU A 104 0.38 18.92 11.90
C LEU A 104 -0.80 18.00 11.68
N GLU A 105 -2.00 18.54 11.51
CA GLU A 105 -3.14 17.68 11.27
C GLU A 105 -4.11 18.43 10.39
N PHE A 106 -4.71 17.72 9.45
CA PHE A 106 -5.67 18.27 8.52
C PHE A 106 -6.82 17.26 8.67
N LEU A 107 -7.93 17.67 9.27
CA LEU A 107 -9.04 16.75 9.46
C LEU A 107 -9.87 16.86 8.21
N MET A 108 -9.40 16.16 7.19
CA MET A 108 -10.05 16.23 5.89
C MET A 108 -11.42 15.59 5.81
N GLY A 109 -11.74 14.51 6.55
CA GLY A 109 -13.07 13.92 6.44
C GLY A 109 -13.20 13.06 5.20
N ARG A 110 -14.32 13.06 4.46
CA ARG A 110 -14.44 12.26 3.24
C ARG A 110 -14.54 13.20 2.02
N ALA A 111 -13.69 12.88 1.06
CA ALA A 111 -13.54 13.71 -0.13
C ALA A 111 -14.58 13.65 -1.22
N LEU A 112 -15.17 12.52 -1.61
CA LEU A 112 -16.12 12.47 -2.73
C LEU A 112 -17.26 13.50 -2.74
N ASP A 113 -18.13 13.62 -1.75
CA ASP A 113 -19.28 14.49 -1.96
C ASP A 113 -18.93 15.96 -2.05
N ASN A 114 -17.90 16.31 -1.28
CA ASN A 114 -17.35 17.63 -1.33
C ASN A 114 -16.89 17.91 -2.75
N ALA A 115 -16.28 16.96 -3.46
CA ALA A 115 -15.89 17.17 -4.85
C ALA A 115 -17.10 17.31 -5.75
N LEU A 116 -18.17 16.60 -5.46
CA LEU A 116 -19.38 16.73 -6.27
C LEU A 116 -20.04 18.10 -6.17
N ILE A 117 -20.00 18.70 -4.97
CA ILE A 117 -20.54 20.02 -4.71
C ILE A 117 -19.58 21.05 -5.26
N ASN A 118 -18.26 21.00 -5.03
CA ASN A 118 -17.38 22.02 -5.53
C ASN A 118 -16.98 21.60 -6.93
N MET A 119 -17.94 21.53 -7.85
CA MET A 119 -17.65 21.06 -9.19
C MET A 119 -18.31 22.02 -10.15
N LYS A 120 -17.52 22.79 -10.88
CA LYS A 120 -18.05 23.71 -11.90
C LYS A 120 -18.19 22.98 -13.23
N ILE A 121 -19.22 23.34 -13.99
CA ILE A 121 -19.48 22.79 -15.32
C ILE A 121 -19.50 24.04 -16.20
N PRO A 134 -21.93 19.28 -10.12
CA PRO A 134 -23.26 19.21 -9.55
C PRO A 134 -23.61 17.79 -9.18
N ARG A 135 -23.84 17.72 -7.87
CA ARG A 135 -24.34 16.53 -7.25
C ARG A 135 -25.55 15.95 -7.97
N GLU A 136 -26.50 16.75 -8.47
CA GLU A 136 -27.67 16.16 -9.11
C GLU A 136 -27.36 15.53 -10.45
N MET A 137 -26.42 16.05 -11.25
CA MET A 137 -26.08 15.42 -12.51
C MET A 137 -25.44 14.05 -12.25
N ILE A 138 -24.41 14.00 -11.39
CA ILE A 138 -23.70 12.78 -11.00
C ILE A 138 -24.70 11.81 -10.37
N LYS A 139 -25.53 12.34 -9.48
CA LYS A 139 -26.59 11.60 -8.80
C LYS A 139 -27.43 10.87 -9.82
N GLY A 140 -27.78 11.63 -10.86
CA GLY A 140 -28.60 11.13 -11.94
C GLY A 140 -27.92 10.01 -12.67
N ALA A 141 -26.71 10.34 -13.10
CA ALA A 141 -25.89 9.43 -13.87
C ALA A 141 -25.71 8.11 -13.15
N LEU A 142 -25.49 8.12 -11.85
CA LEU A 142 -25.19 6.92 -11.10
C LEU A 142 -26.42 6.06 -10.95
N ASP A 143 -27.54 6.69 -10.67
CA ASP A 143 -28.82 6.03 -10.53
C ASP A 143 -29.15 5.31 -11.83
N GLU A 144 -28.86 5.89 -13.00
CA GLU A 144 -29.12 5.20 -14.25
C GLU A 144 -28.25 3.97 -14.47
N LEU A 145 -27.08 3.93 -13.84
CA LEU A 145 -26.21 2.79 -13.98
C LEU A 145 -26.49 1.75 -12.93
N GLY A 146 -27.31 2.08 -11.94
CA GLY A 146 -27.69 1.09 -10.96
C GLY A 146 -27.32 1.47 -9.55
N PHE A 147 -26.86 2.71 -9.36
CA PHE A 147 -26.33 3.08 -8.07
C PHE A 147 -26.97 4.23 -7.34
N LYS A 148 -27.17 3.95 -6.06
CA LYS A 148 -27.67 4.95 -5.16
C LYS A 148 -26.44 5.68 -4.67
N LEU A 149 -26.27 6.98 -5.02
CA LEU A 149 -25.17 7.84 -4.59
C LEU A 149 -24.91 7.64 -3.11
N GLU A 150 -25.93 7.79 -2.26
CA GLU A 150 -25.76 7.66 -0.81
C GLU A 150 -25.16 6.33 -0.38
N ASP A 151 -25.47 5.24 -1.09
CA ASP A 151 -24.82 3.97 -0.80
C ASP A 151 -23.36 3.98 -1.25
N VAL A 152 -22.98 4.65 -2.34
CA VAL A 152 -21.58 4.61 -2.73
C VAL A 152 -20.79 5.61 -1.89
N LEU A 153 -21.42 6.66 -1.36
CA LEU A 153 -20.75 7.67 -0.56
C LEU A 153 -20.22 7.05 0.72
N ASP A 154 -21.04 6.16 1.29
CA ASP A 154 -20.64 5.47 2.49
C ASP A 154 -19.45 4.55 2.37
N GLN A 155 -18.96 4.25 1.19
CA GLN A 155 -17.84 3.33 1.11
C GLN A 155 -16.54 4.03 1.47
N GLU A 156 -16.52 5.35 1.64
CA GLU A 156 -15.27 6.06 1.77
C GLU A 156 -14.80 6.18 3.19
N PRO A 157 -13.60 5.76 3.56
CA PRO A 157 -13.05 5.99 4.88
C PRO A 157 -12.66 7.45 5.02
N ASP A 158 -12.96 8.02 6.17
CA ASP A 158 -12.52 9.37 6.48
C ASP A 158 -10.99 9.39 6.55
N ALA A 159 -10.33 10.36 5.92
CA ALA A 159 -8.89 10.44 5.91
C ALA A 159 -8.39 10.59 7.32
N GLY A 160 -7.50 9.68 7.70
CA GLY A 160 -6.92 9.63 9.03
C GLY A 160 -5.72 10.54 9.09
N LEU A 161 -5.95 11.81 8.79
CA LEU A 161 -4.89 12.77 8.67
C LEU A 161 -4.95 13.86 9.73
N GLY A 162 -5.84 13.80 10.70
CA GLY A 162 -5.95 14.83 11.71
C GLY A 162 -6.69 14.26 12.89
N ASN A 163 -7.07 15.09 13.84
CA ASN A 163 -7.83 14.61 14.98
C ASN A 163 -8.85 15.59 15.50
N GLY A 164 -8.46 16.61 16.25
CA GLY A 164 -9.41 17.57 16.79
C GLY A 164 -9.50 18.81 15.93
N GLY A 165 -10.09 19.82 16.57
CA GLY A 165 -10.36 21.11 15.97
C GLY A 165 -9.14 21.76 15.32
N LEU A 166 -7.93 21.59 15.84
CA LEU A 166 -6.75 22.17 15.19
C LEU A 166 -6.64 21.83 13.70
N GLY A 167 -6.91 20.56 13.43
CA GLY A 167 -6.84 19.99 12.10
C GLY A 167 -8.06 20.36 11.31
N ARG A 168 -9.20 20.41 11.97
CA ARG A 168 -10.41 20.78 11.26
C ARG A 168 -10.30 22.25 10.85
N LEU A 169 -9.61 23.11 11.60
CA LEU A 169 -9.45 24.52 11.27
C LEU A 169 -8.57 24.59 10.04
N ALA A 170 -7.51 23.79 9.99
CA ALA A 170 -6.66 23.75 8.80
C ALA A 170 -7.44 23.28 7.58
N ALA A 171 -8.37 22.33 7.76
CA ALA A 171 -9.17 21.78 6.70
C ALA A 171 -10.11 22.83 6.13
N CYS A 172 -10.94 23.48 6.96
CA CYS A 172 -11.86 24.52 6.49
C CYS A 172 -11.13 25.61 5.76
N PHE A 173 -9.99 26.04 6.30
CA PHE A 173 -9.15 27.04 5.67
C PHE A 173 -8.72 26.64 4.27
N VAL A 174 -8.14 25.46 4.11
CA VAL A 174 -7.75 24.95 2.81
C VAL A 174 -8.89 25.07 1.80
N ASP A 175 -10.12 24.76 2.21
CA ASP A 175 -11.26 24.91 1.33
C ASP A 175 -11.49 26.38 0.93
N SER A 176 -11.50 27.29 1.92
CA SER A 176 -11.75 28.70 1.63
C SER A 176 -10.66 29.35 0.80
N MET A 177 -9.39 28.97 0.99
CA MET A 177 -8.33 29.51 0.20
C MET A 177 -8.56 29.11 -1.25
N ALA A 178 -8.95 27.84 -1.49
CA ALA A 178 -9.20 27.37 -2.85
C ALA A 178 -10.39 28.05 -3.46
N THR A 179 -11.45 28.32 -2.70
CA THR A 179 -12.62 29.01 -3.26
C THR A 179 -12.22 30.42 -3.64
N GLU A 180 -11.41 31.06 -2.80
CA GLU A 180 -10.99 32.43 -3.03
C GLU A 180 -9.86 32.60 -4.04
N GLY A 181 -9.37 31.55 -4.68
CA GLY A 181 -8.26 31.65 -5.61
C GLY A 181 -7.02 32.24 -4.95
N ILE A 182 -6.77 31.98 -3.67
CA ILE A 182 -5.60 32.48 -2.95
C ILE A 182 -4.53 31.44 -3.30
N PRO A 183 -3.30 31.74 -3.73
CA PRO A 183 -2.32 30.72 -4.04
C PRO A 183 -1.73 30.06 -2.79
N ALA A 184 -2.46 29.11 -2.22
CA ALA A 184 -1.98 28.41 -1.04
C ALA A 184 -1.88 26.89 -1.17
N TRP A 185 -0.85 26.37 -0.49
CA TRP A 185 -0.55 24.97 -0.40
C TRP A 185 -0.50 24.64 1.07
N GLY A 186 -0.98 23.45 1.45
CA GLY A 186 -0.86 23.00 2.82
C GLY A 186 0.20 21.90 2.87
N TYR A 187 1.07 21.80 3.87
CA TYR A 187 2.02 20.72 3.94
C TYR A 187 1.74 19.98 5.22
N GLY A 188 1.81 18.66 5.23
CA GLY A 188 1.55 17.86 6.43
C GLY A 188 2.16 16.47 6.33
N LEU A 189 1.64 15.49 7.09
CA LEU A 189 2.18 14.14 7.08
C LEU A 189 1.11 13.15 6.67
N ARG A 190 1.45 12.04 6.04
CA ARG A 190 0.47 11.11 5.57
C ARG A 190 0.52 10.00 6.59
N TYR A 191 -0.28 10.08 7.64
CA TYR A 191 -0.29 9.06 8.67
C TYR A 191 -0.84 7.75 8.11
N GLU A 192 -0.16 6.61 8.24
CA GLU A 192 -0.75 5.35 7.76
C GLU A 192 -1.95 4.91 8.57
N TYR A 193 -1.86 5.10 9.88
CA TYR A 193 -2.86 4.56 10.74
C TYR A 193 -3.69 5.54 11.52
N GLY A 194 -3.73 6.83 11.16
CA GLY A 194 -4.57 7.79 11.88
C GLY A 194 -3.99 8.08 13.26
N ILE A 195 -4.83 8.50 14.20
CA ILE A 195 -4.35 8.72 15.56
C ILE A 195 -4.58 7.35 16.20
N PHE A 196 -5.78 6.82 16.01
CA PHE A 196 -6.27 5.51 16.39
C PHE A 196 -7.75 5.55 16.07
N ALA A 197 -8.48 4.47 16.29
CA ALA A 197 -9.89 4.40 16.03
C ALA A 197 -10.50 3.76 17.28
N GLN A 198 -11.70 4.20 17.61
CA GLN A 198 -12.34 3.85 18.86
C GLN A 198 -13.45 2.81 18.71
N LYS A 199 -13.37 1.76 19.53
CA LYS A 199 -14.46 0.82 19.61
C LYS A 199 -14.89 0.91 21.05
N ILE A 200 -16.18 0.92 21.38
CA ILE A 200 -16.57 0.86 22.77
C ILE A 200 -16.85 -0.61 23.08
N ILE A 201 -15.92 -1.30 23.73
CA ILE A 201 -16.05 -2.70 24.07
C ILE A 201 -16.36 -2.74 25.53
N ASP A 202 -17.57 -3.24 25.78
CA ASP A 202 -18.09 -3.42 27.13
C ASP A 202 -18.20 -2.13 27.93
N GLY A 203 -18.55 -1.06 27.21
CA GLY A 203 -18.73 0.25 27.82
C GLY A 203 -17.43 1.02 27.99
N TYR A 204 -16.33 0.42 27.58
CA TYR A 204 -15.02 1.01 27.65
C TYR A 204 -14.54 1.35 26.25
N GLN A 205 -13.64 2.31 26.11
CA GLN A 205 -13.08 2.66 24.82
C GLN A 205 -11.93 1.70 24.60
N VAL A 206 -11.79 1.09 23.45
CA VAL A 206 -10.61 0.31 23.18
C VAL A 206 -10.09 0.98 21.91
N GLU A 207 -8.79 1.19 21.88
CA GLU A 207 -8.11 1.86 20.77
C GLU A 207 -7.78 0.81 19.75
N THR A 208 -7.90 1.13 18.47
CA THR A 208 -7.66 0.22 17.34
C THR A 208 -6.86 0.95 16.26
N PRO A 209 -6.12 0.37 15.31
CA PRO A 209 -5.52 1.11 14.22
C PRO A 209 -6.62 1.61 13.29
N ASP A 210 -6.54 2.89 12.94
CA ASP A 210 -7.43 3.49 11.97
C ASP A 210 -6.86 3.17 10.60
N TYR A 211 -7.24 2.02 10.06
CA TYR A 211 -6.85 1.51 8.76
C TYR A 211 -7.50 2.22 7.57
N TRP A 212 -7.39 3.54 7.41
CA TRP A 212 -8.05 4.20 6.29
C TRP A 212 -7.42 3.94 4.93
N LEU A 213 -6.20 3.41 4.77
CA LEU A 213 -5.63 3.15 3.44
C LEU A 213 -5.71 1.69 3.00
N ASN A 214 -6.61 0.91 3.60
CA ASN A 214 -6.66 -0.51 3.31
C ASN A 214 -6.93 -0.88 1.88
N SER A 215 -7.63 -0.04 1.13
CA SER A 215 -7.91 -0.36 -0.25
C SER A 215 -7.42 0.85 -1.00
N GLY A 216 -6.15 1.15 -0.74
CA GLY A 216 -5.50 2.27 -1.38
C GLY A 216 -6.20 3.56 -1.03
N ASN A 217 -6.17 4.53 -1.93
CA ASN A 217 -6.77 5.83 -1.72
C ASN A 217 -6.98 6.48 -3.07
N PRO A 218 -8.19 6.59 -3.63
CA PRO A 218 -8.34 7.01 -5.00
C PRO A 218 -8.14 8.49 -5.14
N TRP A 219 -7.96 9.29 -4.10
CA TRP A 219 -7.81 10.73 -4.29
C TRP A 219 -6.38 11.27 -4.36
N GLU A 220 -5.32 10.52 -4.03
CA GLU A 220 -3.98 11.09 -4.00
C GLU A 220 -3.31 11.04 -5.35
N ILE A 221 -2.22 11.80 -5.48
CA ILE A 221 -1.33 11.61 -6.59
C ILE A 221 -0.06 11.22 -5.81
N GLU A 222 0.48 10.00 -5.94
CA GLU A 222 1.72 9.62 -5.28
C GLU A 222 2.84 10.21 -6.14
N ARG A 223 3.66 11.18 -5.68
CA ARG A 223 4.69 11.75 -6.56
C ARG A 223 6.01 11.05 -6.23
N ASN A 224 6.18 9.83 -6.71
CA ASN A 224 7.41 9.08 -6.49
C ASN A 224 8.70 9.79 -6.93
N GLU A 225 8.52 10.82 -7.76
CA GLU A 225 9.53 11.71 -8.29
C GLU A 225 10.08 12.65 -7.23
N VAL A 226 9.26 13.17 -6.32
CA VAL A 226 9.69 14.12 -5.31
C VAL A 226 10.14 13.31 -4.11
N GLN A 227 11.43 13.10 -3.94
CA GLN A 227 12.01 12.44 -2.75
C GLN A 227 13.03 13.33 -2.04
N ILE A 228 12.72 14.00 -0.93
CA ILE A 228 13.64 14.88 -0.19
C ILE A 228 14.44 14.03 0.80
N PRO A 229 15.77 14.01 0.94
CA PRO A 229 16.50 13.46 2.12
C PRO A 229 16.40 14.34 3.37
N VAL A 230 16.32 13.74 4.56
CA VAL A 230 16.13 14.45 5.82
C VAL A 230 17.11 13.77 6.75
N THR A 231 17.78 14.50 7.64
CA THR A 231 18.89 13.98 8.40
C THR A 231 18.70 14.11 9.91
N PHE A 232 19.17 13.12 10.65
CA PHE A 232 19.04 13.22 12.09
C PHE A 232 20.38 12.87 12.70
N TYR A 233 20.58 13.38 13.90
CA TYR A 233 21.76 13.17 14.74
C TYR A 233 22.95 13.79 14.03
N GLY A 234 24.14 13.30 14.31
CA GLY A 234 25.32 13.77 13.62
C GLY A 234 26.08 14.81 14.41
N TYR A 235 26.95 15.51 13.72
CA TYR A 235 27.74 16.52 14.36
C TYR A 235 27.93 17.67 13.41
N VAL A 236 28.23 18.81 14.01
CA VAL A 236 28.52 19.99 13.23
C VAL A 236 30.03 20.01 13.36
N ASP A 237 30.62 20.39 12.25
CA ASP A 237 32.04 20.54 12.12
C ASP A 237 32.08 21.90 11.44
N ARG A 238 32.92 22.75 11.95
CA ARG A 238 33.12 24.04 11.32
C ARG A 238 34.35 23.87 10.43
N PRO A 239 35.65 23.93 10.85
CA PRO A 239 36.35 22.88 11.61
C PRO A 239 35.72 22.48 12.95
N THR A 244 32.76 29.78 16.01
CA THR A 244 31.60 30.62 16.18
C THR A 244 30.47 30.27 15.22
N THR A 245 29.42 29.78 15.85
CA THR A 245 28.16 29.38 15.26
C THR A 245 27.67 30.19 14.07
N LEU A 246 27.87 31.52 14.11
CA LEU A 246 27.37 32.42 13.09
C LEU A 246 27.78 32.05 11.67
N SER A 247 28.81 31.23 11.52
CA SER A 247 29.38 30.98 10.22
C SER A 247 28.80 29.76 9.55
N ALA A 248 28.92 29.72 8.22
CA ALA A 248 28.48 28.56 7.47
C ALA A 248 29.23 27.35 8.02
N SER A 249 28.45 26.46 8.58
CA SER A 249 28.96 25.27 9.23
C SER A 249 28.50 24.03 8.49
N GLN A 250 29.13 22.88 8.71
CA GLN A 250 28.72 21.67 8.03
C GLN A 250 28.15 20.69 9.03
N TRP A 251 26.91 20.28 8.76
CA TRP A 251 26.26 19.26 9.57
C TRP A 251 26.54 17.95 8.85
N ILE A 252 27.34 17.12 9.50
CA ILE A 252 27.62 15.78 9.01
C ILE A 252 26.72 14.97 9.93
N GLY A 253 25.50 14.73 9.45
CA GLY A 253 24.48 14.01 10.22
C GLY A 253 24.72 12.51 10.33
N GLY A 254 23.91 11.82 11.13
CA GLY A 254 24.12 10.40 11.31
C GLY A 254 23.03 9.51 10.74
N GLU A 255 21.85 9.96 10.34
CA GLU A 255 20.82 9.09 9.79
C GLU A 255 20.16 9.90 8.70
N ARG A 256 19.66 9.26 7.65
CA ARG A 256 18.98 9.99 6.59
C ARG A 256 17.78 9.16 6.24
N VAL A 257 16.64 9.80 6.10
CA VAL A 257 15.41 9.12 5.73
C VAL A 257 14.95 9.83 4.48
N LEU A 258 13.90 9.36 3.81
CA LEU A 258 13.46 10.03 2.61
C LEU A 258 12.04 10.46 2.76
N ALA A 259 11.70 11.63 2.23
CA ALA A 259 10.35 12.15 2.32
C ALA A 259 9.82 12.05 0.90
N VAL A 260 8.76 11.29 0.66
CA VAL A 260 8.19 11.16 -0.65
C VAL A 260 6.85 11.88 -0.53
N ALA A 261 6.55 12.77 -1.47
CA ALA A 261 5.32 13.53 -1.48
C ALA A 261 4.14 12.79 -2.08
N TYR A 262 2.94 13.12 -1.56
CA TYR A 262 1.66 12.65 -2.05
C TYR A 262 0.79 13.91 -2.16
N ASP A 263 0.27 14.16 -3.34
CA ASP A 263 -0.57 15.30 -3.61
C ASP A 263 -2.06 15.04 -3.57
N PHE A 264 -2.75 15.87 -2.81
CA PHE A 264 -4.17 15.77 -2.67
C PHE A 264 -4.70 17.04 -3.34
N PRO A 265 -5.49 17.00 -4.41
CA PRO A 265 -6.09 18.18 -5.02
C PRO A 265 -7.17 18.79 -4.13
N VAL A 266 -7.40 20.11 -4.08
CA VAL A 266 -8.39 20.73 -3.20
C VAL A 266 -9.27 21.68 -4.03
N PRO A 267 -10.54 21.35 -4.29
CA PRO A 267 -11.47 22.18 -5.03
C PRO A 267 -11.98 23.30 -4.16
N GLY A 268 -12.44 24.34 -4.89
CA GLY A 268 -13.03 25.57 -4.36
C GLY A 268 -14.45 25.69 -4.89
N PHE A 269 -15.41 26.36 -4.25
CA PHE A 269 -16.79 26.44 -4.72
C PHE A 269 -16.89 27.45 -5.86
N LYS A 270 -17.36 26.95 -7.00
CA LYS A 270 -17.53 27.73 -8.22
C LYS A 270 -16.25 28.19 -8.92
N THR A 271 -15.07 27.91 -8.41
CA THR A 271 -13.84 28.26 -9.08
C THR A 271 -13.48 27.04 -9.90
N SER A 272 -12.50 27.17 -10.79
CA SER A 272 -11.93 25.98 -11.36
C SER A 272 -10.48 25.94 -10.87
N ASN A 273 -10.24 26.63 -9.75
CA ASN A 273 -8.92 26.82 -9.20
C ASN A 273 -8.88 25.63 -8.26
N VAL A 274 -7.87 24.78 -8.42
CA VAL A 274 -7.72 23.64 -7.55
C VAL A 274 -6.34 23.78 -6.98
N ASN A 275 -6.33 23.89 -5.67
CA ASN A 275 -5.11 24.05 -4.93
C ASN A 275 -4.62 22.74 -4.38
N ASN A 276 -3.51 22.68 -3.66
CA ASN A 276 -2.92 21.41 -3.32
C ASN A 276 -2.52 21.24 -1.86
N LEU A 277 -2.64 19.99 -1.42
CA LEU A 277 -2.23 19.60 -0.09
C LEU A 277 -1.11 18.64 -0.40
N ARG A 278 0.08 18.83 0.17
CA ARG A 278 1.17 17.93 -0.09
C ARG A 278 1.54 17.31 1.24
N LEU A 279 1.44 15.99 1.29
CA LEU A 279 1.66 15.26 2.52
C LEU A 279 2.93 14.44 2.30
N TRP A 280 3.71 14.15 3.34
CA TRP A 280 4.93 13.40 3.20
C TRP A 280 4.79 12.05 3.85
N GLN A 281 5.38 11.02 3.26
CA GLN A 281 5.48 9.67 3.82
C GLN A 281 6.95 9.43 4.06
N ALA A 282 7.38 8.83 5.17
CA ALA A 282 8.81 8.63 5.38
C ALA A 282 9.23 7.31 4.81
N ARG A 283 10.35 7.21 4.10
CA ARG A 283 10.82 5.95 3.51
C ARG A 283 12.28 5.78 3.90
N PRO A 284 12.83 4.56 4.04
CA PRO A 284 14.22 4.28 4.32
C PRO A 284 15.13 4.59 3.14
N THR A 285 16.42 4.83 3.38
CA THR A 285 17.31 5.09 2.26
C THR A 285 17.61 3.73 1.68
N THR A 286 17.55 2.67 2.48
CA THR A 286 17.78 1.33 2.01
C THR A 286 16.62 0.48 2.43
N GLU A 287 15.84 0.07 1.45
CA GLU A 287 14.64 -0.73 1.69
C GLU A 287 14.92 -2.11 2.24
N PHE A 288 15.68 -2.88 1.46
CA PHE A 288 16.02 -4.25 1.83
C PHE A 288 17.55 -4.42 1.88
N ASP A 289 18.05 -5.14 2.85
CA ASP A 289 19.46 -5.42 2.93
C ASP A 289 19.67 -6.91 2.66
N LEU A 290 20.03 -7.32 1.43
CA LEU A 290 20.22 -8.74 1.08
C LEU A 290 21.32 -9.38 1.88
N ASN A 291 22.45 -8.73 2.23
CA ASN A 291 23.54 -9.36 3.00
C ASN A 291 22.98 -10.05 4.26
N LYS A 292 22.18 -9.24 4.98
CA LYS A 292 21.57 -9.59 6.25
C LYS A 292 20.63 -10.76 6.09
N PHE A 293 19.77 -10.65 5.08
CA PHE A 293 18.76 -11.68 4.84
C PHE A 293 19.42 -12.99 4.50
N ASN A 294 20.44 -12.97 3.67
CA ASN A 294 21.14 -14.14 3.25
C ASN A 294 21.90 -14.83 4.37
N ASN A 295 22.34 -14.05 5.34
CA ASN A 295 22.94 -14.63 6.52
C ASN A 295 21.89 -15.05 7.52
N GLY A 296 20.62 -15.04 7.17
CA GLY A 296 19.61 -15.49 8.10
C GLY A 296 19.27 -14.43 9.11
N ASP A 297 19.79 -13.21 9.04
CA ASP A 297 19.37 -12.20 10.01
C ASP A 297 18.21 -11.41 9.42
N TYR A 298 17.10 -12.14 9.24
CA TYR A 298 15.91 -11.61 8.58
C TYR A 298 15.37 -10.35 9.20
N LYS A 299 15.26 -10.36 10.54
CA LYS A 299 14.74 -9.23 11.31
C LYS A 299 15.50 -7.96 11.00
N ASN A 300 16.82 -8.06 11.00
CA ASN A 300 17.58 -6.88 10.71
C ASN A 300 17.62 -6.57 9.26
N SER A 301 17.41 -7.47 8.31
CA SER A 301 17.52 -7.07 6.91
C SER A 301 16.48 -6.08 6.49
N VAL A 302 15.39 -6.02 7.28
CA VAL A 302 14.33 -5.10 7.02
C VAL A 302 14.25 -3.98 8.07
N ALA A 303 15.17 -3.96 9.04
CA ALA A 303 15.23 -2.98 10.12
C ALA A 303 15.18 -1.49 9.79
N GLN A 304 15.91 -1.08 8.75
CA GLN A 304 15.99 0.31 8.33
C GLN A 304 14.58 0.78 7.99
N GLN A 305 13.91 0.00 7.16
CA GLN A 305 12.53 0.20 6.73
C GLN A 305 11.65 0.45 7.92
N GLN A 306 11.77 -0.41 8.93
CA GLN A 306 11.00 -0.27 10.15
C GLN A 306 11.24 1.08 10.79
N ARG A 307 12.49 1.49 11.10
CA ARG A 307 12.75 2.79 11.72
C ARG A 307 12.13 3.91 10.92
N ALA A 308 12.46 4.04 9.63
CA ALA A 308 11.90 5.06 8.76
C ALA A 308 10.38 5.25 8.88
N GLU A 309 9.66 4.15 8.71
CA GLU A 309 8.23 4.17 8.76
C GLU A 309 7.61 4.57 10.11
N SER A 310 8.35 4.58 11.22
CA SER A 310 7.81 5.04 12.49
C SER A 310 7.37 6.50 12.36
N ILE A 311 8.16 7.30 11.66
CA ILE A 311 7.90 8.73 11.52
C ILE A 311 6.54 9.04 10.90
N THR A 312 5.98 8.30 9.96
CA THR A 312 4.63 8.63 9.53
C THR A 312 3.63 7.54 9.85
N ALA A 313 3.95 6.62 10.76
CA ALA A 313 2.98 5.60 11.12
C ALA A 313 1.75 6.10 11.86
N VAL A 314 1.87 6.94 12.90
CA VAL A 314 0.75 7.30 13.78
C VAL A 314 0.81 8.78 14.19
N LEU A 315 -0.35 9.41 14.26
CA LEU A 315 -0.45 10.81 14.66
C LEU A 315 -0.36 10.97 16.18
N TYR A 316 0.27 12.06 16.66
CA TYR A 316 0.51 12.31 18.08
C TYR A 316 1.08 11.10 18.82
N PRO A 317 2.25 10.55 18.45
CA PRO A 317 2.80 9.38 19.12
C PRO A 317 3.00 9.62 20.59
N ASN A 318 2.73 8.60 21.41
CA ASN A 318 2.86 8.72 22.85
C ASN A 318 4.23 9.15 23.33
N ASP A 319 4.29 10.43 23.68
CA ASP A 319 5.49 11.07 24.16
C ASP A 319 5.67 11.03 25.67
N ASN A 320 4.88 10.27 26.41
CA ASN A 320 5.00 10.18 27.86
C ASN A 320 6.23 9.37 28.29
N PHE A 321 7.32 9.34 27.54
CA PHE A 321 8.57 8.66 27.84
C PHE A 321 9.55 9.11 26.77
N ALA A 322 10.84 9.05 27.06
CA ALA A 322 11.90 9.54 26.18
C ALA A 322 11.79 9.20 24.71
N GLN A 323 11.46 7.94 24.40
CA GLN A 323 11.37 7.46 23.02
C GLN A 323 10.30 8.18 22.22
N GLY A 324 9.22 8.55 22.90
CA GLY A 324 8.13 9.25 22.27
C GLY A 324 8.48 10.71 22.16
N LYS A 325 9.12 11.31 23.16
CA LYS A 325 9.56 12.70 23.11
C LYS A 325 10.42 12.86 21.89
N GLU A 326 11.32 11.90 21.71
CA GLU A 326 12.21 11.85 20.58
C GLU A 326 11.51 11.70 19.25
N LEU A 327 10.56 10.76 19.15
CA LEU A 327 9.85 10.52 17.91
C LEU A 327 8.98 11.70 17.54
N ARG A 328 8.34 12.37 18.50
CA ARG A 328 7.54 13.56 18.22
C ARG A 328 8.46 14.62 17.66
N LEU A 329 9.64 14.86 18.24
CA LEU A 329 10.52 15.87 17.70
C LEU A 329 11.01 15.46 16.31
N LYS A 330 11.34 14.18 16.15
CA LYS A 330 11.85 13.58 14.92
C LYS A 330 10.86 13.77 13.77
N GLN A 331 9.59 13.53 14.06
CA GLN A 331 8.49 13.71 13.14
C GLN A 331 8.30 15.18 12.77
N GLN A 332 8.28 16.10 13.75
CA GLN A 332 8.12 17.53 13.53
C GLN A 332 9.30 18.09 12.74
N TYR A 333 10.51 17.56 12.94
CA TYR A 333 11.61 18.01 12.11
C TYR A 333 11.37 17.49 10.70
N PHE A 334 11.21 16.19 10.43
CA PHE A 334 10.97 15.61 9.09
C PHE A 334 9.97 16.41 8.22
N TRP A 335 8.81 16.74 8.75
CA TRP A 335 7.83 17.51 8.02
C TRP A 335 8.30 18.93 7.82
N CYS A 336 8.89 19.62 8.81
CA CYS A 336 9.38 20.98 8.60
C CYS A 336 10.50 21.10 7.56
N ALA A 337 11.40 20.14 7.61
CA ALA A 337 12.54 20.01 6.75
C ALA A 337 12.17 19.83 5.27
N ALA A 338 11.41 18.76 4.97
CA ALA A 338 10.97 18.42 3.64
C ALA A 338 10.11 19.52 3.03
N SER A 339 9.14 20.02 3.79
CA SER A 339 8.29 21.11 3.35
C SER A 339 9.09 22.38 3.07
N LEU A 340 10.02 22.81 3.93
CA LEU A 340 10.80 24.00 3.63
C LEU A 340 11.63 23.77 2.39
N HIS A 341 12.20 22.56 2.23
CA HIS A 341 12.97 22.23 1.06
C HIS A 341 12.18 22.42 -0.22
N ASP A 342 10.95 21.91 -0.21
CA ASP A 342 10.10 21.99 -1.38
C ASP A 342 9.72 23.46 -1.60
N ILE A 343 9.51 24.24 -0.53
CA ILE A 343 9.18 25.66 -0.60
C ILE A 343 10.38 26.44 -1.14
N LEU A 344 11.65 26.17 -0.83
CA LEU A 344 12.74 26.91 -1.44
C LEU A 344 13.06 26.43 -2.87
N ARG A 345 12.81 25.14 -3.21
CA ARG A 345 13.12 24.65 -4.55
C ARG A 345 12.30 25.39 -5.58
N ARG A 346 11.00 25.46 -5.31
CA ARG A 346 10.06 26.16 -6.15
C ARG A 346 10.51 27.62 -6.30
N PHE A 347 11.01 28.25 -5.21
CA PHE A 347 11.46 29.65 -5.23
C PHE A 347 12.64 29.83 -6.16
N LYS A 348 13.58 28.88 -6.17
CA LYS A 348 14.72 29.08 -7.03
C LYS A 348 14.34 28.90 -8.49
N LYS A 349 13.23 28.30 -8.91
CA LYS A 349 12.86 28.36 -10.32
C LYS A 349 12.58 29.81 -10.69
N SER A 350 12.21 30.67 -9.75
CA SER A 350 11.92 32.07 -10.07
C SER A 350 13.19 32.79 -10.50
N LYS A 351 14.33 32.30 -10.03
CA LYS A 351 15.65 32.89 -10.25
C LYS A 351 15.68 34.31 -9.64
N ARG A 352 14.78 34.53 -8.68
CA ARG A 352 14.67 35.81 -7.99
C ARG A 352 15.71 35.85 -6.88
N PRO A 353 16.21 37.03 -6.51
CA PRO A 353 17.20 37.19 -5.46
C PRO A 353 16.65 36.78 -4.10
N TRP A 354 17.41 36.16 -3.20
CA TRP A 354 16.95 35.85 -1.86
C TRP A 354 16.33 37.02 -1.14
N THR A 355 16.73 38.26 -1.39
CA THR A 355 16.13 39.40 -0.72
C THR A 355 14.66 39.60 -1.05
N GLU A 356 14.14 38.94 -2.09
CA GLU A 356 12.72 39.02 -2.40
C GLU A 356 11.89 37.88 -1.84
N PHE A 357 12.52 36.89 -1.17
CA PHE A 357 11.80 35.79 -0.56
C PHE A 357 10.62 36.30 0.28
N PRO A 358 10.68 37.24 1.24
CA PRO A 358 9.51 37.71 1.99
C PRO A 358 8.44 38.29 1.08
N ASP A 359 8.79 38.82 -0.07
CA ASP A 359 7.78 39.39 -0.95
C ASP A 359 7.04 38.28 -1.70
N GLN A 360 7.61 37.08 -1.76
CA GLN A 360 6.99 35.98 -2.46
C GLN A 360 6.49 34.84 -1.59
N VAL A 361 6.97 34.57 -0.38
CA VAL A 361 6.50 33.42 0.36
C VAL A 361 5.88 33.87 1.67
N ALA A 362 4.69 33.39 2.06
CA ALA A 362 4.11 33.67 3.37
C ALA A 362 3.97 32.32 4.06
N ILE A 363 4.56 31.95 5.19
CA ILE A 363 4.37 30.63 5.77
C ILE A 363 3.65 30.81 7.10
N GLN A 364 2.51 30.15 7.28
CA GLN A 364 1.74 30.28 8.50
C GLN A 364 1.98 29.11 9.45
N LEU A 365 2.32 29.35 10.70
CA LEU A 365 2.58 28.27 11.60
C LEU A 365 1.27 28.06 12.31
N ASN A 366 0.57 26.99 11.97
CA ASN A 366 -0.66 26.72 12.68
C ASN A 366 -0.27 26.04 13.98
N ASP A 367 -0.15 26.85 15.03
CA ASP A 367 0.27 26.47 16.37
C ASP A 367 1.78 26.23 16.46
N THR A 368 2.37 25.85 17.58
CA THR A 368 3.82 25.68 17.71
C THR A 368 4.54 24.52 17.03
N HIS A 369 3.84 23.43 16.76
CA HIS A 369 4.40 22.27 16.08
C HIS A 369 5.31 22.59 14.88
N PRO A 370 5.14 23.54 13.95
CA PRO A 370 6.13 23.78 12.92
C PRO A 370 7.15 24.87 13.23
N THR A 371 7.43 25.23 14.50
CA THR A 371 8.39 26.28 14.77
C THR A 371 9.79 25.92 14.28
N LEU A 372 10.18 24.64 14.21
CA LEU A 372 11.48 24.26 13.64
C LEU A 372 11.68 24.76 12.21
N ALA A 373 10.62 25.04 11.44
CA ALA A 373 10.74 25.62 10.11
C ALA A 373 11.50 26.94 10.13
N ILE A 374 11.37 27.75 11.19
CA ILE A 374 12.09 29.03 11.37
C ILE A 374 13.60 28.76 11.41
N VAL A 375 13.99 27.91 12.36
CA VAL A 375 15.37 27.55 12.60
C VAL A 375 16.00 26.88 11.39
N GLU A 376 15.21 26.11 10.65
CA GLU A 376 15.64 25.45 9.43
C GLU A 376 15.84 26.45 8.29
N LEU A 377 14.96 27.45 8.04
CA LEU A 377 15.19 28.39 6.97
C LEU A 377 16.46 29.14 7.32
N GLN A 378 16.67 29.54 8.57
CA GLN A 378 17.92 30.19 8.94
C GLN A 378 19.11 29.28 8.67
N ARG A 379 19.02 27.99 9.07
CA ARG A 379 20.06 27.03 8.79
C ARG A 379 20.37 26.92 7.30
N VAL A 380 19.41 26.80 6.38
CA VAL A 380 19.80 26.59 5.00
C VAL A 380 20.33 27.90 4.43
N LEU A 381 19.77 29.07 4.75
CA LEU A 381 20.27 30.31 4.18
C LEU A 381 21.68 30.59 4.65
N VAL A 382 22.03 30.32 5.89
CA VAL A 382 23.38 30.51 6.34
C VAL A 382 24.25 29.35 5.89
N ASP A 383 24.03 28.08 6.24
CA ASP A 383 24.96 27.03 5.86
C ASP A 383 25.07 26.63 4.40
N LEU A 384 23.98 26.56 3.67
CA LEU A 384 24.04 26.10 2.29
C LEU A 384 24.10 27.29 1.36
N GLU A 385 23.16 28.22 1.52
CA GLU A 385 23.08 29.38 0.66
C GLU A 385 24.09 30.50 0.96
N LYS A 386 24.82 30.42 2.07
CA LYS A 386 25.89 31.34 2.42
C LYS A 386 25.51 32.82 2.59
N LEU A 387 24.33 33.13 3.15
CA LEU A 387 24.02 34.53 3.36
C LEU A 387 24.64 34.95 4.69
N ASP A 388 24.64 36.25 4.95
CA ASP A 388 25.12 36.73 6.22
C ASP A 388 24.09 36.31 7.24
N TRP A 389 24.53 35.97 8.46
CA TRP A 389 23.62 35.58 9.52
C TRP A 389 22.56 36.64 9.70
N HIS A 390 22.95 37.90 9.70
CA HIS A 390 21.95 38.91 9.90
C HIS A 390 21.06 39.17 8.71
N GLU A 391 21.50 38.93 7.47
CA GLU A 391 20.64 39.21 6.33
C GLU A 391 19.59 38.11 6.23
N ALA A 392 20.02 36.87 6.47
CA ALA A 392 19.19 35.68 6.48
C ALA A 392 18.09 35.80 7.53
N TRP A 393 18.48 36.16 8.75
CA TRP A 393 17.53 36.33 9.83
C TRP A 393 16.44 37.36 9.52
N ASP A 394 16.78 38.41 8.79
CA ASP A 394 15.78 39.37 8.41
C ASP A 394 14.75 38.75 7.49
N ILE A 395 15.19 37.84 6.59
CA ILE A 395 14.27 37.17 5.68
C ILE A 395 13.35 36.24 6.49
N VAL A 396 13.90 35.41 7.37
CA VAL A 396 13.13 34.52 8.21
C VAL A 396 11.99 35.28 8.90
N THR A 397 12.37 36.37 9.56
CA THR A 397 11.48 37.21 10.32
C THR A 397 10.29 37.71 9.51
N LYS A 398 10.58 38.21 8.33
CA LYS A 398 9.52 38.70 7.48
C LYS A 398 8.74 37.58 6.81
N THR A 399 9.18 36.32 6.82
CA THR A 399 8.46 35.23 6.16
C THR A 399 7.44 34.58 7.07
N PHE A 400 7.62 34.48 8.37
CA PHE A 400 6.69 33.74 9.22
C PHE A 400 5.64 34.53 9.98
N ALA A 401 4.55 33.83 10.31
CA ALA A 401 3.53 34.33 11.21
C ALA A 401 3.03 33.11 11.97
N TYR A 402 2.65 33.30 13.24
CA TYR A 402 2.26 32.23 14.15
C TYR A 402 0.82 32.36 14.64
N THR A 403 -0.06 31.37 14.48
CA THR A 403 -1.37 31.47 15.10
C THR A 403 -1.22 30.71 16.40
N ASN A 404 -1.71 31.26 17.51
CA ASN A 404 -1.60 30.66 18.82
C ASN A 404 -2.99 30.24 19.27
N HIS A 405 -3.09 29.00 19.75
CA HIS A 405 -4.36 28.43 20.13
C HIS A 405 -4.41 28.14 21.63
N THR A 406 -3.35 28.45 22.39
CA THR A 406 -3.26 28.05 23.79
C THR A 406 -3.68 29.13 24.76
N VAL A 407 -4.41 28.75 25.80
CA VAL A 407 -4.75 29.66 26.87
C VAL A 407 -3.68 29.49 27.94
N MET A 408 -3.87 28.45 28.76
CA MET A 408 -3.00 28.15 29.89
C MET A 408 -1.59 27.86 29.47
N GLN A 409 -0.67 28.67 30.02
CA GLN A 409 0.76 28.57 29.78
C GLN A 409 1.38 27.19 29.83
N GLU A 410 0.84 26.33 30.70
CA GLU A 410 1.33 24.97 30.86
C GLU A 410 1.27 24.16 29.55
N ALA A 411 0.30 24.42 28.69
CA ALA A 411 0.18 23.70 27.46
C ALA A 411 1.15 24.22 26.42
N LEU A 412 2.08 25.16 26.69
CA LEU A 412 3.00 25.66 25.67
C LEU A 412 4.15 24.67 25.53
N GLU A 413 4.53 24.36 24.29
CA GLU A 413 5.55 23.35 23.97
C GLU A 413 6.99 23.74 24.27
N LYS A 414 7.70 22.88 24.98
CA LYS A 414 9.10 23.11 25.28
C LYS A 414 9.85 21.82 24.94
N TRP A 415 11.12 21.85 24.57
CA TRP A 415 11.91 20.64 24.37
C TRP A 415 13.15 20.73 25.26
N PRO A 416 13.67 19.67 25.87
CA PRO A 416 14.86 19.73 26.72
C PRO A 416 16.15 19.80 25.92
N ARG A 417 17.18 20.53 26.34
CA ARG A 417 18.36 20.73 25.52
C ARG A 417 19.15 19.49 25.17
N ARG A 418 19.28 18.54 26.08
CA ARG A 418 20.02 17.31 25.80
C ARG A 418 19.49 16.58 24.56
N LEU A 419 18.19 16.25 24.62
CA LEU A 419 17.45 15.59 23.56
C LEU A 419 17.49 16.38 22.25
N PHE A 420 17.13 17.66 22.33
CA PHE A 420 17.08 18.48 21.14
C PHE A 420 18.45 18.52 20.51
N GLY A 421 19.47 18.74 21.34
CA GLY A 421 20.83 18.89 20.87
C GLY A 421 21.33 17.66 20.15
N HIS A 422 21.04 16.51 20.74
CA HIS A 422 21.49 15.23 20.26
C HIS A 422 20.91 14.86 18.91
N LEU A 423 19.66 15.23 18.76
CA LEU A 423 18.91 14.89 17.57
C LEU A 423 19.15 15.92 16.50
N LEU A 424 19.33 17.19 16.91
CA LEU A 424 19.47 18.28 16.00
C LEU A 424 20.63 19.21 16.42
N PRO A 425 21.92 18.84 16.29
CA PRO A 425 23.05 19.62 16.78
C PRO A 425 23.20 21.05 16.23
N ARG A 426 23.10 21.25 14.92
CA ARG A 426 23.22 22.59 14.34
C ARG A 426 22.03 23.48 14.67
N HIS A 427 20.83 22.92 14.75
CA HIS A 427 19.63 23.71 15.02
C HIS A 427 19.69 24.15 16.47
N LEU A 428 20.34 23.43 17.39
CA LEU A 428 20.58 23.97 18.73
C LEU A 428 21.52 25.17 18.68
N GLU A 429 22.58 25.12 17.87
CA GLU A 429 23.53 26.20 17.75
C GLU A 429 22.80 27.46 17.32
N ILE A 430 21.99 27.37 16.27
CA ILE A 430 21.27 28.54 15.78
C ILE A 430 20.25 29.01 16.84
N ILE A 431 19.60 28.13 17.62
CA ILE A 431 18.67 28.62 18.63
C ILE A 431 19.42 29.39 19.71
N TYR A 432 20.62 28.96 20.10
CA TYR A 432 21.40 29.73 21.06
C TYR A 432 21.76 31.09 20.45
N ASP A 433 22.18 31.15 19.19
CA ASP A 433 22.49 32.42 18.56
C ASP A 433 21.33 33.39 18.46
N ILE A 434 20.19 32.89 17.96
CA ILE A 434 18.95 33.64 17.83
C ILE A 434 18.61 34.28 19.17
N ASN A 435 18.64 33.47 20.24
CA ASN A 435 18.31 33.93 21.59
C ASN A 435 19.27 34.99 22.07
N TRP A 436 20.55 34.86 21.70
CA TRP A 436 21.59 35.78 22.16
C TRP A 436 21.31 37.17 21.66
N PHE A 437 21.22 37.34 20.35
CA PHE A 437 20.96 38.66 19.85
C PHE A 437 19.62 39.20 20.35
N PHE A 438 18.55 38.38 20.50
CA PHE A 438 17.25 38.85 20.98
C PHE A 438 17.43 39.41 22.38
N LEU A 439 18.12 38.70 23.26
CA LEU A 439 18.32 39.15 24.61
C LEU A 439 19.22 40.41 24.67
N GLU A 440 20.12 40.60 23.70
CA GLU A 440 20.87 41.85 23.62
C GLU A 440 19.86 42.94 23.31
N ASP A 441 19.07 42.78 22.26
CA ASP A 441 18.08 43.77 21.90
C ASP A 441 17.16 44.14 23.05
N VAL A 442 16.86 43.17 23.92
CA VAL A 442 16.01 43.43 25.05
C VAL A 442 16.80 44.27 26.01
N ALA A 443 18.07 43.92 26.27
CA ALA A 443 18.87 44.69 27.21
C ALA A 443 19.04 46.17 26.78
N LYS A 444 19.18 46.39 25.49
CA LYS A 444 19.28 47.73 24.96
C LYS A 444 17.94 48.46 25.03
N LYS A 445 16.80 47.78 25.12
CA LYS A 445 15.53 48.47 25.21
C LYS A 445 15.15 48.64 26.66
N PHE A 446 15.56 47.77 27.58
CA PHE A 446 15.20 47.92 28.99
C PHE A 446 16.48 47.70 29.78
N PRO A 447 17.40 48.70 29.81
CA PRO A 447 18.61 48.65 30.60
C PRO A 447 18.29 48.31 32.06
N LYS A 448 19.18 47.45 32.55
CA LYS A 448 19.17 46.90 33.90
C LYS A 448 17.95 46.08 34.34
N ASP A 449 17.00 45.68 33.48
CA ASP A 449 15.82 44.96 33.93
C ASP A 449 16.02 43.48 34.26
N VAL A 450 17.16 43.06 34.81
CA VAL A 450 17.53 41.67 35.12
C VAL A 450 16.54 40.51 34.96
N ASP A 451 15.43 40.54 35.69
CA ASP A 451 14.44 39.48 35.66
C ASP A 451 13.75 39.35 34.31
N LEU A 452 13.51 40.44 33.56
CA LEU A 452 12.89 40.43 32.24
C LEU A 452 13.71 39.50 31.35
N LEU A 453 15.04 39.63 31.39
CA LEU A 453 15.89 38.85 30.52
C LEU A 453 15.65 37.39 30.82
N SER A 454 15.52 37.03 32.08
CA SER A 454 15.26 35.64 32.43
C SER A 454 13.89 35.21 31.94
N ARG A 455 12.86 36.03 32.12
CA ARG A 455 11.51 35.64 31.75
C ARG A 455 11.24 35.53 30.25
N ILE A 456 11.76 36.47 29.48
CA ILE A 456 11.48 36.54 28.07
C ILE A 456 12.39 35.61 27.27
N SER A 457 13.38 34.96 27.89
CA SER A 457 14.33 34.15 27.15
C SER A 457 13.71 32.92 26.53
N ILE A 458 14.28 32.55 25.37
CA ILE A 458 13.89 31.36 24.66
C ILE A 458 14.46 30.20 25.45
N ILE A 459 15.67 30.21 26.01
CA ILE A 459 16.11 29.04 26.78
C ILE A 459 15.71 29.27 28.23
N GLU A 460 14.92 28.33 28.75
CA GLU A 460 14.46 28.32 30.13
C GLU A 460 15.52 27.61 30.93
N GLU A 461 16.13 28.33 31.86
CA GLU A 461 17.18 27.81 32.71
C GLU A 461 16.46 27.09 33.84
N ASN A 462 16.23 25.78 33.76
CA ASN A 462 15.47 25.08 34.78
C ASN A 462 16.27 23.94 35.38
N SER A 463 15.70 23.40 36.46
CA SER A 463 16.31 22.29 37.16
C SER A 463 15.89 20.99 36.47
N PRO A 464 16.80 20.07 36.22
CA PRO A 464 18.17 20.35 35.82
C PRO A 464 18.27 20.49 34.32
N GLU A 465 17.18 20.16 33.62
CA GLU A 465 17.19 20.19 32.19
C GLU A 465 16.68 21.55 31.74
N ARG A 466 17.51 22.20 30.96
CA ARG A 466 17.11 23.45 30.36
C ARG A 466 16.15 23.15 29.23
N GLN A 467 15.11 23.98 29.09
CA GLN A 467 14.17 23.79 28.00
C GLN A 467 14.39 24.90 26.98
N ILE A 468 13.93 24.60 25.78
CA ILE A 468 13.89 25.54 24.69
C ILE A 468 12.40 25.82 24.62
N ARG A 469 11.99 27.05 24.84
CA ARG A 469 10.59 27.37 24.80
C ARG A 469 10.20 27.67 23.37
N MET A 470 9.55 26.70 22.73
CA MET A 470 9.20 26.86 21.34
C MET A 470 8.29 28.03 21.01
N ALA A 471 7.23 28.29 21.79
CA ALA A 471 6.34 29.43 21.54
C ALA A 471 7.08 30.76 21.57
N PHE A 472 8.09 30.92 22.43
CA PHE A 472 8.87 32.15 22.44
C PHE A 472 9.78 32.22 21.20
N LEU A 473 10.37 31.11 20.73
CA LEU A 473 11.13 31.09 19.49
C LEU A 473 10.23 31.47 18.31
N ALA A 474 8.97 31.02 18.36
CA ALA A 474 8.03 31.33 17.31
C ALA A 474 7.68 32.82 17.36
N ILE A 475 7.49 33.50 18.52
CA ILE A 475 7.23 34.95 18.55
C ILE A 475 8.43 35.68 17.96
N VAL A 476 9.62 35.37 18.45
CA VAL A 476 10.85 36.00 17.97
C VAL A 476 11.10 35.74 16.48
N GLY A 477 10.69 34.63 15.87
CA GLY A 477 10.93 34.42 14.44
C GLY A 477 9.81 34.88 13.50
N SER A 478 8.64 35.28 14.00
CA SER A 478 7.52 35.64 13.14
C SER A 478 7.34 37.14 13.01
N HIS A 479 6.71 37.63 11.95
CA HIS A 479 6.39 39.04 11.93
C HIS A 479 4.98 39.29 12.45
N LYS A 480 4.17 38.29 12.79
CA LYS A 480 2.82 38.56 13.28
C LYS A 480 2.42 37.40 14.16
N VAL A 481 1.74 37.55 15.29
CA VAL A 481 1.22 36.39 15.99
C VAL A 481 -0.27 36.69 16.15
N ASN A 482 -1.15 35.70 16.17
CA ASN A 482 -2.57 35.97 16.30
C ASN A 482 -3.30 34.98 17.14
N GLY A 483 -4.30 35.44 17.88
CA GLY A 483 -5.15 34.53 18.62
C GLY A 483 -6.33 34.19 17.69
N VAL A 484 -7.09 33.19 18.14
CA VAL A 484 -8.25 32.64 17.46
C VAL A 484 -9.63 33.17 17.84
N VAL A 485 -9.75 34.16 18.69
CA VAL A 485 -11.03 34.74 19.08
C VAL A 485 -10.63 36.01 19.79
N GLU A 486 -11.33 37.13 19.68
CA GLU A 486 -10.92 38.38 20.30
C GLU A 486 -10.55 38.31 21.79
N LEU A 487 -11.34 37.66 22.63
CA LEU A 487 -11.04 37.55 24.05
C LEU A 487 -9.77 36.76 24.30
N HIS A 488 -9.52 35.74 23.47
CA HIS A 488 -8.31 34.94 23.59
C HIS A 488 -7.16 35.86 23.24
N SER A 489 -7.27 36.59 22.15
CA SER A 489 -6.21 37.46 21.71
C SER A 489 -5.81 38.50 22.74
N GLU A 490 -6.82 39.12 23.36
CA GLU A 490 -6.56 40.08 24.41
C GLU A 490 -5.77 39.35 25.50
N LEU A 491 -6.26 38.17 25.86
CA LEU A 491 -5.65 37.38 26.89
C LEU A 491 -4.22 37.01 26.51
N ILE A 492 -3.82 36.66 25.29
CA ILE A 492 -2.39 36.34 25.11
C ILE A 492 -1.54 37.60 25.25
N LYS A 493 -2.03 38.80 24.91
CA LYS A 493 -1.26 40.02 25.09
C LYS A 493 -1.19 40.40 26.56
N THR A 494 -2.25 40.08 27.28
CA THR A 494 -2.37 40.36 28.70
C THR A 494 -1.70 39.35 29.62
N THR A 495 -1.51 38.11 29.17
CA THR A 495 -0.99 37.12 30.07
C THR A 495 0.23 36.42 29.52
N ILE A 496 0.17 35.22 28.93
CA ILE A 496 1.38 34.50 28.55
C ILE A 496 2.40 35.24 27.69
N PHE A 497 2.04 36.25 26.88
CA PHE A 497 3.04 36.92 26.05
C PHE A 497 3.29 38.38 26.38
N LYS A 498 2.85 38.82 27.56
CA LYS A 498 2.98 40.21 28.01
C LYS A 498 4.36 40.86 27.79
N ASP A 499 5.44 40.18 28.16
CA ASP A 499 6.78 40.72 27.97
C ASP A 499 7.10 40.92 26.50
N PHE A 500 6.61 40.01 25.65
CA PHE A 500 6.84 40.10 24.22
C PHE A 500 6.07 41.28 23.67
N ILE A 501 4.90 41.63 24.26
CA ILE A 501 4.17 42.81 23.83
C ILE A 501 4.98 44.01 24.26
N LYS A 502 5.58 44.03 25.45
CA LYS A 502 6.37 45.17 25.90
C LYS A 502 7.50 45.46 24.93
N PHE A 503 8.25 44.42 24.57
CA PHE A 503 9.37 44.57 23.67
C PHE A 503 9.02 44.80 22.20
N TYR A 504 7.97 44.17 21.66
CA TYR A 504 7.64 44.31 20.25
C TYR A 504 6.59 45.35 19.93
N GLY A 505 5.70 45.57 20.89
CA GLY A 505 4.59 46.48 20.70
C GLY A 505 3.33 45.73 20.25
N PRO A 506 2.16 46.12 20.75
CA PRO A 506 0.85 45.54 20.45
C PRO A 506 0.55 45.22 19.00
N SER A 507 1.13 45.97 18.10
CA SER A 507 0.96 45.85 16.66
C SER A 507 1.20 44.44 16.12
N LYS A 508 2.22 43.78 16.66
CA LYS A 508 2.63 42.46 16.23
C LYS A 508 1.64 41.36 16.62
N PHE A 509 0.68 41.66 17.47
CA PHE A 509 -0.22 40.69 18.05
C PHE A 509 -1.60 41.11 17.62
N VAL A 510 -2.14 40.22 16.81
CA VAL A 510 -3.38 40.38 16.11
C VAL A 510 -4.45 39.34 16.54
N ASN A 511 -5.67 39.52 16.05
CA ASN A 511 -6.71 38.54 16.29
C ASN A 511 -7.41 38.17 15.00
N VAL A 512 -7.65 36.89 14.72
CA VAL A 512 -8.54 36.50 13.64
C VAL A 512 -9.36 35.35 14.23
N THR A 513 -10.59 35.65 14.60
CA THR A 513 -11.55 34.69 15.10
C THR A 513 -11.79 33.63 14.05
N ASN A 514 -11.75 32.39 14.54
CA ASN A 514 -11.91 31.19 13.72
C ASN A 514 -13.25 31.08 13.06
N GLY A 515 -13.45 30.10 12.20
CA GLY A 515 -14.72 30.00 11.50
C GLY A 515 -14.78 28.67 10.80
N ILE A 516 -15.83 28.38 10.07
CA ILE A 516 -16.04 27.09 9.44
C ILE A 516 -16.54 27.24 7.99
N THR A 517 -16.26 26.25 7.12
CA THR A 517 -16.75 26.36 5.76
C THR A 517 -18.25 26.08 5.59
N PRO A 518 -18.97 26.97 4.91
CA PRO A 518 -20.36 26.81 4.59
C PRO A 518 -20.63 25.61 3.69
N ARG A 519 -19.74 25.27 2.78
CA ARG A 519 -20.09 24.19 1.87
C ARG A 519 -20.12 22.85 2.57
N ARG A 520 -19.24 22.51 3.52
CA ARG A 520 -19.33 21.20 4.15
C ARG A 520 -20.33 21.30 5.28
N TRP A 521 -20.22 22.32 6.12
CA TRP A 521 -21.07 22.34 7.28
C TRP A 521 -22.51 22.77 7.07
N LEU A 522 -22.90 23.46 5.96
CA LEU A 522 -24.31 23.75 5.68
C LEU A 522 -24.79 23.00 4.44
N LYS A 523 -24.12 23.11 3.31
CA LYS A 523 -24.65 22.49 2.10
C LYS A 523 -24.41 20.99 2.06
N GLN A 524 -23.27 20.50 2.51
CA GLN A 524 -23.05 19.07 2.51
C GLN A 524 -23.85 18.44 3.64
N ALA A 525 -23.60 18.89 4.88
CA ALA A 525 -24.25 18.32 6.03
C ALA A 525 -25.74 18.53 6.11
N ASN A 526 -26.29 19.65 5.58
CA ASN A 526 -27.72 19.91 5.70
C ASN A 526 -28.34 20.43 4.41
N PRO A 527 -28.39 19.63 3.33
CA PRO A 527 -28.97 20.00 2.05
C PRO A 527 -30.40 20.50 2.15
N SER A 528 -31.24 19.83 2.93
CA SER A 528 -32.67 20.15 3.10
C SER A 528 -32.85 21.58 3.58
N LEU A 529 -31.97 22.10 4.45
CA LEU A 529 -31.99 23.48 4.84
C LEU A 529 -31.38 24.31 3.72
N ALA A 530 -30.29 23.87 3.07
CA ALA A 530 -29.69 24.66 1.98
C ALA A 530 -30.68 24.92 0.84
N LYS A 531 -31.59 23.97 0.60
CA LYS A 531 -32.63 24.13 -0.40
C LYS A 531 -33.63 25.13 0.17
N LEU A 532 -34.09 25.05 1.43
CA LEU A 532 -35.07 25.96 2.01
C LEU A 532 -34.66 27.40 1.85
N ILE A 533 -33.39 27.70 2.17
CA ILE A 533 -32.83 29.04 2.06
C ILE A 533 -32.78 29.44 0.59
N SER A 534 -32.31 28.57 -0.33
CA SER A 534 -32.25 28.94 -1.73
C SER A 534 -33.66 29.18 -2.26
N GLU A 535 -34.65 28.51 -1.68
CA GLU A 535 -36.04 28.73 -2.02
C GLU A 535 -36.51 30.06 -1.43
N THR A 536 -36.45 30.28 -0.12
CA THR A 536 -37.06 31.46 0.46
C THR A 536 -36.41 32.76 0.04
N LEU A 537 -35.08 32.74 0.04
CA LEU A 537 -34.36 33.91 -0.36
C LEU A 537 -34.27 34.00 -1.87
N ASN A 538 -34.83 33.03 -2.62
CA ASN A 538 -34.85 33.03 -4.08
C ASN A 538 -33.46 33.17 -4.69
N ASP A 539 -32.57 32.28 -4.28
CA ASP A 539 -31.21 32.32 -4.76
C ASP A 539 -30.78 30.97 -5.35
N PRO A 540 -31.21 30.58 -6.54
CA PRO A 540 -31.03 29.23 -7.08
C PRO A 540 -29.58 28.83 -7.27
N THR A 541 -28.69 29.81 -7.37
CA THR A 541 -27.29 29.58 -7.56
C THR A 541 -26.50 29.41 -6.26
N GLU A 542 -27.19 29.34 -5.11
CA GLU A 542 -26.56 29.14 -3.82
C GLU A 542 -25.49 30.21 -3.57
N GLU A 543 -25.63 31.41 -4.15
CA GLU A 543 -24.67 32.49 -3.96
C GLU A 543 -24.44 32.91 -2.50
N TYR A 544 -25.43 32.62 -1.64
CA TYR A 544 -25.36 32.89 -0.22
C TYR A 544 -24.19 32.12 0.42
N LEU A 545 -23.71 31.01 -0.18
CA LEU A 545 -22.57 30.27 0.37
C LEU A 545 -21.29 31.06 0.17
N LEU A 546 -21.19 31.83 -0.90
CA LEU A 546 -20.08 32.75 -1.07
C LEU A 546 -20.34 34.01 -0.26
N ASP A 547 -21.57 34.51 -0.21
CA ASP A 547 -21.85 35.69 0.58
C ASP A 547 -22.79 35.41 1.73
N MET A 548 -22.23 34.90 2.84
CA MET A 548 -23.04 34.55 4.00
C MET A 548 -23.82 35.73 4.59
N ALA A 549 -23.36 36.95 4.32
CA ALA A 549 -24.04 38.16 4.77
C ALA A 549 -25.50 38.23 4.34
N LYS A 550 -25.84 37.72 3.16
CA LYS A 550 -27.23 37.73 2.72
C LYS A 550 -28.17 36.95 3.63
N LEU A 551 -27.70 36.09 4.54
CA LEU A 551 -28.65 35.30 5.33
C LEU A 551 -29.44 36.09 6.36
N THR A 552 -29.09 37.34 6.62
CA THR A 552 -29.85 38.18 7.53
C THR A 552 -31.27 38.45 7.02
N GLN A 553 -31.52 38.29 5.72
CA GLN A 553 -32.85 38.43 5.14
C GLN A 553 -33.80 37.42 5.75
N LEU A 554 -33.32 36.28 6.26
CA LEU A 554 -34.20 35.29 6.86
C LEU A 554 -34.97 35.88 8.04
N GLU A 555 -34.41 36.91 8.69
CA GLU A 555 -35.07 37.58 9.82
C GLU A 555 -36.46 38.13 9.53
N LYS A 556 -36.69 38.54 8.28
CA LYS A 556 -38.01 39.02 7.88
C LYS A 556 -39.07 37.93 8.06
N TYR A 557 -38.69 36.72 7.63
CA TYR A 557 -39.61 35.60 7.59
C TYR A 557 -39.72 34.96 8.96
N VAL A 558 -39.10 35.52 10.00
CA VAL A 558 -39.21 34.94 11.33
C VAL A 558 -40.64 34.98 11.84
N GLU A 559 -41.36 36.05 11.53
CA GLU A 559 -42.69 36.23 12.05
C GLU A 559 -43.77 35.37 11.40
N ASP A 560 -43.58 34.59 10.34
CA ASP A 560 -44.74 33.93 9.75
C ASP A 560 -44.84 32.45 9.39
N LYS A 561 -45.52 31.89 10.39
CA LYS A 561 -46.02 30.52 10.47
C LYS A 561 -45.69 29.43 9.44
N GLU A 562 -45.96 29.57 8.14
CA GLU A 562 -45.65 28.52 7.18
C GLU A 562 -44.14 28.30 7.12
N PHE A 563 -43.38 29.40 7.19
CA PHE A 563 -41.93 29.34 7.15
C PHE A 563 -41.45 28.57 8.36
N LEU A 564 -41.91 28.93 9.56
CA LEU A 564 -41.53 28.20 10.76
C LEU A 564 -41.92 26.74 10.64
N LYS A 565 -43.05 26.40 10.03
CA LYS A 565 -43.42 25.00 9.88
C LYS A 565 -42.38 24.30 9.02
N LYS A 566 -41.96 25.00 7.96
CA LYS A 566 -40.98 24.50 7.04
C LYS A 566 -39.65 24.25 7.71
N TRP A 567 -39.23 25.25 8.51
CA TRP A 567 -38.00 25.22 9.26
C TRP A 567 -38.02 24.04 10.20
N ASN A 568 -39.15 23.78 10.85
CA ASN A 568 -39.17 22.70 11.79
C ASN A 568 -39.08 21.36 11.10
N GLN A 569 -39.78 21.20 9.97
CA GLN A 569 -39.78 19.96 9.20
C GLN A 569 -38.39 19.50 8.80
N VAL A 570 -37.58 20.47 8.34
CA VAL A 570 -36.20 20.19 7.95
C VAL A 570 -35.52 19.50 9.16
N LYS A 571 -35.59 20.15 10.31
CA LYS A 571 -34.95 19.66 11.50
C LYS A 571 -35.50 18.31 11.91
N LEU A 572 -36.78 17.98 11.65
CA LEU A 572 -37.37 16.69 12.02
C LEU A 572 -36.78 15.62 11.12
N ASN A 573 -36.68 15.88 9.81
CA ASN A 573 -36.13 14.88 8.88
C ASN A 573 -34.68 14.65 9.24
N ASN A 574 -33.93 15.71 9.58
CA ASN A 574 -32.54 15.57 10.02
C ASN A 574 -32.39 14.73 11.27
N LYS A 575 -33.37 14.82 12.17
CA LYS A 575 -33.38 13.98 13.35
C LYS A 575 -33.56 12.51 12.99
N ILE A 576 -34.39 12.25 11.97
CA ILE A 576 -34.63 10.90 11.50
C ILE A 576 -33.33 10.32 10.99
N ARG A 577 -32.52 11.07 10.23
CA ARG A 577 -31.24 10.54 9.75
C ARG A 577 -30.41 10.05 10.91
N LEU A 578 -30.23 10.86 11.97
CA LEU A 578 -29.42 10.48 13.10
C LEU A 578 -29.96 9.22 13.74
N VAL A 579 -31.29 9.14 13.90
CA VAL A 579 -31.95 7.97 14.48
C VAL A 579 -31.58 6.75 13.63
N ASP A 580 -31.68 6.88 12.30
CA ASP A 580 -31.31 5.80 11.39
C ASP A 580 -29.87 5.37 11.64
N LEU A 581 -28.95 6.31 11.91
CA LEU A 581 -27.53 6.01 12.14
C LEU A 581 -27.37 5.18 13.42
N ILE A 582 -28.02 5.60 14.50
CA ILE A 582 -27.92 4.93 15.78
C ILE A 582 -28.46 3.49 15.74
N LYS A 583 -29.47 3.26 14.92
CA LYS A 583 -30.09 1.97 14.68
C LYS A 583 -29.07 1.13 13.92
N LYS A 584 -28.55 1.63 12.80
CA LYS A 584 -27.55 0.94 12.00
C LYS A 584 -26.41 0.50 12.91
N GLU A 585 -25.85 1.46 13.64
CA GLU A 585 -24.77 1.24 14.58
C GLU A 585 -25.21 0.31 15.72
N ASN A 586 -26.50 0.09 15.95
CA ASN A 586 -26.98 -0.85 16.97
C ASN A 586 -27.55 -2.14 16.42
N ASP A 587 -26.97 -2.52 15.28
CA ASP A 587 -27.32 -3.75 14.58
C ASP A 587 -28.83 -3.86 14.37
N GLY A 588 -29.35 -2.82 13.75
CA GLY A 588 -30.75 -2.81 13.39
C GLY A 588 -31.65 -2.50 14.56
N VAL A 589 -31.25 -2.60 15.84
CA VAL A 589 -32.15 -2.25 16.94
C VAL A 589 -32.21 -0.73 17.14
N ASP A 590 -33.42 -0.18 17.23
CA ASP A 590 -33.58 1.24 17.48
C ASP A 590 -33.33 1.51 18.95
N ILE A 591 -32.71 2.65 19.33
CA ILE A 591 -32.58 3.01 20.74
C ILE A 591 -33.64 4.08 20.95
N ILE A 592 -33.61 5.13 20.12
CA ILE A 592 -34.52 6.25 20.26
C ILE A 592 -35.89 5.83 19.76
N ASN A 593 -36.92 6.18 20.53
CA ASN A 593 -38.31 5.86 20.21
C ASN A 593 -38.82 6.78 19.09
N ARG A 594 -38.96 6.25 17.87
CA ARG A 594 -39.32 7.07 16.73
C ARG A 594 -40.68 7.78 16.79
N GLU A 595 -41.70 7.25 17.47
CA GLU A 595 -42.96 7.97 17.59
C GLU A 595 -42.73 9.11 18.56
N TYR A 596 -43.28 10.31 18.42
CA TYR A 596 -43.03 11.33 19.43
C TYR A 596 -41.72 12.11 19.24
N LEU A 597 -40.95 11.79 18.20
CA LEU A 597 -39.69 12.46 17.84
C LEU A 597 -39.75 13.99 17.75
N ASP A 598 -40.79 14.60 17.16
CA ASP A 598 -40.90 16.06 17.11
C ASP A 598 -41.00 16.70 18.48
N ASP A 599 -41.36 15.94 19.52
CA ASP A 599 -41.41 16.48 20.84
C ASP A 599 -40.25 15.90 21.64
N THR A 600 -39.27 15.26 21.00
CA THR A 600 -38.12 14.74 21.72
C THR A 600 -36.98 15.73 21.56
N LEU A 601 -36.47 16.35 22.63
CA LEU A 601 -35.35 17.28 22.49
C LEU A 601 -34.09 16.45 22.39
N PHE A 602 -33.38 16.68 21.30
CA PHE A 602 -32.08 16.08 21.10
C PHE A 602 -31.05 17.04 21.66
N ASP A 603 -30.37 16.59 22.69
CA ASP A 603 -29.41 17.38 23.41
C ASP A 603 -28.05 16.71 23.27
N MET A 604 -27.10 17.27 22.46
CA MET A 604 -25.81 16.62 22.30
C MET A 604 -24.58 17.32 22.83
N GLN A 605 -23.57 16.55 23.28
CA GLN A 605 -22.25 17.05 23.65
C GLN A 605 -21.24 16.11 23.00
N VAL A 606 -20.85 16.43 21.78
CA VAL A 606 -19.88 15.64 21.04
C VAL A 606 -18.56 16.42 20.92
N LYS A 607 -17.55 15.98 21.69
CA LYS A 607 -16.20 16.52 21.62
C LYS A 607 -15.28 15.68 22.48
N ARG A 608 -14.01 16.06 22.54
CA ARG A 608 -12.98 15.36 23.27
C ARG A 608 -13.38 15.21 24.71
N ILE A 609 -13.26 13.97 25.16
CA ILE A 609 -13.61 13.60 26.50
C ILE A 609 -12.47 14.17 27.33
N HIS A 610 -12.70 15.12 28.20
CA HIS A 610 -11.63 15.64 29.03
C HIS A 610 -12.30 16.21 30.24
N GLU A 611 -11.79 16.06 31.46
CA GLU A 611 -12.44 16.66 32.62
C GLU A 611 -12.80 18.14 32.51
N TYR A 612 -11.95 19.00 31.91
CA TYR A 612 -12.28 20.41 31.76
C TYR A 612 -13.39 20.68 30.76
N LYS A 613 -13.75 19.74 29.89
CA LYS A 613 -14.86 19.92 28.96
C LYS A 613 -16.15 19.63 29.68
N ARG A 614 -16.02 19.11 30.90
CA ARG A 614 -17.09 18.82 31.82
C ARG A 614 -18.20 17.94 31.28
N GLN A 615 -17.85 16.87 30.58
CA GLN A 615 -18.85 15.86 30.22
C GLN A 615 -19.46 15.30 31.52
N GLN A 616 -18.69 15.25 32.62
CA GLN A 616 -19.18 14.74 33.88
C GLN A 616 -20.26 15.63 34.48
N LEU A 617 -20.21 16.96 34.24
CA LEU A 617 -21.22 17.88 34.74
C LEU A 617 -22.50 17.49 34.02
N ASN A 618 -22.42 17.25 32.72
CA ASN A 618 -23.57 16.90 31.91
C ASN A 618 -24.17 15.56 32.34
N VAL A 619 -23.32 14.56 32.64
CA VAL A 619 -23.80 13.27 33.11
C VAL A 619 -24.44 13.42 34.50
N PHE A 620 -23.83 14.18 35.43
CA PHE A 620 -24.41 14.38 36.76
C PHE A 620 -25.77 15.03 36.65
N GLY A 621 -25.94 15.89 35.66
CA GLY A 621 -27.23 16.46 35.38
C GLY A 621 -28.19 15.39 34.88
N ILE A 622 -27.76 14.41 34.04
CA ILE A 622 -28.65 13.35 33.55
C ILE A 622 -29.12 12.50 34.70
N ILE A 623 -28.18 11.95 35.46
CA ILE A 623 -28.53 11.13 36.61
C ILE A 623 -29.45 11.93 37.51
N TYR A 624 -29.18 13.20 37.85
CA TYR A 624 -30.08 14.00 38.69
C TYR A 624 -31.51 13.94 38.16
N ARG A 625 -31.74 14.32 36.91
CA ARG A 625 -33.07 14.29 36.35
C ARG A 625 -33.64 12.89 36.52
N TYR A 626 -32.96 11.82 36.13
CA TYR A 626 -33.45 10.45 36.27
C TYR A 626 -33.89 10.12 37.70
N LEU A 627 -33.05 10.46 38.67
CA LEU A 627 -33.36 10.24 40.07
C LEU A 627 -34.61 11.01 40.50
N ALA A 628 -34.76 12.22 40.00
CA ALA A 628 -35.93 13.02 40.28
C ALA A 628 -37.18 12.40 39.65
N MET A 629 -37.09 11.89 38.43
CA MET A 629 -38.22 11.28 37.72
C MET A 629 -38.74 10.06 38.45
N LYS A 630 -37.79 9.19 38.75
CA LYS A 630 -38.06 7.93 39.40
C LYS A 630 -38.71 8.10 40.75
N ASN A 631 -38.14 9.02 41.53
CA ASN A 631 -38.63 9.34 42.86
C ASN A 631 -40.06 9.86 42.78
N MET A 632 -40.34 10.67 41.76
CA MET A 632 -41.63 11.27 41.53
C MET A 632 -42.63 10.15 41.28
N LEU A 633 -42.34 9.24 40.33
CA LEU A 633 -43.22 8.12 40.02
C LEU A 633 -43.59 7.33 41.28
N LYS A 634 -42.57 7.02 42.08
CA LYS A 634 -42.75 6.25 43.29
C LYS A 634 -43.53 7.05 44.35
N ASN A 635 -43.57 8.35 44.22
CA ASN A 635 -44.40 9.13 45.10
C ASN A 635 -45.80 9.31 44.53
N GLY A 636 -46.19 8.43 43.63
CA GLY A 636 -47.53 8.43 43.07
C GLY A 636 -47.86 9.57 42.11
N ALA A 637 -46.96 9.92 41.19
CA ALA A 637 -47.37 10.85 40.18
C ALA A 637 -47.66 9.97 38.96
N SER A 638 -48.60 10.35 38.09
CA SER A 638 -48.84 9.62 36.83
C SER A 638 -47.76 10.07 35.88
N ILE A 639 -47.33 9.28 34.87
CA ILE A 639 -46.30 9.76 33.95
C ILE A 639 -46.72 11.05 33.28
N GLU A 640 -48.01 11.34 33.12
CA GLU A 640 -48.43 12.63 32.59
C GLU A 640 -47.95 13.74 33.51
N GLU A 641 -47.87 13.52 34.82
CA GLU A 641 -47.36 14.50 35.77
C GLU A 641 -45.82 14.56 35.75
N VAL A 642 -45.15 13.41 35.67
CA VAL A 642 -43.69 13.37 35.62
C VAL A 642 -43.25 14.00 34.30
N ALA A 643 -43.74 13.48 33.18
CA ALA A 643 -43.50 14.03 31.86
C ALA A 643 -43.76 15.51 31.75
N ARG A 644 -44.77 16.04 32.43
CA ARG A 644 -45.02 17.47 32.39
C ARG A 644 -43.85 18.23 33.00
N LYS A 645 -43.19 17.66 34.01
CA LYS A 645 -42.04 18.31 34.63
C LYS A 645 -40.69 18.03 33.97
N TYR A 646 -40.49 16.81 33.49
CA TYR A 646 -39.24 16.40 32.88
C TYR A 646 -39.65 15.82 31.54
N PRO A 647 -39.73 16.60 30.49
CA PRO A 647 -40.20 16.10 29.21
C PRO A 647 -39.13 15.34 28.42
N ARG A 648 -39.62 14.59 27.42
CA ARG A 648 -38.89 13.73 26.49
C ARG A 648 -37.65 14.32 25.83
N LYS A 649 -36.52 13.67 26.13
CA LYS A 649 -35.18 14.12 25.80
C LYS A 649 -34.34 12.91 25.41
N VAL A 650 -33.29 13.14 24.62
CA VAL A 650 -32.30 12.14 24.23
C VAL A 650 -30.99 12.90 24.39
N SER A 651 -30.14 12.41 25.26
CA SER A 651 -28.80 12.97 25.36
C SER A 651 -27.84 12.16 24.47
N ILE A 652 -27.19 12.85 23.55
CA ILE A 652 -26.28 12.26 22.58
C ILE A 652 -24.86 12.62 23.00
N PHE A 653 -24.01 11.67 23.34
CA PHE A 653 -22.62 11.97 23.67
C PHE A 653 -21.75 11.33 22.60
N GLY A 654 -20.62 11.94 22.28
CA GLY A 654 -19.68 11.38 21.32
C GLY A 654 -18.32 12.00 21.58
N GLY A 655 -17.24 11.26 21.32
CA GLY A 655 -15.90 11.82 21.46
C GLY A 655 -14.91 10.77 21.91
N LYS A 656 -13.62 11.04 21.81
CA LYS A 656 -12.60 10.06 22.17
C LYS A 656 -11.75 10.64 23.29
N SER A 657 -11.30 9.74 24.17
CA SER A 657 -10.39 10.03 25.27
C SER A 657 -9.00 9.68 24.80
N ALA A 658 -8.00 10.34 25.35
CA ALA A 658 -6.62 10.01 25.09
C ALA A 658 -6.34 8.65 25.74
N PRO A 659 -5.45 7.82 25.17
CA PRO A 659 -5.22 6.46 25.61
C PRO A 659 -4.89 6.28 27.06
N GLY A 660 -4.26 7.26 27.72
CA GLY A 660 -3.87 7.05 29.11
C GLY A 660 -4.60 7.96 30.09
N TYR A 661 -5.66 8.62 29.68
CA TYR A 661 -6.27 9.55 30.57
C TYR A 661 -7.31 8.72 31.31
N TYR A 662 -6.92 8.17 32.46
CA TYR A 662 -7.81 7.32 33.24
C TYR A 662 -9.17 7.93 33.55
N MET A 663 -9.19 9.17 34.06
CA MET A 663 -10.46 9.79 34.42
C MET A 663 -11.33 10.00 33.18
N ALA A 664 -10.75 10.33 32.02
CA ALA A 664 -11.57 10.53 30.84
C ALA A 664 -12.16 9.19 30.40
N LYS A 665 -11.36 8.13 30.45
CA LYS A 665 -11.87 6.81 30.18
C LYS A 665 -12.93 6.40 31.20
N LEU A 666 -12.87 6.83 32.47
CA LEU A 666 -13.93 6.51 33.43
C LEU A 666 -15.20 7.19 33.01
N ILE A 667 -15.10 8.44 32.52
CA ILE A 667 -16.29 9.17 32.18
C ILE A 667 -17.01 8.48 31.03
N ILE A 668 -16.28 7.89 30.08
CA ILE A 668 -16.93 7.16 29.00
C ILE A 668 -17.65 5.96 29.60
N LYS A 669 -17.09 5.21 30.56
CA LYS A 669 -17.78 4.04 31.11
C LYS A 669 -19.03 4.49 31.82
N LEU A 670 -18.92 5.58 32.59
CA LEU A 670 -20.03 6.11 33.34
C LEU A 670 -21.20 6.49 32.44
N ILE A 671 -20.96 7.13 31.28
CA ILE A 671 -22.03 7.49 30.35
C ILE A 671 -22.72 6.22 29.89
N ASN A 672 -21.92 5.20 29.57
CA ASN A 672 -22.44 3.92 29.10
C ASN A 672 -23.25 3.17 30.13
N CYS A 673 -22.86 3.29 31.38
CA CYS A 673 -23.62 2.72 32.47
C CYS A 673 -24.98 3.44 32.65
N VAL A 674 -24.98 4.78 32.68
CA VAL A 674 -26.20 5.54 32.79
C VAL A 674 -27.13 5.10 31.67
N ALA A 675 -26.62 5.03 30.44
CA ALA A 675 -27.42 4.61 29.29
C ALA A 675 -28.00 3.23 29.47
N ASP A 676 -27.26 2.28 30.06
CA ASP A 676 -27.83 0.98 30.26
C ASP A 676 -28.94 0.91 31.27
N ILE A 677 -28.96 1.70 32.34
CA ILE A 677 -30.04 1.67 33.32
C ILE A 677 -31.27 2.45 32.82
N VAL A 678 -31.07 3.70 32.39
CA VAL A 678 -32.11 4.60 31.93
C VAL A 678 -32.77 4.09 30.65
N ASN A 679 -32.02 3.65 29.65
CA ASN A 679 -32.64 3.21 28.41
C ASN A 679 -33.50 1.99 28.57
N ASN A 680 -33.20 1.20 29.60
CA ASN A 680 -33.91 -0.05 29.73
C ASN A 680 -34.86 -0.02 30.91
N ASP A 681 -35.13 1.16 31.47
CA ASP A 681 -36.05 1.25 32.58
C ASP A 681 -37.47 1.63 32.18
N GLU A 682 -38.28 0.59 32.05
CA GLU A 682 -39.66 0.69 31.65
C GLU A 682 -40.51 1.76 32.31
N SER A 683 -40.30 1.98 33.60
CA SER A 683 -41.07 2.92 34.41
C SER A 683 -41.14 4.35 33.87
N ILE A 684 -40.05 4.86 33.30
CA ILE A 684 -40.06 6.23 32.83
C ILE A 684 -40.50 6.29 31.37
N GLU A 685 -41.06 5.19 30.86
CA GLU A 685 -41.60 5.07 29.52
C GLU A 685 -41.08 5.94 28.37
N HIS A 686 -39.76 5.84 28.11
CA HIS A 686 -39.08 6.56 27.02
C HIS A 686 -39.06 8.07 27.18
N LEU A 687 -39.23 8.61 28.38
CA LEU A 687 -39.13 10.04 28.56
C LEU A 687 -37.68 10.46 28.51
N LEU A 688 -36.74 9.54 28.73
CA LEU A 688 -35.30 9.83 28.66
C LEU A 688 -34.47 8.68 28.09
N LYS A 689 -33.58 8.98 27.14
CA LYS A 689 -32.62 8.03 26.56
C LYS A 689 -31.23 8.66 26.57
N VAL A 690 -30.16 7.89 26.74
CA VAL A 690 -28.80 8.40 26.70
C VAL A 690 -28.17 7.55 25.59
N VAL A 691 -27.42 8.12 24.66
CA VAL A 691 -26.84 7.36 23.57
C VAL A 691 -25.38 7.81 23.48
N PHE A 692 -24.42 6.95 23.18
CA PHE A 692 -23.04 7.37 22.99
C PHE A 692 -22.64 6.99 21.57
N VAL A 693 -22.17 7.85 20.67
CA VAL A 693 -21.74 7.44 19.35
C VAL A 693 -20.24 7.14 19.29
N ALA A 694 -19.88 5.90 18.95
CA ALA A 694 -18.47 5.55 18.83
C ALA A 694 -17.83 6.09 17.57
N ASP A 695 -16.54 6.34 17.78
CA ASP A 695 -15.54 6.76 16.78
C ASP A 695 -16.05 7.89 15.90
N TYR A 696 -16.46 8.91 16.65
CA TYR A 696 -16.97 10.16 16.14
C TYR A 696 -15.85 10.79 15.35
N ASN A 697 -16.12 10.84 14.07
CA ASN A 697 -15.23 11.44 13.12
C ASN A 697 -16.02 12.53 12.38
N VAL A 698 -15.56 13.09 11.26
CA VAL A 698 -16.28 14.20 10.65
C VAL A 698 -17.61 13.77 10.07
N SER A 699 -17.67 12.61 9.44
CA SER A 699 -18.87 12.14 8.76
C SER A 699 -19.99 11.96 9.75
N LYS A 700 -19.65 11.40 10.92
CA LYS A 700 -20.61 11.25 11.97
C LYS A 700 -21.07 12.64 12.41
N ALA A 701 -20.17 13.61 12.51
CA ALA A 701 -20.51 14.98 12.87
C ALA A 701 -21.35 15.63 11.78
N GLU A 702 -21.23 15.24 10.50
CA GLU A 702 -22.09 15.80 9.49
C GLU A 702 -23.50 15.24 9.62
N ILE A 703 -23.73 14.08 10.27
CA ILE A 703 -25.07 13.56 10.47
C ILE A 703 -25.63 14.11 11.78
N ILE A 704 -24.78 14.12 12.82
CA ILE A 704 -25.14 14.55 14.17
C ILE A 704 -25.41 16.04 14.27
N ILE A 705 -24.55 16.96 13.82
CA ILE A 705 -24.83 18.38 13.97
C ILE A 705 -26.16 18.88 13.35
N PRO A 706 -26.62 18.70 12.11
CA PRO A 706 -27.92 19.22 11.65
C PRO A 706 -29.15 18.66 12.36
N ALA A 707 -28.98 17.60 13.16
CA ALA A 707 -30.07 16.98 13.92
C ALA A 707 -30.21 17.59 15.29
N SER A 708 -29.29 18.47 15.65
CA SER A 708 -29.24 18.95 17.01
C SER A 708 -30.35 19.93 17.33
N ASP A 709 -31.03 19.67 18.46
CA ASP A 709 -31.94 20.66 18.99
C ASP A 709 -31.15 21.58 19.92
N LEU A 710 -30.30 21.02 20.77
CA LEU A 710 -29.51 21.79 21.72
C LEU A 710 -28.14 21.11 21.75
N SER A 711 -27.07 21.89 21.91
CA SER A 711 -25.73 21.35 21.98
C SER A 711 -25.01 21.93 23.18
N GLU A 712 -24.29 21.12 23.92
CA GLU A 712 -23.71 21.57 25.17
C GLU A 712 -22.34 22.17 24.97
N HIS A 713 -22.04 23.35 25.50
CA HIS A 713 -20.72 23.93 25.35
C HIS A 713 -20.37 24.50 26.73
N ILE A 714 -20.13 23.52 27.63
CA ILE A 714 -20.06 23.72 29.06
C ILE A 714 -18.75 23.62 29.82
N SER A 715 -17.59 23.91 29.21
CA SER A 715 -16.30 23.89 29.89
C SER A 715 -16.20 24.86 31.04
N THR A 716 -15.28 24.66 31.98
CA THR A 716 -15.15 25.59 33.07
C THR A 716 -14.81 26.97 32.50
N ALA A 717 -15.38 28.09 33.00
CA ALA A 717 -15.09 29.37 32.39
C ALA A 717 -13.64 29.79 32.44
N GLY A 718 -13.19 30.26 31.30
CA GLY A 718 -11.80 30.62 31.16
C GLY A 718 -10.95 29.54 30.54
N THR A 719 -11.47 28.37 30.12
CA THR A 719 -10.60 27.34 29.54
C THR A 719 -10.59 27.18 28.04
N GLU A 720 -11.48 27.79 27.25
CA GLU A 720 -11.52 27.53 25.83
C GLU A 720 -11.10 28.73 25.02
N ALA A 721 -10.24 28.55 24.02
CA ALA A 721 -9.79 29.68 23.24
C ALA A 721 -10.82 30.10 22.20
N SER A 722 -11.28 29.19 21.33
CA SER A 722 -12.30 29.56 20.37
C SER A 722 -13.23 28.36 20.44
N GLY A 723 -13.49 27.61 19.36
CA GLY A 723 -14.31 26.42 19.46
C GLY A 723 -15.20 26.33 18.26
N THR A 724 -14.69 25.68 17.21
CA THR A 724 -15.46 25.67 15.98
C THR A 724 -16.68 24.77 15.95
N SER A 725 -16.91 23.70 16.72
CA SER A 725 -18.14 22.94 16.48
C SER A 725 -19.38 23.72 16.90
N ASN A 726 -19.18 24.65 17.84
CA ASN A 726 -20.20 25.58 18.33
C ASN A 726 -20.80 26.28 17.13
N MET A 727 -19.93 26.78 16.25
CA MET A 727 -20.33 27.54 15.07
C MET A 727 -21.07 26.65 14.10
N LYS A 728 -20.64 25.37 14.00
CA LYS A 728 -21.28 24.35 13.16
C LYS A 728 -22.69 24.08 13.63
N PHE A 729 -22.93 24.12 14.95
CA PHE A 729 -24.27 23.94 15.49
C PHE A 729 -25.10 25.17 15.19
N VAL A 730 -24.53 26.37 15.37
CA VAL A 730 -25.30 27.58 15.12
C VAL A 730 -25.72 27.64 13.66
N MET A 731 -24.82 27.42 12.69
CA MET A 731 -25.14 27.42 11.24
C MET A 731 -26.27 26.49 10.80
N ASN A 732 -26.67 25.61 11.71
CA ASN A 732 -27.67 24.63 11.43
C ASN A 732 -28.91 24.80 12.32
N GLY A 733 -29.07 25.97 12.96
CA GLY A 733 -30.24 26.26 13.78
C GLY A 733 -30.29 25.55 15.13
N GLY A 734 -29.16 25.07 15.65
CA GLY A 734 -29.16 24.41 16.93
C GLY A 734 -28.99 25.46 17.99
N LEU A 735 -29.50 25.26 19.20
CA LEU A 735 -29.29 26.26 20.24
C LEU A 735 -28.17 25.81 21.18
N ILE A 736 -27.46 26.72 21.85
CA ILE A 736 -26.30 26.43 22.69
C ILE A 736 -26.73 26.57 24.14
N ILE A 737 -26.34 25.63 25.01
CA ILE A 737 -26.40 25.86 26.45
C ILE A 737 -24.91 25.91 26.74
N GLY A 738 -24.35 27.00 27.26
CA GLY A 738 -22.92 27.05 27.43
C GLY A 738 -22.46 28.01 28.50
N THR A 739 -21.18 27.89 28.76
CA THR A 739 -20.50 28.74 29.70
C THR A 739 -20.06 29.98 28.97
N VAL A 740 -19.84 31.09 29.67
CA VAL A 740 -19.48 32.33 29.01
C VAL A 740 -17.96 32.37 28.89
N ASP A 741 -17.61 31.64 27.85
CA ASP A 741 -16.24 31.30 27.54
C ASP A 741 -16.15 30.89 26.07
N GLY A 742 -14.95 30.97 25.51
CA GLY A 742 -14.63 30.51 24.17
C GLY A 742 -15.37 31.24 23.09
N ALA A 743 -15.71 30.44 22.08
CA ALA A 743 -16.47 30.95 20.97
C ALA A 743 -17.89 31.31 21.40
N ASN A 744 -18.38 30.85 22.55
CA ASN A 744 -19.70 31.19 23.03
C ASN A 744 -19.91 32.68 23.11
N VAL A 745 -18.92 33.41 23.65
CA VAL A 745 -18.95 34.87 23.75
C VAL A 745 -19.16 35.51 22.36
N GLU A 746 -18.36 35.21 21.33
CA GLU A 746 -18.60 35.79 20.03
C GLU A 746 -19.87 35.31 19.35
N ILE A 747 -20.31 34.05 19.54
CA ILE A 747 -21.62 33.58 19.03
C ILE A 747 -22.67 34.55 19.59
N THR A 748 -22.65 34.80 20.91
CA THR A 748 -23.61 35.65 21.59
C THR A 748 -23.64 37.06 21.03
N ARG A 749 -22.49 37.66 20.81
CA ARG A 749 -22.40 38.97 20.19
C ARG A 749 -23.17 38.98 18.86
N GLU A 750 -22.76 38.15 17.91
CA GLU A 750 -23.35 38.07 16.59
C GLU A 750 -24.82 37.70 16.55
N ILE A 751 -25.29 36.66 17.25
CA ILE A 751 -26.69 36.28 17.11
C ILE A 751 -27.58 36.86 18.19
N GLY A 752 -27.02 37.47 19.23
CA GLY A 752 -27.83 38.09 20.26
C GLY A 752 -27.91 37.26 21.54
N GLU A 753 -27.71 37.91 22.68
CA GLU A 753 -27.77 37.24 23.97
C GLU A 753 -29.08 36.50 24.23
N ASP A 754 -30.18 37.04 23.72
CA ASP A 754 -31.48 36.43 23.92
C ASP A 754 -31.66 35.11 23.17
N ASN A 755 -30.66 34.62 22.44
CA ASN A 755 -30.83 33.39 21.69
C ASN A 755 -29.93 32.27 22.18
N VAL A 756 -29.10 32.47 23.20
CA VAL A 756 -28.22 31.42 23.68
C VAL A 756 -28.59 31.18 25.16
N PHE A 757 -28.36 30.00 25.73
CA PHE A 757 -28.68 29.74 27.13
C PHE A 757 -27.36 29.68 27.87
N LEU A 758 -26.94 30.79 28.48
CA LEU A 758 -25.66 30.80 29.16
C LEU A 758 -25.89 30.62 30.65
N PHE A 759 -24.91 30.10 31.38
CA PHE A 759 -25.05 29.87 32.80
C PHE A 759 -23.64 29.79 33.37
N GLY A 760 -23.63 29.45 34.66
CA GLY A 760 -22.40 29.17 35.38
C GLY A 760 -21.57 30.40 35.65
N ASN A 761 -20.51 30.16 36.38
CA ASN A 761 -19.62 31.25 36.72
C ASN A 761 -18.80 31.70 35.54
N LEU A 762 -18.47 32.97 35.74
CA LEU A 762 -17.65 33.77 34.87
C LEU A 762 -16.21 33.53 35.29
N SER A 763 -15.24 33.83 34.42
CA SER A 763 -13.83 33.69 34.71
C SER A 763 -13.28 34.42 35.92
N GLU A 764 -13.78 35.62 36.28
CA GLU A 764 -13.23 36.35 37.42
C GLU A 764 -13.33 35.54 38.71
N ASN A 765 -14.54 35.02 38.85
CA ASN A 765 -14.92 34.21 39.98
C ASN A 765 -14.21 32.86 39.96
N VAL A 766 -13.55 32.37 38.90
CA VAL A 766 -12.97 31.04 38.87
C VAL A 766 -11.82 30.88 39.85
N GLU A 767 -10.85 31.80 39.87
CA GLU A 767 -9.71 31.67 40.79
C GLU A 767 -10.10 31.80 42.26
N GLU A 768 -11.12 32.60 42.57
CA GLU A 768 -11.55 32.70 43.95
C GLU A 768 -12.37 31.48 44.36
N LEU A 769 -13.29 31.01 43.53
CA LEU A 769 -14.11 29.86 43.88
C LEU A 769 -13.24 28.64 44.04
N ARG A 770 -12.18 28.59 43.23
CA ARG A 770 -11.21 27.53 43.28
C ARG A 770 -10.57 27.68 44.66
N TYR A 771 -10.00 28.83 45.07
CA TYR A 771 -9.38 29.02 46.39
C TYR A 771 -10.27 28.61 47.57
N ASN A 772 -11.48 29.15 47.63
CA ASN A 772 -12.42 28.82 48.68
C ASN A 772 -12.66 27.33 48.77
N HIS A 773 -12.50 26.57 47.67
CA HIS A 773 -12.73 25.14 47.72
C HIS A 773 -11.78 24.44 48.65
N GLN A 774 -10.54 24.93 48.69
CA GLN A 774 -9.53 24.25 49.48
C GLN A 774 -9.36 24.90 50.81
N TYR A 775 -9.03 26.20 50.85
CA TYR A 775 -8.69 26.86 52.09
C TYR A 775 -9.85 27.62 52.75
N HIS A 776 -11.10 27.17 52.57
CA HIS A 776 -12.29 27.72 53.21
C HIS A 776 -13.57 26.99 52.71
N PRO A 777 -13.60 25.64 52.62
CA PRO A 777 -14.68 24.93 51.96
C PRO A 777 -16.09 25.15 52.49
N GLN A 778 -17.00 25.34 51.54
CA GLN A 778 -18.43 25.32 51.80
C GLN A 778 -18.85 23.86 51.64
N ASP A 779 -20.09 23.52 51.25
CA ASP A 779 -20.47 22.11 51.10
C ASP A 779 -21.12 21.92 49.74
N LEU A 780 -21.27 20.65 49.31
CA LEU A 780 -21.90 20.35 48.03
C LEU A 780 -23.41 20.60 48.10
N PRO A 781 -24.05 21.09 47.04
CA PRO A 781 -25.51 21.17 46.93
C PRO A 781 -26.19 19.81 47.09
N SER A 782 -27.28 19.67 47.82
CA SER A 782 -28.00 18.40 47.93
C SER A 782 -28.23 17.67 46.61
N SER A 783 -28.53 18.39 45.54
CA SER A 783 -28.79 17.84 44.21
C SER A 783 -27.65 16.99 43.70
N LEU A 784 -26.49 17.64 43.78
CA LEU A 784 -25.25 17.02 43.37
C LEU A 784 -24.91 15.91 44.34
N ASP A 785 -25.17 16.11 45.64
CA ASP A 785 -24.86 15.09 46.61
C ASP A 785 -25.72 13.86 46.42
N SER A 786 -26.93 14.03 45.90
CA SER A 786 -27.78 12.90 45.61
C SER A 786 -27.10 12.14 44.50
N VAL A 787 -26.68 12.75 43.39
CA VAL A 787 -26.07 11.94 42.35
C VAL A 787 -24.73 11.38 42.78
N LEU A 788 -23.84 12.07 43.50
CA LEU A 788 -22.59 11.43 43.86
C LEU A 788 -22.76 10.22 44.78
N SER A 789 -23.75 10.24 45.68
CA SER A 789 -24.03 9.10 46.54
C SER A 789 -24.66 8.00 45.71
N TYR A 790 -25.48 8.36 44.72
CA TYR A 790 -26.14 7.34 43.90
C TYR A 790 -25.17 6.60 42.98
N ILE A 791 -23.94 7.07 42.80
CA ILE A 791 -23.03 6.29 41.99
C ILE A 791 -21.92 5.74 42.86
N GLU A 792 -21.98 5.98 44.16
CA GLU A 792 -20.92 5.56 45.08
C GLU A 792 -21.34 4.32 45.87
N GLN A 795 -24.00 5.45 37.62
CA GLN A 795 -25.21 5.02 38.31
C GLN A 795 -24.84 3.60 38.74
N PHE A 796 -25.51 3.08 39.78
CA PHE A 796 -25.35 1.76 40.38
C PHE A 796 -24.21 0.78 40.14
N SER A 797 -23.69 0.52 38.93
CA SER A 797 -22.54 -0.36 38.69
C SER A 797 -22.34 -1.61 39.57
N PRO A 798 -23.28 -2.56 39.61
CA PRO A 798 -23.31 -3.65 40.60
C PRO A 798 -22.08 -4.54 40.60
N GLU A 799 -21.53 -4.88 39.43
CA GLU A 799 -20.34 -5.72 39.36
C GLU A 799 -19.17 -5.13 40.16
N ASN A 800 -19.00 -3.80 40.17
CA ASN A 800 -17.87 -3.24 40.89
C ASN A 800 -18.37 -1.98 41.59
N PRO A 801 -19.02 -2.10 42.74
CA PRO A 801 -19.78 -1.01 43.35
C PRO A 801 -18.93 0.13 43.87
N ASN A 802 -17.70 0.32 43.38
CA ASN A 802 -16.90 1.47 43.75
C ASN A 802 -15.94 1.80 42.63
N GLU A 803 -16.31 1.43 41.40
CA GLU A 803 -15.54 1.75 40.21
C GLU A 803 -15.44 3.24 39.91
N PHE A 804 -16.56 3.98 40.10
CA PHE A 804 -16.64 5.39 39.79
C PHE A 804 -16.19 6.34 40.89
N LYS A 805 -15.48 5.79 41.87
CA LYS A 805 -15.02 6.53 43.04
C LYS A 805 -14.01 7.63 42.72
N PRO A 806 -12.91 7.52 41.96
CA PRO A 806 -11.99 8.62 41.68
C PRO A 806 -12.64 9.91 41.20
N LEU A 807 -13.72 9.78 40.42
CA LEU A 807 -14.49 10.90 39.91
C LEU A 807 -15.17 11.60 41.09
N VAL A 808 -15.99 10.88 41.87
CA VAL A 808 -16.69 11.41 43.04
C VAL A 808 -15.68 12.02 44.00
N ASP A 809 -14.59 11.35 44.33
CA ASP A 809 -13.61 11.94 45.21
C ASP A 809 -12.84 13.09 44.62
N SER A 810 -12.81 13.37 43.31
CA SER A 810 -12.08 14.56 42.88
C SER A 810 -12.92 15.77 43.28
N ILE A 811 -14.24 15.71 43.07
CA ILE A 811 -15.16 16.80 43.41
C ILE A 811 -15.25 16.97 44.93
N LYS A 812 -15.65 15.86 45.55
CA LYS A 812 -15.92 15.77 46.97
C LYS A 812 -14.72 15.86 47.90
N TYR A 813 -13.48 15.69 47.43
CA TYR A 813 -12.32 15.70 48.31
C TYR A 813 -11.10 16.28 47.65
N HIS A 814 -11.05 16.73 46.40
CA HIS A 814 -9.80 17.32 45.92
C HIS A 814 -10.08 18.66 45.27
N GLY A 815 -10.72 19.47 46.11
CA GLY A 815 -11.03 20.84 45.78
C GLY A 815 -11.89 21.09 44.55
N ASP A 816 -12.47 20.10 43.88
CA ASP A 816 -13.27 20.29 42.67
C ASP A 816 -12.77 21.43 41.78
N TYR A 817 -11.54 21.21 41.29
CA TYR A 817 -10.87 22.15 40.41
C TYR A 817 -11.65 22.56 39.17
N TYR A 818 -12.66 21.88 38.63
CA TYR A 818 -13.34 22.35 37.42
C TYR A 818 -14.71 22.92 37.71
N LEU A 819 -14.94 23.26 38.98
CA LEU A 819 -16.16 23.91 39.42
C LEU A 819 -17.48 23.23 39.07
N VAL A 820 -17.55 21.89 39.19
CA VAL A 820 -18.80 21.20 38.93
C VAL A 820 -19.85 21.60 39.98
N SER A 821 -19.48 21.61 41.26
CA SER A 821 -20.37 21.95 42.35
C SER A 821 -20.98 23.34 42.19
N ASP A 822 -20.11 24.24 41.73
CA ASP A 822 -20.48 25.65 41.65
C ASP A 822 -21.53 25.90 40.58
N ASP A 823 -21.32 25.24 39.45
CA ASP A 823 -22.23 25.44 38.34
C ASP A 823 -23.40 24.50 38.34
N PHE A 824 -23.47 23.47 39.20
CA PHE A 824 -24.51 22.46 39.10
C PHE A 824 -25.93 23.01 39.13
N GLU A 825 -26.24 23.84 40.11
CA GLU A 825 -27.57 24.39 40.24
C GLU A 825 -28.00 25.31 39.10
N SER A 826 -27.05 26.11 38.60
CA SER A 826 -27.29 27.03 37.51
C SER A 826 -27.56 26.21 36.27
N TYR A 827 -26.73 25.18 36.00
CA TYR A 827 -26.90 24.28 34.88
C TYR A 827 -28.30 23.65 34.86
N LEU A 828 -28.70 23.08 35.98
CA LEU A 828 -30.05 22.54 36.08
C LEU A 828 -31.14 23.60 35.87
N ALA A 829 -31.00 24.82 36.39
CA ALA A 829 -31.98 25.87 36.18
C ALA A 829 -32.15 26.25 34.72
N THR A 830 -31.06 26.35 34.00
CA THR A 830 -31.10 26.66 32.58
C THR A 830 -31.76 25.50 31.85
N HIS A 831 -31.57 24.25 32.32
CA HIS A 831 -32.18 23.15 31.64
C HIS A 831 -33.68 23.14 31.79
N GLU A 832 -34.18 23.54 32.97
CA GLU A 832 -35.61 23.73 33.20
C GLU A 832 -36.17 24.72 32.18
N LEU A 833 -35.44 25.83 31.97
CA LEU A 833 -35.79 26.80 30.93
C LEU A 833 -35.86 26.21 29.54
N VAL A 834 -34.78 25.55 29.09
CA VAL A 834 -34.70 24.91 27.78
C VAL A 834 -35.92 24.04 27.55
N ASP A 835 -36.18 23.17 28.52
CA ASP A 835 -37.26 22.23 28.42
C ASP A 835 -38.61 22.88 28.20
N GLN A 836 -38.89 23.97 28.92
CA GLN A 836 -40.18 24.61 28.78
C GLN A 836 -40.26 25.31 27.44
N GLU A 837 -39.21 26.03 27.07
CA GLU A 837 -39.09 26.73 25.80
C GLU A 837 -39.40 25.82 24.64
N PHE A 838 -38.63 24.74 24.50
CA PHE A 838 -38.76 23.81 23.39
C PHE A 838 -40.09 23.09 23.34
N HIS A 839 -40.51 22.46 24.43
CA HIS A 839 -41.71 21.65 24.32
C HIS A 839 -42.98 22.49 24.31
N ASN A 840 -43.04 23.49 25.17
CA ASN A 840 -44.27 24.21 25.34
C ASN A 840 -44.40 25.42 24.48
N GLN A 841 -43.32 26.06 24.03
CA GLN A 841 -43.50 27.20 23.15
C GLN A 841 -42.51 27.24 22.00
N ARG A 842 -42.67 26.19 21.20
CA ARG A 842 -41.87 25.95 20.02
C ARG A 842 -41.85 27.11 19.03
N SER A 843 -42.87 27.95 18.83
CA SER A 843 -42.72 29.10 17.94
C SER A 843 -41.66 30.09 18.39
N GLU A 844 -41.45 30.21 19.71
CA GLU A 844 -40.39 31.02 20.27
C GLU A 844 -39.07 30.29 20.02
N TRP A 845 -39.00 28.97 20.21
CA TRP A 845 -37.81 28.16 19.93
C TRP A 845 -37.34 28.28 18.48
N LEU A 846 -38.27 28.14 17.55
CA LEU A 846 -38.02 28.23 16.13
C LEU A 846 -37.54 29.61 15.69
N LYS A 847 -37.95 30.67 16.37
CA LYS A 847 -37.48 32.00 16.07
C LYS A 847 -36.03 32.07 16.49
N LYS A 848 -35.62 31.47 17.60
CA LYS A 848 -34.21 31.48 18.00
C LYS A 848 -33.32 30.79 16.99
N SER A 849 -33.80 29.66 16.46
CA SER A 849 -33.11 28.91 15.43
C SER A 849 -32.96 29.70 14.12
N VAL A 850 -34.03 30.33 13.58
CA VAL A 850 -33.96 31.10 12.32
C VAL A 850 -33.02 32.27 12.50
N LEU A 851 -33.14 32.98 13.61
CA LEU A 851 -32.25 34.08 13.86
C LEU A 851 -30.82 33.59 13.99
N SER A 852 -30.53 32.43 14.61
CA SER A 852 -29.18 31.90 14.66
C SER A 852 -28.56 31.83 13.27
N LEU A 853 -29.26 31.13 12.37
CA LEU A 853 -28.90 31.02 10.96
C LEU A 853 -28.62 32.33 10.27
N ALA A 854 -29.55 33.23 10.48
CA ALA A 854 -29.54 34.53 9.89
C ALA A 854 -28.29 35.31 10.26
N ASN A 855 -27.77 35.11 11.46
CA ASN A 855 -26.59 35.84 11.90
C ASN A 855 -25.31 35.01 12.08
N VAL A 856 -25.28 33.75 11.64
CA VAL A 856 -24.08 32.92 11.76
C VAL A 856 -22.99 33.33 10.78
N GLY A 857 -23.33 33.97 9.66
CA GLY A 857 -22.40 34.30 8.60
C GLY A 857 -21.03 34.86 8.92
N PHE A 858 -20.78 35.56 10.01
CA PHE A 858 -19.44 36.06 10.29
C PHE A 858 -18.49 34.89 10.53
N PHE A 859 -19.00 33.76 10.99
CA PHE A 859 -18.14 32.64 11.25
C PHE A 859 -17.85 31.84 9.99
N SER A 860 -17.99 32.40 8.78
CA SER A 860 -17.62 31.67 7.59
C SER A 860 -16.10 31.70 7.46
N SER A 861 -15.44 30.56 7.29
CA SER A 861 -13.99 30.51 7.12
C SER A 861 -13.51 31.33 5.92
N ASP A 862 -14.42 31.75 5.01
CA ASP A 862 -14.06 32.64 3.89
C ASP A 862 -13.67 34.01 4.39
N ARG A 863 -14.41 34.48 5.41
CA ARG A 863 -14.12 35.74 6.07
C ARG A 863 -12.82 35.55 6.85
N CYS A 864 -12.54 34.46 7.62
CA CYS A 864 -11.23 34.26 8.26
C CYS A 864 -10.10 34.39 7.24
N ILE A 865 -10.26 33.79 6.05
CA ILE A 865 -9.22 33.83 5.05
C ILE A 865 -9.12 35.22 4.44
N GLU A 866 -10.21 36.00 4.35
CA GLU A 866 -10.09 37.38 3.89
C GLU A 866 -9.20 38.16 4.85
N GLU A 867 -9.43 38.01 6.14
CA GLU A 867 -8.71 38.76 7.15
C GLU A 867 -7.25 38.40 7.14
N TYR A 868 -6.95 37.10 7.06
CA TYR A 868 -5.57 36.65 7.07
C TYR A 868 -4.86 37.18 5.85
N SER A 869 -5.48 37.05 4.68
CA SER A 869 -4.88 37.52 3.45
C SER A 869 -4.59 39.00 3.53
N ASP A 870 -5.49 39.81 4.08
CA ASP A 870 -5.25 41.23 4.08
C ASP A 870 -4.40 41.78 5.21
N THR A 871 -4.36 41.22 6.42
CA THR A 871 -3.54 41.86 7.42
C THR A 871 -2.17 41.22 7.59
N ILE A 872 -2.13 39.90 7.39
CA ILE A 872 -0.92 39.16 7.68
C ILE A 872 -0.16 38.78 6.43
N TRP A 873 -0.77 38.06 5.51
CA TRP A 873 -0.03 37.54 4.38
C TRP A 873 0.24 38.54 3.27
N ASN A 874 -0.64 39.53 3.16
CA ASN A 874 -0.64 40.56 2.13
C ASN A 874 -0.57 39.84 0.80
N VAL A 875 -1.60 39.02 0.65
CA VAL A 875 -1.72 38.15 -0.48
C VAL A 875 -3.00 38.53 -1.26
N GLU A 876 -2.98 38.49 -2.58
CA GLU A 876 -4.14 38.76 -3.42
C GLU A 876 -4.50 37.42 -4.09
N PRO A 877 -5.75 37.14 -4.43
CA PRO A 877 -6.14 36.05 -5.29
C PRO A 877 -5.53 36.09 -6.68
N VAL A 878 -5.11 34.97 -7.27
CA VAL A 878 -4.63 34.91 -8.64
C VAL A 878 -5.54 33.88 -9.29
N THR A 879 -6.64 34.36 -9.86
CA THR A 879 -7.64 33.51 -10.48
C THR A 879 -8.00 34.23 -11.78
N THR B 4 -24.81 -8.65 -5.20
CA THR B 4 -23.69 -8.33 -4.32
C THR B 4 -22.95 -9.64 -4.10
N ARG B 5 -21.88 -9.64 -3.31
CA ARG B 5 -21.07 -10.78 -2.88
C ARG B 5 -20.28 -11.61 -3.81
N ARG B 6 -20.69 -12.03 -5.01
CA ARG B 6 -19.82 -12.86 -5.74
C ARG B 6 -19.20 -12.21 -6.92
N LEU B 7 -17.92 -12.21 -6.75
CA LEU B 7 -17.08 -11.53 -7.66
C LEU B 7 -16.74 -12.28 -8.86
N THR B 8 -16.81 -13.60 -8.94
CA THR B 8 -16.48 -14.21 -10.16
C THR B 8 -17.58 -14.98 -10.85
N GLY B 9 -18.81 -14.86 -10.52
CA GLY B 9 -19.82 -15.49 -11.35
C GLY B 9 -21.07 -15.80 -10.68
N PHE B 10 -22.15 -15.44 -11.34
CA PHE B 10 -23.40 -15.69 -10.80
C PHE B 10 -23.85 -17.00 -11.39
N LEU B 11 -24.27 -17.92 -10.55
CA LEU B 11 -24.84 -19.17 -11.04
C LEU B 11 -25.99 -18.81 -11.94
N PRO B 12 -26.24 -19.40 -13.10
CA PRO B 12 -27.19 -18.95 -14.11
C PRO B 12 -28.53 -18.60 -13.63
N GLN B 13 -28.93 -19.44 -12.69
CA GLN B 13 -30.16 -19.34 -12.04
C GLN B 13 -30.30 -18.02 -11.33
N GLU B 14 -29.25 -17.61 -10.60
CA GLU B 14 -29.20 -16.40 -9.82
C GLU B 14 -29.48 -15.25 -10.77
N ILE B 15 -28.81 -15.18 -11.86
CA ILE B 15 -29.03 -14.15 -12.86
C ILE B 15 -30.42 -14.18 -13.42
N LYS B 16 -31.03 -15.31 -13.76
CA LYS B 16 -32.38 -15.33 -14.27
C LYS B 16 -33.34 -14.87 -13.27
N SER B 17 -33.04 -15.04 -12.00
CA SER B 17 -33.88 -14.52 -11.01
C SER B 17 -33.61 -13.01 -10.90
N ILE B 18 -32.43 -12.56 -10.50
CA ILE B 18 -32.07 -11.15 -10.27
C ILE B 18 -32.52 -10.19 -11.38
N ASP B 19 -32.26 -10.54 -12.61
CA ASP B 19 -32.57 -9.73 -13.78
C ASP B 19 -33.93 -9.19 -13.80
N THR B 20 -34.88 -9.97 -13.36
CA THR B 20 -36.21 -9.50 -13.40
C THR B 20 -36.44 -8.43 -12.37
N MET B 21 -35.75 -8.38 -11.24
CA MET B 21 -35.97 -7.34 -10.29
C MET B 21 -35.29 -5.99 -10.57
N ILE B 22 -34.48 -5.91 -11.55
CA ILE B 22 -33.79 -4.67 -11.85
C ILE B 22 -34.73 -3.89 -12.72
N PRO B 23 -35.09 -2.65 -12.43
CA PRO B 23 -35.90 -1.87 -13.33
C PRO B 23 -35.30 -1.69 -14.68
N LEU B 24 -36.15 -1.81 -15.69
CA LEU B 24 -35.79 -1.61 -17.05
C LEU B 24 -35.01 -0.33 -17.31
N LEU B 25 -35.24 0.79 -16.66
CA LEU B 25 -34.43 1.99 -16.87
C LEU B 25 -33.04 1.78 -16.33
N SER B 26 -32.82 1.17 -15.15
CA SER B 26 -31.50 0.95 -14.66
C SER B 26 -30.85 0.06 -15.63
N ARG B 27 -31.48 -1.04 -16.03
CA ARG B 27 -30.91 -1.95 -16.91
C ARG B 27 -30.61 -1.23 -18.21
N ALA B 28 -31.45 -0.38 -18.73
CA ALA B 28 -31.17 0.38 -19.92
C ALA B 28 -30.01 1.33 -19.73
N LEU B 29 -29.90 2.11 -18.67
CA LEU B 29 -28.82 3.04 -18.45
C LEU B 29 -27.55 2.31 -18.34
N TRP B 30 -27.52 1.27 -17.50
CA TRP B 30 -26.37 0.49 -17.27
C TRP B 30 -25.95 -0.06 -18.56
N ASN B 31 -26.91 -0.50 -19.35
CA ASN B 31 -26.62 -1.06 -20.60
C ASN B 31 -26.16 -0.02 -21.60
N LYS B 32 -26.59 1.21 -21.58
CA LYS B 32 -26.21 2.24 -22.50
C LYS B 32 -24.93 2.90 -22.01
N HIS B 33 -24.37 2.52 -20.87
CA HIS B 33 -23.13 3.10 -20.45
C HIS B 33 -22.21 2.00 -20.06
N GLN B 34 -22.43 0.74 -20.45
CA GLN B 34 -21.52 -0.28 -20.02
C GLN B 34 -20.34 -0.13 -20.86
N VAL B 35 -19.21 -0.31 -20.20
CA VAL B 35 -17.94 -0.12 -20.77
C VAL B 35 -17.77 -1.12 -21.87
N LYS B 36 -17.15 -0.67 -22.88
CA LYS B 36 -16.92 -1.52 -24.00
C LYS B 36 -15.44 -1.62 -24.09
N LYS B 37 -14.96 -2.60 -24.78
CA LYS B 37 -13.57 -2.76 -24.91
C LYS B 37 -13.07 -1.84 -25.96
N PHE B 38 -11.81 -1.45 -25.95
CA PHE B 38 -11.30 -0.60 -27.01
C PHE B 38 -11.54 -1.35 -28.29
N ASN B 39 -12.03 -0.58 -29.26
CA ASN B 39 -12.23 -1.07 -30.59
C ASN B 39 -11.34 -0.28 -31.48
N LYS B 40 -10.73 0.82 -31.04
CA LYS B 40 -10.00 1.66 -31.92
C LYS B 40 -8.97 2.42 -31.11
N ALA B 41 -7.94 2.98 -31.65
CA ALA B 41 -6.96 3.73 -30.86
C ALA B 41 -7.56 4.88 -30.13
N GLU B 42 -8.45 5.63 -30.74
CA GLU B 42 -9.07 6.71 -30.05
C GLU B 42 -9.61 6.27 -28.74
N ASP B 43 -10.13 5.05 -28.68
CA ASP B 43 -10.64 4.54 -27.46
C ASP B 43 -9.57 4.43 -26.40
N PHE B 44 -8.45 3.95 -26.75
CA PHE B 44 -7.40 3.86 -25.77
C PHE B 44 -6.98 5.27 -25.39
N GLN B 45 -6.93 6.23 -26.30
CA GLN B 45 -6.45 7.58 -25.99
C GLN B 45 -7.29 8.25 -25.02
N ASP B 46 -8.55 8.04 -25.20
CA ASP B 46 -9.45 8.59 -24.32
C ASP B 46 -9.29 8.02 -22.93
N ARG B 47 -9.03 6.74 -22.74
CA ARG B 47 -8.83 6.14 -21.42
C ARG B 47 -7.53 6.61 -20.80
N PHE B 48 -6.54 6.68 -21.60
CA PHE B 48 -5.27 7.09 -21.16
C PHE B 48 -5.33 8.51 -20.67
N ILE B 49 -5.86 9.46 -21.46
CA ILE B 49 -5.91 10.86 -21.07
C ILE B 49 -6.75 11.01 -19.91
N ASP B 50 -7.89 10.37 -19.85
CA ASP B 50 -8.64 10.46 -18.67
C ASP B 50 -7.84 9.92 -17.49
N HIS B 51 -7.11 8.84 -17.52
CA HIS B 51 -6.39 8.43 -16.33
C HIS B 51 -5.32 9.42 -15.95
N VAL B 52 -4.73 10.14 -16.86
CA VAL B 52 -3.69 11.08 -16.50
C VAL B 52 -4.27 12.19 -15.74
N GLU B 53 -5.34 12.71 -16.29
CA GLU B 53 -5.94 13.87 -15.77
C GLU B 53 -6.71 13.71 -14.53
N THR B 54 -7.33 12.57 -14.41
CA THR B 54 -8.12 12.25 -13.32
C THR B 54 -7.46 11.38 -12.26
N THR B 55 -7.05 10.16 -12.57
CA THR B 55 -6.48 9.23 -11.61
C THR B 55 -5.23 9.83 -11.08
N LEU B 56 -4.35 10.06 -11.98
CA LEU B 56 -3.07 10.58 -11.62
C LEU B 56 -3.05 12.10 -11.41
N ALA B 57 -4.13 12.79 -11.59
CA ALA B 57 -4.24 14.22 -11.39
C ALA B 57 -3.12 15.04 -11.96
N ARG B 58 -2.89 14.79 -13.22
CA ARG B 58 -1.75 15.27 -13.87
C ARG B 58 -2.14 15.93 -15.19
N SER B 59 -1.26 16.45 -15.99
CA SER B 59 -1.67 17.05 -17.24
C SER B 59 -0.69 16.78 -18.27
N LEU B 60 -0.95 17.25 -19.48
CA LEU B 60 -0.05 17.10 -20.55
C LEU B 60 1.29 17.62 -20.11
N TYR B 61 1.36 18.73 -19.40
CA TYR B 61 2.61 19.37 -19.05
C TYR B 61 3.45 18.67 -18.03
N ASN B 62 2.93 17.72 -17.28
CA ASN B 62 3.75 17.03 -16.34
C ASN B 62 3.48 15.54 -16.35
N CYS B 63 2.79 15.00 -17.36
CA CYS B 63 2.67 13.56 -17.47
C CYS B 63 3.90 13.03 -18.06
N ASP B 64 4.82 12.55 -17.21
CA ASP B 64 6.01 11.92 -17.62
C ASP B 64 5.85 10.43 -17.96
N ASP B 65 6.87 9.64 -18.13
CA ASP B 65 6.71 8.23 -18.46
C ASP B 65 6.21 7.30 -17.39
N MET B 66 6.60 7.47 -16.14
CA MET B 66 6.01 6.71 -15.06
C MET B 66 4.56 7.01 -15.08
N VAL B 67 4.16 8.27 -15.28
CA VAL B 67 2.78 8.60 -15.32
C VAL B 67 2.04 7.92 -16.47
N ALA B 68 2.65 7.94 -17.59
CA ALA B 68 2.09 7.37 -18.78
C ALA B 68 1.86 5.88 -18.59
N TYR B 69 2.79 5.19 -17.96
CA TYR B 69 2.71 3.76 -17.72
C TYR B 69 1.64 3.50 -16.76
N GLU B 70 1.67 4.12 -15.60
CA GLU B 70 0.62 4.00 -14.69
C GLU B 70 -0.71 4.15 -15.43
N ALA B 71 -0.87 5.17 -16.28
CA ALA B 71 -2.11 5.43 -16.97
C ALA B 71 -2.48 4.39 -18.01
N ALA B 72 -1.53 3.98 -18.77
CA ALA B 72 -1.74 3.02 -19.80
C ALA B 72 -2.06 1.69 -19.14
N SER B 73 -1.31 1.22 -18.14
CA SER B 73 -1.61 0.02 -17.39
C SER B 73 -2.99 0.04 -16.89
N MET B 74 -3.36 1.12 -16.23
CA MET B 74 -4.68 1.25 -15.80
C MET B 74 -5.64 1.08 -16.96
N SER B 75 -5.41 1.64 -18.14
CA SER B 75 -6.35 1.46 -19.25
C SER B 75 -6.46 0.00 -19.72
N ILE B 76 -5.38 -0.68 -19.87
CA ILE B 76 -5.40 -2.06 -20.31
C ILE B 76 -6.06 -2.94 -19.30
N ARG B 77 -5.72 -2.86 -18.01
CA ARG B 77 -6.35 -3.64 -17.02
C ARG B 77 -7.80 -3.43 -17.16
N ASP B 78 -8.30 -2.21 -17.43
CA ASP B 78 -9.70 -1.97 -17.62
C ASP B 78 -10.36 -2.84 -18.65
N ASN B 79 -9.73 -2.97 -19.75
CA ASN B 79 -10.17 -3.81 -20.84
C ASN B 79 -10.17 -5.25 -20.34
N LEU B 80 -9.10 -5.67 -19.66
CA LEU B 80 -8.98 -7.04 -19.18
C LEU B 80 -10.04 -7.40 -18.26
N VAL B 81 -10.30 -6.58 -17.28
CA VAL B 81 -11.34 -6.80 -16.35
C VAL B 81 -12.64 -7.13 -17.04
N ILE B 82 -13.02 -6.44 -18.14
CA ILE B 82 -14.22 -6.75 -18.87
C ILE B 82 -14.28 -8.22 -19.31
N ASP B 83 -13.26 -8.72 -19.92
CA ASP B 83 -13.22 -10.13 -20.24
C ASP B 83 -12.91 -11.05 -19.06
N TRP B 84 -12.18 -10.65 -18.01
CA TRP B 84 -11.98 -11.47 -16.82
C TRP B 84 -13.33 -11.73 -16.27
N ASN B 85 -14.17 -10.73 -16.19
CA ASN B 85 -15.46 -10.95 -15.71
C ASN B 85 -16.26 -11.87 -16.60
N LYS B 86 -16.34 -11.67 -17.91
CA LYS B 86 -17.07 -12.59 -18.78
C LYS B 86 -16.66 -14.03 -18.62
N THR B 87 -15.39 -14.29 -18.59
CA THR B 87 -14.85 -15.63 -18.54
C THR B 87 -15.19 -16.35 -17.29
N GLN B 88 -15.00 -15.69 -16.17
CA GLN B 88 -15.33 -16.24 -14.90
C GLN B 88 -16.78 -16.56 -14.87
N GLN B 89 -17.60 -15.76 -15.52
CA GLN B 89 -18.99 -16.02 -15.54
C GLN B 89 -19.26 -17.17 -16.46
N LYS B 90 -18.63 -17.30 -17.58
CA LYS B 90 -18.89 -18.43 -18.46
C LYS B 90 -18.64 -19.71 -17.69
N PHE B 91 -17.51 -19.85 -17.00
CA PHE B 91 -17.20 -21.05 -16.25
C PHE B 91 -18.18 -21.28 -15.19
N THR B 92 -18.60 -20.28 -14.46
CA THR B 92 -19.61 -20.46 -13.52
C THR B 92 -20.88 -20.99 -14.19
N THR B 93 -21.30 -20.37 -15.30
CA THR B 93 -22.47 -20.80 -16.02
C THR B 93 -22.32 -22.16 -16.62
N ARG B 94 -21.17 -22.53 -17.03
CA ARG B 94 -21.03 -23.79 -17.69
C ARG B 94 -20.48 -24.91 -16.82
N ASP B 95 -20.08 -24.64 -15.60
CA ASP B 95 -19.48 -25.59 -14.68
C ASP B 95 -18.62 -26.71 -15.18
N PRO B 96 -17.58 -26.41 -15.90
CA PRO B 96 -16.76 -27.42 -16.40
C PRO B 96 -15.83 -27.91 -15.30
N LYS B 97 -15.11 -29.00 -15.50
CA LYS B 97 -14.12 -29.40 -14.52
C LYS B 97 -13.06 -28.32 -14.58
N ARG B 98 -12.48 -27.92 -13.46
CA ARG B 98 -11.54 -26.85 -13.38
C ARG B 98 -10.25 -27.41 -12.86
N VAL B 99 -9.23 -26.70 -13.21
CA VAL B 99 -7.90 -27.07 -12.85
C VAL B 99 -7.39 -26.03 -11.87
N TYR B 100 -6.73 -26.38 -10.77
CA TYR B 100 -6.17 -25.41 -9.87
C TYR B 100 -4.75 -25.82 -9.84
N TYR B 101 -3.93 -24.83 -10.09
CA TYR B 101 -2.57 -25.04 -10.23
C TYR B 101 -1.91 -24.42 -9.02
N LEU B 102 -1.45 -25.20 -8.04
CA LEU B 102 -0.81 -24.60 -6.88
C LEU B 102 0.64 -24.52 -7.05
N SER B 103 1.20 -23.34 -6.96
CA SER B 103 2.59 -23.19 -7.09
C SER B 103 3.09 -22.17 -6.09
N LEU B 104 4.23 -22.47 -5.50
CA LEU B 104 4.84 -21.57 -4.53
C LEU B 104 5.45 -20.35 -5.17
N GLU B 105 5.65 -20.37 -6.45
CA GLU B 105 6.21 -19.22 -7.08
C GLU B 105 5.67 -19.15 -8.49
N PHE B 106 5.38 -17.95 -8.95
CA PHE B 106 4.86 -17.71 -10.27
C PHE B 106 5.77 -16.59 -10.71
N LEU B 107 6.61 -16.86 -11.64
CA LEU B 107 7.53 -15.86 -12.09
C LEU B 107 6.82 -15.13 -13.20
N MET B 108 6.00 -14.22 -12.81
CA MET B 108 5.19 -13.51 -13.78
C MET B 108 5.91 -12.51 -14.66
N GLY B 109 6.98 -11.86 -14.22
CA GLY B 109 7.65 -10.93 -15.08
C GLY B 109 6.95 -9.60 -15.19
N ARG B 110 6.82 -8.93 -16.33
CA ARG B 110 6.12 -7.68 -16.45
C ARG B 110 4.88 -7.87 -17.33
N ALA B 111 3.82 -7.42 -16.78
CA ALA B 111 2.54 -7.61 -17.39
C ALA B 111 2.11 -6.76 -18.56
N LEU B 112 2.38 -5.46 -18.65
CA LEU B 112 1.88 -4.64 -19.78
C LEU B 112 2.03 -5.14 -21.17
N ASP B 113 3.18 -5.45 -21.64
CA ASP B 113 3.23 -5.74 -23.04
C ASP B 113 2.54 -7.03 -23.43
N ASN B 114 2.62 -7.98 -22.50
CA ASN B 114 1.95 -9.22 -22.65
C ASN B 114 0.50 -8.95 -22.83
N ALA B 115 -0.05 -8.00 -22.13
CA ALA B 115 -1.41 -7.66 -22.32
C ALA B 115 -1.68 -7.02 -23.66
N LEU B 116 -0.76 -6.24 -24.15
CA LEU B 116 -0.95 -5.62 -25.44
C LEU B 116 -1.02 -6.63 -26.56
N ILE B 117 -0.25 -7.68 -26.42
CA ILE B 117 -0.21 -8.75 -27.38
C ILE B 117 -1.39 -9.65 -27.21
N ASN B 118 -1.74 -10.10 -26.04
CA ASN B 118 -2.85 -10.97 -25.92
C ASN B 118 -4.03 -10.11 -25.83
N MET B 119 -4.35 -9.35 -26.88
CA MET B 119 -5.43 -8.44 -26.85
C MET B 119 -6.23 -8.61 -28.11
N LYS B 120 -7.40 -9.15 -28.03
CA LYS B 120 -8.31 -9.30 -29.18
C LYS B 120 -9.11 -8.05 -29.38
N ILE B 121 -9.40 -7.69 -30.62
CA ILE B 121 -10.20 -6.55 -31.00
C ILE B 121 -11.31 -7.19 -31.85
N PRO B 134 -3.81 -5.25 -29.86
CA PRO B 134 -2.76 -5.06 -30.75
C PRO B 134 -1.87 -3.94 -30.30
N ARG B 135 -0.68 -4.40 -30.06
CA ARG B 135 0.41 -3.55 -29.74
C ARG B 135 0.51 -2.38 -30.70
N GLU B 136 0.26 -2.54 -32.00
CA GLU B 136 0.41 -1.41 -32.90
C GLU B 136 -0.61 -0.35 -32.77
N MET B 137 -1.82 -0.71 -32.48
CA MET B 137 -2.81 0.30 -32.30
C MET B 137 -2.45 1.15 -31.08
N ILE B 138 -2.15 0.49 -29.95
CA ILE B 138 -1.76 1.13 -28.70
C ILE B 138 -0.52 1.94 -28.91
N LYS B 139 0.40 1.34 -29.54
CA LYS B 139 1.63 1.96 -29.87
C LYS B 139 1.37 3.28 -30.56
N GLY B 140 0.44 3.22 -31.51
CA GLY B 140 0.06 4.38 -32.31
C GLY B 140 -0.47 5.44 -31.46
N ALA B 141 -1.45 5.01 -30.75
CA ALA B 141 -2.14 5.87 -29.90
C ALA B 141 -1.21 6.60 -28.94
N LEU B 142 -0.25 5.94 -28.36
CA LEU B 142 0.61 6.51 -27.35
C LEU B 142 1.52 7.54 -27.94
N ASP B 143 2.03 7.20 -29.06
CA ASP B 143 2.90 8.08 -29.77
C ASP B 143 2.19 9.36 -30.12
N GLU B 144 0.94 9.33 -30.50
CA GLU B 144 0.23 10.56 -30.80
C GLU B 144 0.07 11.42 -29.60
N LEU B 145 0.11 10.83 -28.43
CA LEU B 145 -0.04 11.59 -27.25
C LEU B 145 1.27 12.06 -26.68
N GLY B 146 2.32 11.58 -27.20
CA GLY B 146 3.60 12.08 -26.79
C GLY B 146 4.47 11.00 -26.21
N PHE B 147 4.05 9.74 -26.32
CA PHE B 147 4.77 8.68 -25.65
C PHE B 147 5.28 7.57 -26.47
N LYS B 148 6.50 7.29 -26.12
CA LYS B 148 7.14 6.19 -26.70
C LYS B 148 6.79 4.99 -25.86
N LEU B 149 6.03 4.01 -26.41
CA LEU B 149 5.65 2.78 -25.74
C LEU B 149 6.80 2.18 -24.98
N GLU B 150 7.89 1.97 -25.64
CA GLU B 150 9.04 1.37 -24.98
C GLU B 150 9.55 2.12 -23.77
N ASP B 151 9.44 3.44 -23.75
CA ASP B 151 9.80 4.18 -22.57
C ASP B 151 8.81 3.95 -21.51
N VAL B 152 7.54 3.76 -21.83
CA VAL B 152 6.64 3.57 -20.78
C VAL B 152 6.69 2.12 -20.31
N LEU B 153 7.07 1.19 -21.12
CA LEU B 153 7.12 -0.24 -20.78
C LEU B 153 8.14 -0.45 -19.68
N ASP B 154 9.23 0.28 -19.78
CA ASP B 154 10.25 0.19 -18.78
C ASP B 154 9.94 0.67 -17.42
N GLN B 155 8.85 1.32 -17.26
CA GLN B 155 8.60 1.78 -15.95
C GLN B 155 8.12 0.65 -15.07
N GLU B 156 7.85 -0.54 -15.58
CA GLU B 156 7.19 -1.55 -14.83
C GLU B 156 8.12 -2.44 -14.05
N PRO B 157 8.04 -2.61 -12.77
CA PRO B 157 8.82 -3.58 -12.02
C PRO B 157 8.32 -4.97 -12.30
N ASP B 158 9.21 -5.89 -12.45
CA ASP B 158 8.86 -7.29 -12.59
C ASP B 158 8.26 -7.79 -11.31
N ALA B 159 7.16 -8.52 -11.40
CA ALA B 159 6.51 -8.99 -10.24
C ALA B 159 7.41 -9.91 -9.47
N GLY B 160 7.63 -9.59 -8.21
CA GLY B 160 8.49 -10.33 -7.30
C GLY B 160 7.74 -11.46 -6.70
N LEU B 161 7.20 -12.33 -7.54
CA LEU B 161 6.35 -13.39 -7.13
C LEU B 161 6.90 -14.76 -7.35
N GLY B 162 8.11 -14.89 -7.75
CA GLY B 162 8.65 -16.20 -7.99
C GLY B 162 10.11 -16.03 -7.98
N ASN B 163 10.79 -17.05 -8.38
CA ASN B 163 12.19 -16.93 -8.43
C ASN B 163 12.74 -17.71 -9.55
N GLY B 164 12.88 -19.01 -9.46
CA GLY B 164 13.43 -19.77 -10.50
C GLY B 164 12.37 -20.40 -11.39
N GLY B 165 12.83 -21.37 -12.13
CA GLY B 165 12.06 -22.09 -13.11
C GLY B 165 10.81 -22.70 -12.60
N LEU B 166 10.77 -23.16 -11.35
CA LEU B 166 9.56 -23.69 -10.85
C LEU B 166 8.40 -22.76 -11.06
N GLY B 167 8.69 -21.48 -10.80
CA GLY B 167 7.73 -20.43 -10.89
C GLY B 167 7.50 -20.01 -12.31
N ARG B 168 8.52 -20.03 -13.07
CA ARG B 168 8.33 -19.66 -14.44
C ARG B 168 7.49 -20.73 -15.14
N LEU B 169 7.54 -22.01 -14.72
CA LEU B 169 6.76 -23.08 -15.32
C LEU B 169 5.36 -22.84 -15.00
N ALA B 170 5.12 -22.45 -13.78
CA ALA B 170 3.80 -22.13 -13.44
C ALA B 170 3.28 -20.94 -14.25
N ALA B 171 4.12 -19.97 -14.52
CA ALA B 171 3.76 -18.78 -15.28
C ALA B 171 3.37 -19.12 -16.69
N CYS B 172 4.19 -19.79 -17.42
CA CYS B 172 3.88 -20.19 -18.78
C CYS B 172 2.61 -20.99 -18.89
N PHE B 173 2.45 -21.92 -17.97
CA PHE B 173 1.27 -22.73 -17.92
C PHE B 173 0.06 -21.88 -17.82
N VAL B 174 0.05 -20.99 -16.87
CA VAL B 174 -1.02 -20.08 -16.71
C VAL B 174 -1.40 -19.39 -18.03
N ASP B 175 -0.44 -18.95 -18.75
CA ASP B 175 -0.73 -18.34 -20.05
C ASP B 175 -1.41 -19.32 -21.00
N SER B 176 -0.88 -20.54 -21.12
CA SER B 176 -1.44 -21.50 -22.05
C SER B 176 -2.81 -22.00 -21.69
N MET B 177 -3.05 -22.14 -20.42
CA MET B 177 -4.33 -22.55 -20.03
C MET B 177 -5.28 -21.47 -20.48
N ALA B 178 -4.93 -20.19 -20.32
CA ALA B 178 -5.78 -19.09 -20.73
C ALA B 178 -6.00 -19.04 -22.20
N THR B 179 -5.01 -19.29 -22.96
CA THR B 179 -5.19 -19.29 -24.40
C THR B 179 -6.11 -20.41 -24.82
N GLU B 180 -5.95 -21.56 -24.18
CA GLU B 180 -6.74 -22.73 -24.51
C GLU B 180 -8.10 -22.75 -23.97
N GLY B 181 -8.51 -21.72 -23.28
CA GLY B 181 -9.78 -21.71 -22.70
C GLY B 181 -9.95 -22.87 -21.74
N ILE B 182 -8.92 -23.32 -21.03
CA ILE B 182 -8.98 -24.40 -20.07
C ILE B 182 -9.40 -23.69 -18.83
N PRO B 183 -10.37 -24.10 -18.08
CA PRO B 183 -10.74 -23.40 -16.91
C PRO B 183 -9.75 -23.59 -15.74
N ALA B 184 -8.67 -22.84 -15.74
CA ALA B 184 -7.70 -22.94 -14.68
C ALA B 184 -7.37 -21.62 -13.96
N TRP B 185 -7.09 -21.80 -12.67
CA TRP B 185 -6.70 -20.76 -11.78
C TRP B 185 -5.42 -21.17 -11.13
N GLY B 186 -4.54 -20.20 -10.88
CA GLY B 186 -3.33 -20.48 -10.16
C GLY B 186 -3.39 -19.90 -8.78
N TYR B 187 -2.91 -20.52 -7.72
CA TYR B 187 -2.93 -19.94 -6.43
C TYR B 187 -1.53 -19.82 -5.94
N GLY B 188 -1.14 -18.73 -5.28
CA GLY B 188 0.20 -18.54 -4.77
C GLY B 188 0.30 -17.51 -3.69
N LEU B 189 1.45 -16.88 -3.45
CA LEU B 189 1.63 -15.90 -2.40
C LEU B 189 2.06 -14.56 -2.97
N ARG B 190 1.73 -13.45 -2.39
CA ARG B 190 2.05 -12.17 -2.93
C ARG B 190 3.21 -11.71 -2.08
N TYR B 191 4.40 -12.03 -2.46
CA TYR B 191 5.55 -11.63 -1.69
C TYR B 191 5.73 -10.12 -1.73
N GLU B 192 5.91 -9.42 -0.63
CA GLU B 192 6.16 -7.98 -0.70
C GLU B 192 7.46 -7.63 -1.24
N TYR B 193 8.44 -8.41 -0.85
CA TYR B 193 9.75 -8.05 -1.17
C TYR B 193 10.43 -8.98 -2.06
N GLY B 194 9.75 -9.89 -2.76
CA GLY B 194 10.40 -10.77 -3.66
C GLY B 194 11.19 -11.81 -2.90
N ILE B 195 12.19 -12.35 -3.48
CA ILE B 195 13.02 -13.29 -2.76
C ILE B 195 14.07 -12.38 -2.15
N PHE B 196 14.59 -11.49 -2.96
CA PHE B 196 15.51 -10.41 -2.66
C PHE B 196 15.87 -9.87 -4.00
N ALA B 197 16.69 -8.85 -4.06
CA ALA B 197 17.11 -8.25 -5.27
C ALA B 197 18.58 -8.11 -5.10
N GLN B 198 19.23 -8.27 -6.19
CA GLN B 198 20.63 -8.35 -6.17
C GLN B 198 21.31 -7.10 -6.67
N LYS B 199 22.26 -6.61 -5.89
CA LYS B 199 23.08 -5.53 -6.33
C LYS B 199 24.43 -6.14 -6.29
N ILE B 200 25.23 -5.91 -7.26
CA ILE B 200 26.55 -6.38 -7.13
C ILE B 200 27.38 -5.21 -6.61
N ILE B 201 27.74 -5.21 -5.34
CA ILE B 201 28.50 -4.15 -4.72
C ILE B 201 29.85 -4.69 -4.50
N ASP B 202 30.72 -4.03 -5.19
CA ASP B 202 32.11 -4.34 -5.14
C ASP B 202 32.40 -5.76 -5.56
N GLY B 203 31.63 -6.22 -6.55
CA GLY B 203 31.80 -7.54 -7.09
C GLY B 203 31.14 -8.65 -6.31
N TYR B 204 30.54 -8.28 -5.25
CA TYR B 204 29.84 -9.19 -4.42
C TYR B 204 28.38 -8.99 -4.60
N GLN B 205 27.60 -9.99 -4.33
CA GLN B 205 26.19 -9.86 -4.42
C GLN B 205 25.82 -9.30 -3.11
N VAL B 206 25.01 -8.30 -3.08
CA VAL B 206 24.53 -7.87 -1.84
C VAL B 206 23.06 -8.02 -2.11
N GLU B 207 22.41 -8.56 -1.13
CA GLU B 207 21.02 -8.80 -1.21
C GLU B 207 20.37 -7.56 -0.79
N THR B 208 19.27 -7.21 -1.42
CA THR B 208 18.53 -6.01 -1.17
C THR B 208 17.08 -6.37 -1.17
N PRO B 209 16.17 -5.66 -0.58
CA PRO B 209 14.79 -5.95 -0.76
C PRO B 209 14.34 -5.63 -2.17
N ASP B 210 13.62 -6.58 -2.79
CA ASP B 210 13.02 -6.37 -4.08
C ASP B 210 11.76 -5.64 -3.90
N TYR B 211 11.85 -4.31 -3.86
CA TYR B 211 10.76 -3.41 -3.70
C TYR B 211 9.84 -3.27 -4.93
N TRP B 212 9.26 -4.34 -5.48
CA TRP B 212 8.42 -4.19 -6.66
C TRP B 212 7.10 -3.55 -6.45
N LEU B 213 6.63 -3.38 -5.25
CA LEU B 213 5.37 -2.72 -5.07
C LEU B 213 5.50 -1.28 -4.62
N ASN B 214 6.62 -0.64 -4.83
CA ASN B 214 6.85 0.71 -4.34
C ASN B 214 5.91 1.74 -4.84
N SER B 215 5.33 1.59 -6.01
CA SER B 215 4.43 2.58 -6.52
C SER B 215 3.22 1.75 -6.89
N GLY B 216 2.80 1.02 -5.90
CA GLY B 216 1.66 0.17 -6.06
C GLY B 216 1.84 -0.86 -7.10
N ASN B 217 0.78 -1.27 -7.79
CA ASN B 217 0.81 -2.28 -8.80
C ASN B 217 -0.41 -2.14 -9.68
N PRO B 218 -0.39 -1.63 -10.89
CA PRO B 218 -1.58 -1.31 -11.62
C PRO B 218 -2.25 -2.55 -12.16
N TRP B 219 -1.70 -3.75 -12.04
CA TRP B 219 -2.38 -4.91 -12.62
C TRP B 219 -3.22 -5.75 -11.71
N GLU B 220 -3.15 -5.59 -10.40
CA GLU B 220 -3.88 -6.47 -9.52
C GLU B 220 -5.26 -6.00 -9.38
N ILE B 221 -6.05 -6.91 -8.85
CA ILE B 221 -7.28 -6.51 -8.37
C ILE B 221 -7.06 -6.92 -6.92
N GLU B 222 -7.03 -5.99 -5.97
CA GLU B 222 -6.89 -6.33 -4.57
C GLU B 222 -8.25 -6.77 -4.18
N ARG B 223 -8.53 -8.03 -3.80
CA ARG B 223 -9.86 -8.42 -3.46
C ARG B 223 -9.93 -8.37 -1.97
N ASN B 224 -10.02 -7.18 -1.43
CA ASN B 224 -10.13 -7.02 -0.01
C ASN B 224 -11.26 -7.79 0.59
N GLU B 225 -12.18 -8.22 -0.27
CA GLU B 225 -13.32 -9.03 0.00
C GLU B 225 -12.97 -10.46 0.37
N VAL B 226 -12.04 -11.07 -0.26
CA VAL B 226 -11.69 -12.44 -0.01
C VAL B 226 -10.65 -12.45 1.08
N GLN B 227 -11.00 -12.73 2.30
CA GLN B 227 -10.08 -12.90 3.43
C GLN B 227 -10.19 -14.26 4.10
N ILE B 228 -9.36 -15.24 3.89
CA ILE B 228 -9.43 -16.57 4.49
C ILE B 228 -8.68 -16.56 5.82
N PRO B 229 -9.12 -17.00 6.98
CA PRO B 229 -8.30 -17.29 8.19
C PRO B 229 -7.51 -18.57 8.10
N VAL B 230 -6.31 -18.59 8.66
CA VAL B 230 -5.42 -19.70 8.57
C VAL B 230 -4.87 -19.85 9.98
N THR B 231 -4.65 -21.06 10.46
CA THR B 231 -4.33 -21.29 11.86
C THR B 231 -3.06 -22.03 12.10
N PHE B 232 -2.34 -21.68 13.16
CA PHE B 232 -1.15 -22.38 13.45
C PHE B 232 -1.11 -22.76 14.89
N TYR B 233 -0.37 -23.81 15.21
CA TYR B 233 -0.12 -24.34 16.53
C TYR B 233 -1.39 -24.90 17.02
N GLY B 234 -1.52 -24.98 18.31
CA GLY B 234 -2.74 -25.40 18.86
C GLY B 234 -2.73 -26.85 19.27
N TYR B 235 -3.89 -27.38 19.46
CA TYR B 235 -4.01 -28.75 19.85
C TYR B 235 -5.23 -29.34 19.21
N VAL B 236 -5.21 -30.67 19.13
CA VAL B 236 -6.35 -31.38 18.61
C VAL B 236 -6.88 -31.89 19.88
N ASP B 237 -8.16 -31.89 19.86
CA ASP B 237 -8.91 -32.37 20.92
C ASP B 237 -9.91 -33.21 20.14
N ARG B 238 -10.12 -34.41 20.62
CA ARG B 238 -11.12 -35.26 20.02
C ARG B 238 -12.32 -35.07 20.83
N PRO B 239 -12.54 -35.69 22.00
CA PRO B 239 -11.89 -35.37 23.27
C PRO B 239 -10.40 -35.47 23.35
N THR B 244 -8.92 -42.11 18.61
CA THR B 244 -8.54 -42.54 17.33
C THR B 244 -8.75 -41.47 16.26
N THR B 245 -7.62 -41.05 15.81
CA THR B 245 -7.46 -40.07 14.76
C THR B 245 -8.47 -40.06 13.63
N LEU B 246 -8.94 -41.25 13.21
CA LEU B 246 -9.85 -41.39 12.08
C LEU B 246 -11.06 -40.56 12.16
N SER B 247 -11.36 -40.10 13.32
CA SER B 247 -12.58 -39.47 13.50
C SER B 247 -12.52 -37.97 13.37
N ALA B 248 -13.64 -37.37 13.08
CA ALA B 248 -13.70 -35.92 12.99
C ALA B 248 -13.20 -35.38 14.32
N SER B 249 -12.13 -34.66 14.25
CA SER B 249 -11.44 -34.11 15.40
C SER B 249 -11.47 -32.60 15.34
N GLN B 250 -11.20 -31.92 16.43
CA GLN B 250 -11.21 -30.47 16.44
C GLN B 250 -9.84 -29.93 16.70
N TRP B 251 -9.41 -29.11 15.77
CA TRP B 251 -8.16 -28.44 15.94
C TRP B 251 -8.45 -27.08 16.54
N ILE B 252 -8.00 -26.92 17.76
CA ILE B 252 -8.10 -25.66 18.45
C ILE B 252 -6.72 -25.13 18.34
N GLY B 253 -6.51 -24.35 17.30
CA GLY B 253 -5.24 -23.80 17.02
C GLY B 253 -4.77 -22.67 17.91
N GLY B 254 -3.57 -22.21 17.80
CA GLY B 254 -3.06 -21.17 18.65
C GLY B 254 -2.79 -19.83 17.97
N GLU B 255 -2.75 -19.69 16.68
CA GLU B 255 -2.49 -18.40 16.06
C GLU B 255 -3.36 -18.38 14.82
N ARG B 256 -3.81 -17.22 14.36
CA ARG B 256 -4.62 -17.16 13.15
C ARG B 256 -4.14 -15.95 12.42
N VAL B 257 -3.96 -16.08 11.15
CA VAL B 257 -3.54 -14.97 10.33
C VAL B 257 -4.59 -14.87 9.24
N LEU B 258 -4.54 -13.85 8.38
CA LEU B 258 -5.55 -13.73 7.35
C LEU B 258 -4.96 -13.76 6.04
N ALA B 259 -5.60 -14.39 5.07
CA ALA B 259 -5.11 -14.47 3.76
C ALA B 259 -6.03 -13.58 2.93
N VAL B 260 -5.53 -12.53 2.31
CA VAL B 260 -6.33 -11.65 1.49
C VAL B 260 -5.88 -11.92 0.12
N ALA B 261 -6.80 -12.14 -0.82
CA ALA B 261 -6.52 -12.41 -2.18
C ALA B 261 -6.28 -11.17 -3.01
N TYR B 262 -5.45 -11.33 -3.98
CA TYR B 262 -5.16 -10.34 -4.98
C TYR B 262 -5.27 -11.09 -6.28
N ASP B 263 -6.10 -10.60 -7.19
CA ASP B 263 -6.31 -11.18 -8.48
C ASP B 263 -5.56 -10.55 -9.58
N PHE B 264 -4.92 -11.39 -10.27
CA PHE B 264 -4.17 -10.94 -11.37
C PHE B 264 -4.88 -11.55 -12.58
N PRO B 265 -5.42 -10.80 -13.54
CA PRO B 265 -6.03 -11.33 -14.74
C PRO B 265 -5.02 -11.93 -15.63
N VAL B 266 -5.31 -12.99 -16.38
CA VAL B 266 -4.36 -13.61 -17.21
C VAL B 266 -4.95 -13.77 -18.62
N PRO B 267 -4.52 -13.00 -19.60
CA PRO B 267 -4.99 -13.09 -20.96
C PRO B 267 -4.42 -14.28 -21.61
N GLY B 268 -5.14 -14.69 -22.68
CA GLY B 268 -4.84 -15.78 -23.55
C GLY B 268 -4.70 -15.21 -24.94
N PHE B 269 -3.99 -15.79 -25.83
CA PHE B 269 -3.81 -15.23 -27.15
C PHE B 269 -5.01 -15.52 -28.03
N LYS B 270 -5.59 -14.46 -28.54
CA LYS B 270 -6.76 -14.50 -29.41
C LYS B 270 -8.02 -14.94 -28.77
N THR B 271 -8.01 -15.30 -27.52
CA THR B 271 -9.19 -15.64 -26.87
C THR B 271 -9.65 -14.36 -26.27
N SER B 272 -10.81 -14.34 -25.80
CA SER B 272 -11.17 -13.25 -24.97
C SER B 272 -11.37 -13.88 -23.62
N ASN B 273 -10.77 -15.03 -23.39
CA ASN B 273 -10.93 -15.84 -22.20
C ASN B 273 -9.81 -15.28 -21.35
N VAL B 274 -10.11 -14.78 -20.20
CA VAL B 274 -9.10 -14.26 -19.30
C VAL B 274 -9.27 -15.05 -18.04
N ASN B 275 -8.23 -15.76 -17.68
CA ASN B 275 -8.20 -16.58 -16.52
C ASN B 275 -7.54 -15.89 -15.36
N ASN B 276 -7.41 -16.48 -14.19
CA ASN B 276 -6.99 -15.75 -13.05
C ASN B 276 -5.91 -16.39 -12.20
N LEU B 277 -5.11 -15.51 -11.60
CA LEU B 277 -4.07 -15.91 -10.68
C LEU B 277 -4.50 -15.29 -9.42
N ARG B 278 -4.60 -16.06 -8.34
CA ARG B 278 -4.99 -15.51 -7.12
C ARG B 278 -3.86 -15.71 -6.13
N LEU B 279 -3.37 -14.60 -5.61
CA LEU B 279 -2.23 -14.61 -4.72
C LEU B 279 -2.70 -14.19 -3.38
N TRP B 280 -2.09 -14.65 -2.29
CA TRP B 280 -2.49 -14.32 -1.00
C TRP B 280 -1.47 -13.45 -0.31
N GLN B 281 -1.89 -12.49 0.45
CA GLN B 281 -1.06 -11.64 1.30
C GLN B 281 -1.41 -11.99 2.69
N ALA B 282 -0.49 -12.13 3.66
CA ALA B 282 -0.86 -12.46 5.00
C ALA B 282 -1.10 -11.21 5.75
N ARG B 283 -2.13 -11.14 6.50
CA ARG B 283 -2.41 -9.97 7.27
C ARG B 283 -2.66 -10.42 8.67
N PRO B 284 -2.40 -9.62 9.71
CA PRO B 284 -2.68 -9.93 11.07
C PRO B 284 -4.13 -9.92 11.31
N THR B 285 -4.55 -10.61 12.34
CA THR B 285 -5.93 -10.58 12.61
C THR B 285 -6.10 -9.26 13.29
N THR B 286 -5.09 -8.73 13.96
CA THR B 286 -5.17 -7.46 14.60
C THR B 286 -4.06 -6.59 14.16
N GLU B 287 -4.40 -5.56 13.39
CA GLU B 287 -3.45 -4.66 12.83
C GLU B 287 -2.69 -3.83 13.85
N PHE B 288 -3.41 -3.05 14.57
CA PHE B 288 -2.84 -2.18 15.58
C PHE B 288 -3.39 -2.51 16.93
N ASP B 289 -2.57 -2.49 17.96
CA ASP B 289 -3.02 -2.71 19.27
C ASP B 289 -2.87 -1.40 20.02
N LEU B 290 -3.90 -0.60 20.13
CA LEU B 290 -3.83 0.68 20.81
C LEU B 290 -3.44 0.54 22.25
N ASN B 291 -3.84 -0.51 22.99
CA ASN B 291 -3.47 -0.64 24.41
C ASN B 291 -1.99 -0.48 24.63
N LYS B 292 -1.31 -1.24 23.83
CA LYS B 292 0.09 -1.35 23.89
C LYS B 292 0.73 -0.02 23.58
N PHE B 293 0.24 0.60 22.51
CA PHE B 293 0.78 1.87 22.07
C PHE B 293 0.63 2.94 23.08
N ASN B 294 -0.49 2.98 23.66
CA ASN B 294 -0.77 3.96 24.63
C ASN B 294 0.05 3.80 25.91
N ASN B 295 0.41 2.57 26.23
CA ASN B 295 1.30 2.35 27.35
C ASN B 295 2.70 2.55 26.97
N GLY B 296 2.95 3.07 25.81
CA GLY B 296 4.27 3.32 25.48
C GLY B 296 4.92 2.08 25.02
N ASP B 297 4.27 0.93 24.89
CA ASP B 297 4.92 -0.23 24.40
C ASP B 297 4.69 -0.28 22.90
N TYR B 298 5.23 0.74 22.26
CA TYR B 298 5.04 0.95 20.84
C TYR B 298 5.39 -0.24 20.02
N LYS B 299 6.52 -0.80 20.34
CA LYS B 299 7.03 -1.94 19.65
C LYS B 299 6.07 -3.09 19.62
N ASN B 300 5.52 -3.39 20.76
CA ASN B 300 4.60 -4.47 20.77
C ASN B 300 3.30 -4.09 20.21
N SER B 301 2.89 -2.84 20.16
CA SER B 301 1.57 -2.57 19.64
C SER B 301 1.36 -2.90 18.21
N VAL B 302 2.45 -2.99 17.53
CA VAL B 302 2.41 -3.33 16.15
C VAL B 302 2.95 -4.72 15.90
N ALA B 303 3.35 -5.45 16.96
CA ALA B 303 3.91 -6.79 16.91
C ALA B 303 3.18 -7.86 16.10
N GLN B 304 1.90 -7.95 16.21
CA GLN B 304 1.09 -8.95 15.52
C GLN B 304 1.26 -8.78 14.05
N GLN B 305 1.11 -7.54 13.59
CA GLN B 305 1.27 -7.11 12.22
C GLN B 305 2.55 -7.60 11.76
N GLN B 306 3.60 -7.38 12.56
CA GLN B 306 4.87 -7.83 12.23
C GLN B 306 4.89 -9.32 12.02
N ARG B 307 4.47 -10.16 12.96
CA ARG B 307 4.47 -11.61 12.79
C ARG B 307 3.72 -12.00 11.54
N ALA B 308 2.49 -11.63 11.35
CA ALA B 308 1.70 -11.91 10.16
C ALA B 308 2.39 -11.68 8.87
N GLU B 309 2.89 -10.48 8.71
CA GLU B 309 3.54 -10.09 7.53
C GLU B 309 4.78 -10.86 7.26
N SER B 310 5.37 -11.60 8.21
CA SER B 310 6.49 -12.41 7.95
C SER B 310 6.12 -13.43 6.91
N ILE B 311 4.96 -14.02 6.98
CA ILE B 311 4.52 -15.07 6.09
C ILE B 311 4.49 -14.66 4.65
N THR B 312 4.19 -13.43 4.22
CA THR B 312 4.30 -13.12 2.82
C THR B 312 5.33 -12.06 2.58
N ALA B 313 6.23 -11.79 3.54
CA ALA B 313 7.25 -10.82 3.30
C ALA B 313 8.22 -11.20 2.29
N VAL B 314 8.76 -12.41 2.34
CA VAL B 314 9.84 -12.80 1.52
C VAL B 314 9.70 -14.23 1.04
N LEU B 315 10.04 -14.46 -0.17
CA LEU B 315 9.98 -15.78 -0.76
C LEU B 315 11.13 -16.64 -0.29
N TYR B 316 10.92 -17.95 -0.11
CA TYR B 316 11.91 -18.89 0.42
C TYR B 316 12.65 -18.38 1.66
N PRO B 317 12.02 -18.09 2.76
CA PRO B 317 12.69 -17.58 3.93
C PRO B 317 13.74 -18.52 4.45
N ASN B 318 14.85 -17.96 4.92
CA ASN B 318 15.94 -18.74 5.43
C ASN B 318 15.61 -19.73 6.52
N ASP B 319 15.48 -20.97 6.09
CA ASP B 319 15.15 -22.09 6.95
C ASP B 319 16.32 -22.79 7.58
N ASN B 320 17.51 -22.26 7.50
CA ASN B 320 18.67 -22.88 8.09
C ASN B 320 18.76 -22.76 9.59
N PHE B 321 17.67 -22.71 10.27
CA PHE B 321 17.62 -22.65 11.69
C PHE B 321 16.18 -22.83 11.97
N ALA B 322 15.88 -23.30 13.16
CA ALA B 322 14.56 -23.62 13.54
C ALA B 322 13.52 -22.63 13.15
N GLN B 323 13.79 -21.34 13.33
CA GLN B 323 12.85 -20.28 13.06
C GLN B 323 12.42 -20.20 11.60
N GLY B 324 13.32 -20.51 10.76
CA GLY B 324 13.05 -20.48 9.35
C GLY B 324 12.36 -21.77 8.95
N LYS B 325 12.72 -22.91 9.53
CA LYS B 325 12.06 -24.18 9.25
C LYS B 325 10.64 -24.00 9.52
N GLU B 326 10.42 -23.39 10.64
CA GLU B 326 9.13 -23.09 11.05
C GLU B 326 8.39 -22.15 10.12
N LEU B 327 8.99 -21.04 9.74
CA LEU B 327 8.36 -20.06 8.87
C LEU B 327 8.06 -20.63 7.52
N ARG B 328 8.90 -21.44 6.98
CA ARG B 328 8.65 -22.07 5.70
C ARG B 328 7.46 -22.98 5.82
N LEU B 329 7.38 -23.79 6.87
CA LEU B 329 6.24 -24.65 6.98
C LEU B 329 5.02 -23.83 7.13
N LYS B 330 5.15 -22.77 7.92
CA LYS B 330 4.11 -21.85 8.24
C LYS B 330 3.53 -21.20 6.98
N GLN B 331 4.37 -20.75 6.12
CA GLN B 331 4.03 -20.16 4.86
C GLN B 331 3.36 -21.18 3.93
N GLN B 332 3.89 -22.38 3.81
CA GLN B 332 3.33 -23.44 2.97
C GLN B 332 2.00 -23.89 3.45
N TYR B 333 1.82 -23.90 4.75
CA TYR B 333 0.54 -24.22 5.21
C TYR B 333 -0.37 -23.08 4.80
N PHE B 334 -0.11 -21.80 5.16
CA PHE B 334 -0.91 -20.64 4.80
C PHE B 334 -1.45 -20.62 3.37
N TRP B 335 -0.63 -20.80 2.42
CA TRP B 335 -1.06 -20.81 1.05
C TRP B 335 -1.86 -22.05 0.74
N CYS B 336 -1.51 -23.27 1.22
CA CYS B 336 -2.32 -24.45 0.96
C CYS B 336 -3.68 -24.41 1.51
N ALA B 337 -3.72 -23.89 2.70
CA ALA B 337 -4.87 -23.72 3.43
C ALA B 337 -5.86 -22.79 2.75
N ALA B 338 -5.45 -21.53 2.52
CA ALA B 338 -6.26 -20.52 1.89
C ALA B 338 -6.73 -20.91 0.50
N SER B 339 -5.85 -21.38 -0.29
CA SER B 339 -6.20 -21.85 -1.60
C SER B 339 -7.16 -23.01 -1.60
N LEU B 340 -6.98 -24.03 -0.76
CA LEU B 340 -7.93 -25.13 -0.74
C LEU B 340 -9.23 -24.61 -0.34
N HIS B 341 -9.22 -23.71 0.62
CA HIS B 341 -10.40 -23.11 1.05
C HIS B 341 -11.17 -22.46 -0.08
N ASP B 342 -10.49 -21.68 -0.88
CA ASP B 342 -11.11 -20.96 -1.97
C ASP B 342 -11.58 -21.98 -3.00
N ILE B 343 -10.85 -23.05 -3.19
CA ILE B 343 -11.22 -24.12 -4.11
C ILE B 343 -12.41 -24.89 -3.64
N LEU B 344 -12.61 -25.16 -2.38
CA LEU B 344 -13.81 -25.83 -2.00
C LEU B 344 -14.96 -24.87 -1.96
N ARG B 345 -14.74 -23.58 -1.70
CA ARG B 345 -15.80 -22.63 -1.63
C ARG B 345 -16.53 -22.55 -2.97
N ARG B 346 -15.78 -22.34 -3.97
CA ARG B 346 -16.29 -22.27 -5.33
C ARG B 346 -17.05 -23.55 -5.64
N PHE B 347 -16.57 -24.73 -5.19
CA PHE B 347 -17.21 -26.03 -5.43
C PHE B 347 -18.54 -26.10 -4.83
N LYS B 348 -18.64 -25.59 -3.64
CA LYS B 348 -19.90 -25.68 -3.05
C LYS B 348 -20.87 -24.76 -3.73
N LYS B 349 -20.55 -23.74 -4.51
CA LYS B 349 -21.58 -23.04 -5.27
C LYS B 349 -22.21 -24.00 -6.27
N SER B 350 -21.55 -25.05 -6.67
CA SER B 350 -22.13 -25.99 -7.61
C SER B 350 -23.25 -26.77 -7.02
N LYS B 351 -23.19 -26.91 -5.73
CA LYS B 351 -24.11 -27.69 -4.97
C LYS B 351 -24.07 -29.17 -5.38
N ARG B 352 -22.97 -29.52 -5.93
CA ARG B 352 -22.76 -30.87 -6.37
C ARG B 352 -22.30 -31.73 -5.20
N PRO B 353 -22.57 -33.03 -5.19
CA PRO B 353 -22.18 -33.94 -4.12
C PRO B 353 -20.71 -34.05 -4.00
N TRP B 354 -20.11 -34.17 -2.80
CA TRP B 354 -18.72 -34.39 -2.62
C TRP B 354 -18.22 -35.51 -3.44
N THR B 355 -18.99 -36.55 -3.74
CA THR B 355 -18.54 -37.63 -4.55
C THR B 355 -18.25 -37.22 -5.93
N GLU B 356 -18.66 -36.03 -6.40
CA GLU B 356 -18.35 -35.55 -7.70
C GLU B 356 -17.18 -34.60 -7.69
N PHE B 357 -16.59 -34.26 -6.54
CA PHE B 357 -15.44 -33.40 -6.45
C PHE B 357 -14.43 -33.87 -7.39
N PRO B 358 -13.94 -35.11 -7.46
CA PRO B 358 -12.99 -35.50 -8.41
C PRO B 358 -13.45 -35.25 -9.83
N ASP B 359 -14.72 -35.28 -10.14
CA ASP B 359 -15.17 -35.05 -11.49
C ASP B 359 -15.14 -33.57 -11.83
N GLN B 360 -15.05 -32.70 -10.84
CA GLN B 360 -15.03 -31.28 -11.09
C GLN B 360 -13.74 -30.57 -10.72
N VAL B 361 -12.87 -31.04 -9.85
CA VAL B 361 -11.71 -30.27 -9.48
C VAL B 361 -10.51 -31.06 -9.80
N ALA B 362 -9.54 -30.48 -10.43
CA ALA B 362 -8.31 -31.15 -10.64
C ALA B 362 -7.26 -30.28 -9.95
N ILE B 363 -6.47 -30.67 -8.95
CA ILE B 363 -5.51 -29.77 -8.33
C ILE B 363 -4.17 -30.31 -8.60
N GLN B 364 -3.33 -29.49 -9.19
CA GLN B 364 -2.04 -29.94 -9.50
C GLN B 364 -1.01 -29.46 -8.50
N LEU B 365 -0.21 -30.35 -7.94
CA LEU B 365 0.75 -29.92 -6.96
C LEU B 365 1.95 -29.68 -7.74
N ASN B 366 2.31 -28.42 -7.94
CA ASN B 366 3.50 -28.16 -8.62
C ASN B 366 4.61 -28.29 -7.59
N ASP B 367 5.17 -29.49 -7.52
CA ASP B 367 6.20 -29.91 -6.60
C ASP B 367 5.72 -30.19 -5.22
N THR B 368 6.48 -30.55 -4.22
CA THR B 368 6.03 -30.90 -2.91
C THR B 368 5.54 -29.83 -2.01
N HIS B 369 5.95 -28.59 -2.18
CA HIS B 369 5.51 -27.47 -1.42
C HIS B 369 4.06 -27.46 -1.18
N PRO B 370 3.07 -27.78 -2.02
CA PRO B 370 1.73 -27.81 -1.64
C PRO B 370 1.22 -29.16 -1.18
N THR B 371 2.01 -30.13 -0.72
CA THR B 371 1.51 -31.42 -0.31
C THR B 371 0.62 -31.30 0.85
N LEU B 372 0.79 -30.31 1.72
CA LEU B 372 -0.10 -30.13 2.78
C LEU B 372 -1.51 -29.94 2.29
N ALA B 373 -1.78 -29.51 1.05
CA ALA B 373 -3.11 -29.43 0.48
C ALA B 373 -3.82 -30.77 0.53
N ILE B 374 -3.15 -31.89 0.38
CA ILE B 374 -3.70 -33.25 0.47
C ILE B 374 -4.23 -33.50 1.84
N VAL B 375 -3.35 -33.33 2.84
CA VAL B 375 -3.63 -33.55 4.21
C VAL B 375 -4.68 -32.62 4.66
N GLU B 376 -4.72 -31.40 4.11
CA GLU B 376 -5.69 -30.42 4.39
C GLU B 376 -7.02 -30.80 3.76
N LEU B 377 -7.15 -31.27 2.51
CA LEU B 377 -8.42 -31.63 1.95
C LEU B 377 -8.91 -32.79 2.78
N GLN B 378 -8.10 -33.77 3.16
CA GLN B 378 -8.52 -34.85 4.01
C GLN B 378 -8.98 -34.30 5.32
N ARG B 379 -8.20 -33.39 5.94
CA ARG B 379 -8.57 -32.75 7.14
C ARG B 379 -9.89 -32.08 6.98
N VAL B 380 -10.20 -31.27 5.96
CA VAL B 380 -11.43 -30.59 5.95
C VAL B 380 -12.52 -31.58 5.64
N LEU B 381 -12.39 -32.54 4.74
CA LEU B 381 -13.46 -33.46 4.42
C LEU B 381 -13.77 -34.33 5.61
N VAL B 382 -12.81 -34.78 6.39
CA VAL B 382 -13.08 -35.54 7.57
C VAL B 382 -13.45 -34.61 8.68
N ASP B 383 -12.68 -33.65 9.16
CA ASP B 383 -13.05 -32.87 10.28
C ASP B 383 -14.17 -31.90 10.08
N LEU B 384 -14.28 -31.19 9.00
CA LEU B 384 -15.30 -30.18 8.84
C LEU B 384 -16.45 -30.78 8.06
N GLU B 385 -16.22 -31.36 6.92
CA GLU B 385 -17.24 -31.92 6.08
C GLU B 385 -17.78 -33.28 6.51
N LYS B 386 -17.14 -33.94 7.48
CA LYS B 386 -17.60 -35.19 8.06
C LYS B 386 -17.77 -36.39 7.16
N LEU B 387 -16.91 -36.56 6.22
CA LEU B 387 -17.03 -37.73 5.39
C LEU B 387 -16.35 -38.87 6.12
N ASP B 388 -16.53 -40.08 5.63
CA ASP B 388 -15.85 -41.21 6.20
C ASP B 388 -14.44 -41.01 5.85
N TRP B 389 -13.53 -41.42 6.74
CA TRP B 389 -12.15 -41.30 6.49
C TRP B 389 -11.88 -41.96 5.20
N HIS B 390 -12.45 -43.13 4.96
CA HIS B 390 -12.16 -43.78 3.75
C HIS B 390 -12.85 -43.18 2.53
N GLU B 391 -13.97 -42.56 2.63
CA GLU B 391 -14.63 -42.02 1.44
C GLU B 391 -13.92 -40.74 1.03
N ALA B 392 -13.51 -39.93 2.01
CA ALA B 392 -12.79 -38.70 1.86
C ALA B 392 -11.50 -38.95 1.22
N TRP B 393 -10.78 -39.93 1.75
CA TRP B 393 -9.54 -40.27 1.23
C TRP B 393 -9.66 -40.69 -0.22
N ASP B 394 -10.72 -41.33 -0.63
CA ASP B 394 -10.91 -41.67 -2.01
C ASP B 394 -11.04 -40.42 -2.86
N ILE B 395 -11.67 -39.38 -2.37
CA ILE B 395 -11.82 -38.14 -3.10
C ILE B 395 -10.47 -37.45 -3.20
N VAL B 396 -9.73 -37.32 -2.11
CA VAL B 396 -8.43 -36.72 -2.09
C VAL B 396 -7.63 -37.34 -3.16
N THR B 397 -7.59 -38.67 -3.13
CA THR B 397 -6.84 -39.45 -4.00
C THR B 397 -7.16 -39.16 -5.45
N LYS B 398 -8.40 -39.12 -5.80
CA LYS B 398 -8.80 -38.82 -7.15
C LYS B 398 -8.67 -37.35 -7.50
N THR B 399 -8.46 -36.44 -6.58
CA THR B 399 -8.36 -35.02 -6.88
C THR B 399 -6.97 -34.57 -7.16
N PHE B 400 -5.95 -35.14 -6.57
CA PHE B 400 -4.64 -34.63 -6.75
C PHE B 400 -3.81 -35.34 -7.72
N ALA B 401 -2.86 -34.57 -8.21
CA ALA B 401 -1.86 -35.11 -9.00
C ALA B 401 -0.62 -34.28 -8.64
N TYR B 402 0.51 -34.90 -8.64
CA TYR B 402 1.75 -34.30 -8.21
C TYR B 402 2.72 -34.22 -9.30
N THR B 403 3.27 -33.05 -9.65
CA THR B 403 4.31 -33.03 -10.57
C THR B 403 5.55 -33.03 -9.71
N ASN B 404 6.48 -33.86 -10.02
CA ASN B 404 7.70 -33.98 -9.27
C ASN B 404 8.79 -33.41 -10.08
N HIS B 405 9.61 -32.58 -9.45
CA HIS B 405 10.64 -31.89 -10.14
C HIS B 405 11.97 -32.31 -9.58
N THR B 406 12.05 -33.24 -8.63
CA THR B 406 13.28 -33.57 -7.93
C THR B 406 13.92 -34.79 -8.46
N VAL B 407 15.20 -34.73 -8.57
CA VAL B 407 15.94 -35.88 -8.93
C VAL B 407 16.42 -36.55 -7.64
N MET B 408 17.49 -35.99 -7.09
CA MET B 408 18.14 -36.51 -5.90
C MET B 408 17.28 -36.50 -4.72
N GLN B 409 17.09 -37.70 -4.16
CA GLN B 409 16.32 -37.93 -3.01
C GLN B 409 16.53 -36.96 -1.88
N GLU B 410 17.73 -36.49 -1.65
CA GLU B 410 18.08 -35.55 -0.61
C GLU B 410 17.29 -34.28 -0.69
N ALA B 411 16.91 -33.81 -1.88
CA ALA B 411 16.17 -32.61 -2.03
C ALA B 411 14.75 -32.85 -1.79
N LEU B 412 14.29 -34.04 -1.35
CA LEU B 412 12.91 -34.27 -1.13
C LEU B 412 12.61 -33.72 0.22
N GLU B 413 11.53 -33.01 0.28
CA GLU B 413 11.16 -32.32 1.48
C GLU B 413 10.67 -33.21 2.58
N LYS B 414 11.21 -33.01 3.77
CA LYS B 414 10.79 -33.75 4.91
C LYS B 414 10.60 -32.74 6.00
N TRP B 415 9.74 -32.98 6.92
CA TRP B 415 9.62 -32.10 8.05
C TRP B 415 9.80 -32.95 9.31
N PRO B 416 10.40 -32.49 10.40
CA PRO B 416 10.58 -33.27 11.61
C PRO B 416 9.35 -33.36 12.39
N ARG B 417 9.03 -34.47 13.05
CA ARG B 417 7.80 -34.60 13.69
C ARG B 417 7.56 -33.63 14.78
N ARG B 418 8.54 -33.29 15.60
CA ARG B 418 8.38 -32.35 16.66
C ARG B 418 7.83 -31.01 16.16
N LEU B 419 8.52 -30.39 15.25
CA LEU B 419 8.17 -29.14 14.62
C LEU B 419 6.84 -29.21 13.90
N PHE B 420 6.67 -30.21 13.06
CA PHE B 420 5.46 -30.34 12.29
C PHE B 420 4.35 -30.49 13.20
N GLY B 421 4.52 -31.35 14.21
CA GLY B 421 3.52 -31.68 15.11
C GLY B 421 3.10 -30.46 15.85
N HIS B 422 4.07 -29.67 16.30
CA HIS B 422 3.87 -28.51 17.10
C HIS B 422 3.14 -27.43 16.37
N LEU B 423 3.43 -27.29 15.12
CA LEU B 423 2.87 -26.25 14.29
C LEU B 423 1.58 -26.70 13.70
N LEU B 424 1.45 -27.99 13.41
CA LEU B 424 0.29 -28.54 12.76
C LEU B 424 -0.13 -29.85 13.43
N PRO B 425 -0.68 -29.86 14.62
CA PRO B 425 -1.00 -31.07 15.35
C PRO B 425 -1.95 -32.05 14.68
N ARG B 426 -3.05 -31.60 14.10
CA ARG B 426 -4.00 -32.50 13.42
C ARG B 426 -3.50 -33.04 12.16
N HIS B 427 -2.74 -32.26 11.44
CA HIS B 427 -2.27 -32.69 10.18
C HIS B 427 -1.24 -33.73 10.48
N LEU B 428 -0.53 -33.74 11.62
CA LEU B 428 0.29 -34.87 11.99
C LEU B 428 -0.52 -36.14 12.21
N GLU B 429 -1.61 -36.04 12.86
CA GLU B 429 -2.46 -37.17 13.12
C GLU B 429 -2.89 -37.81 11.82
N ILE B 430 -3.39 -37.02 10.87
CA ILE B 430 -3.83 -37.56 9.62
C ILE B 430 -2.68 -38.14 8.89
N ILE B 431 -1.50 -37.57 8.99
CA ILE B 431 -0.43 -38.16 8.30
C ILE B 431 -0.10 -39.53 8.92
N TYR B 432 -0.17 -39.70 10.22
CA TYR B 432 0.04 -41.01 10.81
C TYR B 432 -1.02 -41.97 10.32
N ASP B 433 -2.25 -41.57 10.24
CA ASP B 433 -3.30 -42.44 9.75
C ASP B 433 -3.17 -42.87 8.32
N ILE B 434 -2.95 -41.89 7.46
CA ILE B 434 -2.76 -42.09 6.06
C ILE B 434 -1.71 -43.14 5.91
N ASN B 435 -0.61 -42.96 6.63
CA ASN B 435 0.50 -43.86 6.56
C ASN B 435 0.16 -45.25 7.03
N TRP B 436 -0.66 -45.35 8.02
CA TRP B 436 -1.01 -46.63 8.61
C TRP B 436 -1.73 -47.50 7.62
N PHE B 437 -2.81 -47.01 7.06
CA PHE B 437 -3.53 -47.81 6.11
C PHE B 437 -2.71 -48.10 4.92
N PHE B 438 -1.89 -47.17 4.45
CA PHE B 438 -1.08 -47.40 3.31
C PHE B 438 -0.19 -48.56 3.64
N LEU B 439 0.47 -48.56 4.80
CA LEU B 439 1.34 -49.62 5.18
C LEU B 439 0.62 -50.96 5.38
N GLU B 440 -0.62 -50.95 5.74
CA GLU B 440 -1.40 -52.18 5.78
C GLU B 440 -1.55 -52.64 4.36
N ASP B 441 -2.04 -51.81 3.46
CA ASP B 441 -2.21 -52.18 2.08
C ASP B 441 -0.99 -52.74 1.52
N VAL B 442 0.15 -52.24 1.97
CA VAL B 442 1.35 -52.72 1.50
C VAL B 442 1.54 -54.10 2.08
N ALA B 443 1.33 -54.30 3.36
CA ALA B 443 1.51 -55.60 3.97
C ALA B 443 0.64 -56.69 3.32
N LYS B 444 -0.56 -56.34 2.94
CA LYS B 444 -1.45 -57.25 2.25
C LYS B 444 -1.05 -57.50 0.85
N LYS B 445 -0.29 -56.63 0.24
CA LYS B 445 0.12 -56.87 -1.08
C LYS B 445 1.42 -57.57 -1.03
N PHE B 446 2.27 -57.37 -0.02
CA PHE B 446 3.52 -58.05 0.05
C PHE B 446 3.69 -58.59 1.45
N PRO B 447 3.02 -59.71 1.77
CA PRO B 447 3.17 -60.40 3.04
C PRO B 447 4.59 -60.67 3.37
N LYS B 448 4.89 -60.45 4.64
CA LYS B 448 6.17 -60.59 5.29
C LYS B 448 7.31 -59.75 4.78
N ASP B 449 7.13 -58.75 3.91
CA ASP B 449 8.23 -57.99 3.39
C ASP B 449 8.86 -56.96 4.32
N VAL B 450 8.98 -57.20 5.62
CA VAL B 450 9.49 -56.29 6.63
C VAL B 450 10.14 -54.94 6.29
N ASP B 451 11.20 -54.98 5.58
CA ASP B 451 11.94 -53.77 5.23
C ASP B 451 11.15 -52.85 4.30
N LEU B 452 10.31 -53.36 3.39
CA LEU B 452 9.50 -52.55 2.48
C LEU B 452 8.71 -51.62 3.29
N LEU B 453 8.14 -52.13 4.34
CA LEU B 453 7.30 -51.34 5.11
C LEU B 453 8.11 -50.18 5.67
N SER B 454 9.31 -50.42 6.12
CA SER B 454 10.13 -49.33 6.62
C SER B 454 10.44 -48.35 5.53
N ARG B 455 10.78 -48.80 4.37
CA ARG B 455 11.16 -47.91 3.32
C ARG B 455 10.10 -47.07 2.68
N ILE B 456 8.95 -47.65 2.46
CA ILE B 456 7.89 -46.98 1.75
C ILE B 456 7.14 -46.11 2.68
N SER B 457 7.43 -46.15 3.97
CA SER B 457 6.67 -45.41 4.89
C SER B 457 6.80 -43.90 4.73
N ILE B 458 5.73 -43.24 5.00
CA ILE B 458 5.68 -41.80 5.00
C ILE B 458 6.44 -41.34 6.24
N ILE B 459 6.40 -41.98 7.40
CA ILE B 459 7.20 -41.47 8.52
C ILE B 459 8.48 -42.21 8.54
N GLU B 460 9.54 -41.43 8.46
CA GLU B 460 10.87 -41.91 8.51
C GLU B 460 11.30 -42.00 9.95
N GLU B 461 11.58 -43.21 10.41
CA GLU B 461 11.99 -43.46 11.78
C GLU B 461 13.44 -43.16 11.85
N ASN B 462 13.86 -41.96 12.22
CA ASN B 462 15.25 -41.61 12.21
C ASN B 462 15.76 -41.17 13.57
N SER B 463 17.05 -41.05 13.67
CA SER B 463 17.71 -40.60 14.89
C SER B 463 17.74 -39.09 14.89
N PRO B 464 17.42 -38.46 15.99
CA PRO B 464 16.43 -38.93 16.87
C PRO B 464 15.11 -38.39 16.42
N GLU B 465 15.11 -37.47 15.45
CA GLU B 465 13.93 -36.84 15.01
C GLU B 465 13.35 -37.62 13.85
N ARG B 466 12.15 -38.06 14.00
CA ARG B 466 11.45 -38.73 12.93
C ARG B 466 11.03 -37.68 11.92
N GLN B 467 11.09 -37.99 10.67
CA GLN B 467 10.66 -37.07 9.64
C GLN B 467 9.39 -37.59 9.00
N ILE B 468 8.68 -36.66 8.39
CA ILE B 468 7.52 -36.93 7.61
C ILE B 468 8.01 -36.70 6.23
N ARG B 469 7.98 -37.71 5.41
CA ARG B 469 8.45 -37.54 4.10
C ARG B 469 7.34 -37.04 3.20
N MET B 470 7.40 -35.73 2.91
CA MET B 470 6.36 -35.12 2.12
C MET B 470 6.11 -35.70 0.75
N ALA B 471 7.12 -35.96 -0.02
CA ALA B 471 6.94 -36.53 -1.33
C ALA B 471 6.24 -37.89 -1.30
N PHE B 472 6.47 -38.70 -0.27
CA PHE B 472 5.76 -39.96 -0.17
C PHE B 472 4.34 -39.74 0.16
N LEU B 473 4.04 -38.76 1.00
CA LEU B 473 2.72 -38.40 1.26
C LEU B 473 2.00 -37.92 -0.02
N ALA B 474 2.72 -37.19 -0.84
CA ALA B 474 2.17 -36.70 -2.09
C ALA B 474 1.89 -37.87 -3.01
N ILE B 475 2.71 -38.91 -3.10
CA ILE B 475 2.40 -40.06 -3.96
C ILE B 475 1.18 -40.76 -3.48
N VAL B 476 1.17 -41.08 -2.21
CA VAL B 476 0.05 -41.73 -1.63
C VAL B 476 -1.20 -40.93 -1.76
N GLY B 477 -1.17 -39.59 -1.79
CA GLY B 477 -2.36 -38.83 -1.94
C GLY B 477 -2.81 -38.46 -3.36
N SER B 478 -2.04 -38.67 -4.35
CA SER B 478 -2.37 -38.25 -5.69
C SER B 478 -2.87 -39.39 -6.56
N HIS B 479 -3.63 -39.15 -7.62
CA HIS B 479 -3.93 -40.23 -8.52
C HIS B 479 -2.99 -40.25 -9.63
N LYS B 480 -2.05 -39.32 -9.74
CA LYS B 480 -1.17 -39.38 -10.83
C LYS B 480 0.07 -38.69 -10.37
N VAL B 481 1.25 -39.14 -10.65
CA VAL B 481 2.42 -38.33 -10.35
C VAL B 481 3.07 -38.21 -11.66
N ASN B 482 3.77 -37.13 -11.94
CA ASN B 482 4.39 -37.01 -13.19
C ASN B 482 5.71 -36.34 -13.10
N GLY B 483 6.58 -36.76 -13.89
CA GLY B 483 7.84 -36.09 -13.97
C GLY B 483 7.69 -35.03 -15.07
N VAL B 484 8.69 -34.17 -15.11
CA VAL B 484 8.79 -33.06 -16.04
C VAL B 484 9.53 -33.26 -17.30
N VAL B 485 9.96 -34.45 -17.57
CA VAL B 485 10.65 -34.73 -18.76
C VAL B 485 10.67 -36.25 -18.77
N GLU B 486 10.53 -36.92 -19.90
CA GLU B 486 10.47 -38.38 -19.92
C GLU B 486 11.54 -39.11 -19.12
N LEU B 487 12.78 -38.72 -19.23
CA LEU B 487 13.85 -39.36 -18.49
C LEU B 487 13.76 -39.18 -17.02
N HIS B 488 13.30 -38.02 -16.61
CA HIS B 488 13.12 -37.76 -15.22
C HIS B 488 12.06 -38.71 -14.79
N SER B 489 10.98 -38.79 -15.55
CA SER B 489 9.91 -39.65 -15.21
C SER B 489 10.26 -41.10 -15.01
N GLU B 490 11.00 -41.60 -15.93
CA GLU B 490 11.45 -42.97 -15.82
C GLU B 490 12.24 -43.08 -14.51
N LEU B 491 13.11 -42.11 -14.27
CA LEU B 491 13.93 -42.10 -13.09
C LEU B 491 13.13 -42.04 -11.88
N ILE B 492 12.07 -41.30 -11.76
CA ILE B 492 11.41 -41.38 -10.50
C ILE B 492 10.78 -42.75 -10.31
N LYS B 493 10.32 -43.45 -11.36
CA LYS B 493 9.76 -44.79 -11.21
C LYS B 493 10.83 -45.79 -10.88
N THR B 494 11.97 -45.54 -11.38
CA THR B 494 13.10 -46.38 -11.16
C THR B 494 13.88 -46.15 -9.89
N THR B 495 13.81 -44.97 -9.31
CA THR B 495 14.64 -44.70 -8.17
C THR B 495 13.88 -44.22 -7.02
N ILE B 496 13.80 -42.94 -6.72
CA ILE B 496 13.20 -42.52 -5.51
C ILE B 496 11.84 -43.05 -5.27
N PHE B 497 11.01 -43.42 -6.25
CA PHE B 497 9.70 -43.89 -5.99
C PHE B 497 9.40 -45.34 -6.34
N LYS B 498 10.43 -46.12 -6.52
CA LYS B 498 10.31 -47.53 -6.90
C LYS B 498 9.34 -48.37 -6.12
N ASP B 499 9.39 -48.29 -4.81
CA ASP B 499 8.51 -49.05 -4.01
C ASP B 499 7.10 -48.64 -4.28
N PHE B 500 6.89 -47.36 -4.54
CA PHE B 500 5.59 -46.85 -4.84
C PHE B 500 5.11 -47.37 -6.17
N ILE B 501 5.97 -47.57 -7.10
CA ILE B 501 5.58 -48.15 -8.37
C ILE B 501 5.21 -49.59 -8.09
N LYS B 502 5.91 -50.33 -7.24
CA LYS B 502 5.59 -51.72 -6.96
C LYS B 502 4.23 -51.84 -6.45
N PHE B 503 3.94 -51.04 -5.49
CA PHE B 503 2.68 -51.10 -4.90
C PHE B 503 1.55 -50.51 -5.75
N TYR B 504 1.76 -49.43 -6.50
CA TYR B 504 0.70 -48.80 -7.27
C TYR B 504 0.57 -49.21 -8.70
N GLY B 505 1.65 -49.58 -9.23
CA GLY B 505 1.69 -49.91 -10.61
C GLY B 505 2.09 -48.72 -11.45
N PRO B 506 2.87 -48.92 -12.43
CA PRO B 506 3.36 -47.92 -13.35
C PRO B 506 2.41 -46.90 -13.91
N SER B 507 1.19 -47.30 -14.05
CA SER B 507 0.12 -46.48 -14.56
C SER B 507 0.01 -45.13 -13.91
N LYS B 508 0.23 -45.12 -12.60
CA LYS B 508 0.12 -43.93 -11.80
C LYS B 508 1.20 -42.90 -12.02
N PHE B 509 2.21 -43.27 -12.69
CA PHE B 509 3.36 -42.45 -12.81
C PHE B 509 3.46 -42.20 -14.27
N VAL B 510 3.31 -40.92 -14.57
CA VAL B 510 3.21 -40.36 -15.88
C VAL B 510 4.35 -39.38 -16.18
N ASN B 511 4.41 -38.94 -17.41
CA ASN B 511 5.35 -37.92 -17.75
C ASN B 511 4.70 -36.82 -18.57
N VAL B 512 4.98 -35.55 -18.28
CA VAL B 512 4.59 -34.47 -19.17
C VAL B 512 5.77 -33.52 -19.15
N THR B 513 6.51 -33.59 -20.18
CA THR B 513 7.63 -32.73 -20.40
C THR B 513 7.20 -31.29 -20.44
N ASN B 514 7.97 -30.48 -19.71
CA ASN B 514 7.74 -29.06 -19.56
C ASN B 514 7.80 -28.27 -20.82
N GLY B 515 7.48 -27.00 -20.82
CA GLY B 515 7.49 -26.22 -22.03
C GLY B 515 7.35 -24.77 -21.70
N ILE B 516 7.29 -23.88 -22.67
CA ILE B 516 7.26 -22.45 -22.47
C ILE B 516 6.24 -21.77 -23.39
N THR B 517 5.72 -20.63 -22.99
CA THR B 517 4.78 -19.96 -23.85
C THR B 517 5.37 -19.21 -25.02
N PRO B 518 4.83 -19.43 -26.21
CA PRO B 518 5.21 -18.72 -27.39
C PRO B 518 4.97 -17.25 -27.36
N ARG B 519 3.95 -16.79 -26.75
CA ARG B 519 3.69 -15.38 -26.84
C ARG B 519 4.69 -14.56 -26.05
N ARG B 520 5.20 -14.97 -24.88
CA ARG B 520 6.16 -14.14 -24.20
C ARG B 520 7.48 -14.44 -24.70
N TRP B 521 7.81 -15.71 -24.81
CA TRP B 521 9.11 -16.01 -25.16
C TRP B 521 9.41 -15.84 -26.61
N LEU B 522 8.46 -15.80 -27.57
CA LEU B 522 8.74 -15.50 -28.95
C LEU B 522 8.16 -14.16 -29.40
N LYS B 523 6.91 -13.94 -29.25
CA LYS B 523 6.34 -12.72 -29.77
C LYS B 523 6.68 -11.52 -28.92
N GLN B 524 6.70 -11.64 -27.62
CA GLN B 524 7.06 -10.51 -26.80
C GLN B 524 8.52 -10.26 -26.84
N ALA B 525 9.28 -11.26 -26.46
CA ALA B 525 10.69 -11.13 -26.38
C ALA B 525 11.32 -10.91 -27.68
N ASN B 526 10.77 -11.43 -28.78
CA ASN B 526 11.40 -11.28 -30.04
C ASN B 526 10.45 -10.95 -31.19
N PRO B 527 9.83 -9.78 -31.21
CA PRO B 527 8.92 -9.33 -32.24
C PRO B 527 9.44 -9.36 -33.62
N SER B 528 10.65 -8.92 -33.78
CA SER B 528 11.29 -8.84 -35.03
C SER B 528 11.32 -10.20 -35.68
N LEU B 529 11.50 -11.28 -34.91
CA LEU B 529 11.39 -12.63 -35.43
C LEU B 529 9.96 -12.99 -35.63
N ALA B 530 9.10 -12.64 -34.75
CA ALA B 530 7.72 -12.99 -34.94
C ALA B 530 7.11 -12.40 -36.21
N LYS B 531 7.60 -11.22 -36.62
CA LYS B 531 7.17 -10.60 -37.85
C LYS B 531 7.75 -11.39 -38.95
N LEU B 532 9.01 -11.76 -38.90
CA LEU B 532 9.61 -12.50 -39.93
C LEU B 532 8.86 -13.76 -40.29
N ILE B 533 8.50 -14.53 -39.28
CA ILE B 533 7.74 -15.77 -39.45
C ILE B 533 6.39 -15.45 -40.03
N SER B 534 5.72 -14.45 -39.54
CA SER B 534 4.42 -14.12 -40.09
C SER B 534 4.52 -13.67 -41.52
N GLU B 535 5.62 -13.09 -41.87
CA GLU B 535 5.86 -12.70 -43.21
C GLU B 535 6.13 -13.95 -44.00
N THR B 536 7.11 -14.75 -43.65
CA THR B 536 7.48 -15.82 -44.50
C THR B 536 6.44 -16.90 -44.67
N LEU B 537 5.89 -17.29 -43.57
CA LEU B 537 4.90 -18.30 -43.62
C LEU B 537 3.60 -17.71 -44.05
N ASN B 538 3.52 -16.40 -44.30
CA ASN B 538 2.33 -15.73 -44.78
C ASN B 538 1.21 -15.97 -43.88
N ASP B 539 1.44 -15.67 -42.61
CA ASP B 539 0.45 -15.88 -41.66
C ASP B 539 0.20 -14.62 -40.89
N PRO B 540 -0.46 -13.62 -41.43
CA PRO B 540 -0.56 -12.29 -40.87
C PRO B 540 -1.22 -12.30 -39.54
N THR B 541 -1.96 -13.34 -39.28
CA THR B 541 -2.65 -13.48 -38.07
C THR B 541 -1.87 -14.15 -36.95
N GLU B 542 -0.62 -14.42 -37.13
CA GLU B 542 0.24 -15.02 -36.13
C GLU B 542 -0.34 -16.35 -35.65
N GLU B 543 -1.13 -17.06 -36.48
CA GLU B 543 -1.72 -18.33 -36.10
C GLU B 543 -0.76 -19.40 -35.65
N TYR B 544 0.45 -19.26 -36.07
CA TYR B 544 1.51 -20.16 -35.70
C TYR B 544 1.77 -20.15 -34.20
N LEU B 545 1.43 -19.09 -33.49
CA LEU B 545 1.62 -19.06 -32.05
C LEU B 545 0.67 -20.01 -31.41
N LEU B 546 -0.50 -20.20 -32.00
CA LEU B 546 -1.38 -21.22 -31.55
C LEU B 546 -1.00 -22.57 -32.07
N ASP B 547 -0.60 -22.64 -33.30
CA ASP B 547 -0.21 -23.91 -33.81
C ASP B 547 1.23 -23.92 -34.10
N MET B 548 2.07 -24.16 -33.08
CA MET B 548 3.47 -24.16 -33.23
C MET B 548 3.90 -25.18 -34.21
N ALA B 549 3.12 -26.23 -34.46
CA ALA B 549 3.40 -27.24 -35.42
C ALA B 549 3.64 -26.67 -36.79
N LYS B 550 2.99 -25.61 -37.21
CA LYS B 550 3.20 -25.00 -38.49
C LYS B 550 4.59 -24.49 -38.64
N LEU B 551 5.40 -24.32 -37.59
CA LEU B 551 6.70 -23.74 -37.77
C LEU B 551 7.63 -24.63 -38.46
N THR B 552 7.30 -25.91 -38.65
CA THR B 552 8.11 -26.81 -39.37
C THR B 552 8.22 -26.38 -40.82
N GLN B 553 7.30 -25.57 -41.36
CA GLN B 553 7.35 -25.04 -42.69
C GLN B 553 8.57 -24.19 -42.83
N LEU B 554 9.14 -23.60 -41.77
CA LEU B 554 10.31 -22.79 -41.89
C LEU B 554 11.42 -23.61 -42.41
N GLU B 555 11.40 -24.93 -42.21
CA GLU B 555 12.39 -25.80 -42.70
C GLU B 555 12.57 -25.72 -44.18
N LYS B 556 11.52 -25.42 -44.95
CA LYS B 556 11.60 -25.26 -46.36
C LYS B 556 12.53 -24.11 -46.70
N TYR B 557 12.40 -23.02 -45.99
CA TYR B 557 13.11 -21.79 -46.25
C TYR B 557 14.47 -21.83 -45.64
N VAL B 558 14.88 -22.98 -45.06
CA VAL B 558 16.20 -23.05 -44.48
C VAL B 558 17.21 -22.90 -45.52
N GLU B 559 16.94 -23.45 -46.69
CA GLU B 559 17.88 -23.44 -47.70
C GLU B 559 18.06 -22.10 -48.41
N ASP B 560 17.36 -21.01 -48.23
CA ASP B 560 17.57 -19.85 -49.07
C ASP B 560 17.78 -18.43 -48.60
N LYS B 561 19.06 -18.20 -48.62
CA LYS B 561 19.76 -16.95 -48.40
C LYS B 561 19.13 -15.66 -47.95
N GLU B 562 18.14 -15.11 -48.65
CA GLU B 562 17.54 -13.88 -48.21
C GLU B 562 16.91 -14.11 -46.89
N PHE B 563 16.30 -15.30 -46.73
CA PHE B 563 15.68 -15.67 -45.52
C PHE B 563 16.71 -15.70 -44.40
N LEU B 564 17.77 -16.42 -44.58
CA LEU B 564 18.82 -16.46 -43.58
C LEU B 564 19.34 -15.07 -43.28
N LYS B 565 19.44 -14.17 -44.25
CA LYS B 565 19.90 -12.82 -43.97
C LYS B 565 18.97 -12.15 -43.07
N LYS B 566 17.71 -12.39 -43.37
CA LYS B 566 16.68 -11.83 -42.62
C LYS B 566 16.74 -12.33 -41.19
N TRP B 567 16.93 -13.64 -41.05
CA TRP B 567 17.02 -14.32 -39.79
C TRP B 567 18.17 -13.76 -39.00
N ASN B 568 19.26 -13.50 -39.61
CA ASN B 568 20.38 -13.02 -38.85
C ASN B 568 20.19 -11.60 -38.41
N GLN B 569 19.60 -10.75 -39.25
CA GLN B 569 19.37 -9.37 -38.94
C GLN B 569 18.58 -9.20 -37.72
N VAL B 570 17.57 -10.04 -37.61
CA VAL B 570 16.75 -10.04 -36.48
C VAL B 570 17.67 -10.21 -35.24
N LYS B 571 18.43 -11.26 -35.22
CA LYS B 571 19.29 -11.58 -34.11
C LYS B 571 20.29 -10.47 -33.84
N LEU B 572 20.71 -9.72 -34.83
CA LEU B 572 21.67 -8.62 -34.63
C LEU B 572 21.02 -7.48 -33.95
N ASN B 573 19.81 -7.13 -34.38
CA ASN B 573 19.14 -6.04 -33.77
C ASN B 573 18.89 -6.44 -32.36
N ASN B 574 18.51 -7.70 -32.10
CA ASN B 574 18.32 -8.20 -30.76
C ASN B 574 19.55 -8.10 -29.88
N LYS B 575 20.67 -8.29 -30.46
CA LYS B 575 21.91 -8.13 -29.73
C LYS B 575 22.14 -6.69 -29.33
N ILE B 576 21.74 -5.76 -30.21
CA ILE B 576 21.88 -4.34 -29.95
C ILE B 576 21.09 -4.00 -28.78
N ARG B 577 19.89 -4.53 -28.68
CA ARG B 577 19.12 -4.23 -27.54
C ARG B 577 19.87 -4.60 -26.28
N LEU B 578 20.41 -5.82 -26.17
CA LEU B 578 21.11 -6.25 -24.98
C LEU B 578 22.26 -5.33 -24.67
N VAL B 579 22.98 -4.94 -25.68
CA VAL B 579 24.09 -4.03 -25.52
C VAL B 579 23.62 -2.73 -24.94
N ASP B 580 22.54 -2.20 -25.49
CA ASP B 580 21.96 -1.00 -24.97
C ASP B 580 21.70 -1.16 -23.52
N LEU B 581 21.22 -2.36 -23.10
CA LEU B 581 20.92 -2.62 -21.73
C LEU B 581 22.14 -2.56 -20.84
N ILE B 582 23.18 -3.21 -21.23
CA ILE B 582 24.40 -3.27 -20.44
C ILE B 582 25.03 -1.88 -20.26
N LYS B 583 24.86 -1.01 -21.25
CA LYS B 583 25.33 0.36 -21.25
C LYS B 583 24.54 1.11 -20.29
N LYS B 584 23.24 1.05 -20.42
CA LYS B 584 22.38 1.70 -19.54
C LYS B 584 22.77 1.31 -18.12
N GLU B 585 22.84 0.01 -17.86
CA GLU B 585 23.22 -0.55 -16.58
C GLU B 585 24.63 -0.17 -16.18
N ASN B 586 25.43 0.30 -17.07
CA ASN B 586 26.76 0.75 -16.73
C ASN B 586 26.95 2.25 -16.80
N ASP B 587 25.89 2.94 -16.51
CA ASP B 587 25.85 4.38 -16.46
C ASP B 587 26.35 5.02 -17.71
N GLY B 588 25.74 4.58 -18.81
CA GLY B 588 26.04 5.15 -20.07
C GLY B 588 27.28 4.62 -20.59
N VAL B 589 28.20 4.00 -19.83
CA VAL B 589 29.36 3.47 -20.39
C VAL B 589 29.08 2.13 -21.04
N ASP B 590 29.50 1.98 -22.26
CA ASP B 590 29.33 0.73 -22.95
C ASP B 590 30.35 -0.25 -22.42
N ILE B 591 30.04 -1.56 -22.29
CA ILE B 591 31.03 -2.54 -21.92
C ILE B 591 31.31 -3.22 -23.20
N ILE B 592 30.29 -3.73 -23.88
CA ILE B 592 30.45 -4.46 -25.10
C ILE B 592 30.75 -3.47 -26.19
N ASN B 593 31.71 -3.83 -26.96
CA ASN B 593 32.12 -3.00 -28.07
C ASN B 593 31.15 -3.10 -29.24
N ARG B 594 30.37 -2.07 -29.50
CA ARG B 594 29.35 -2.13 -30.52
C ARG B 594 29.75 -2.35 -31.93
N GLU B 595 30.90 -1.92 -32.31
CA GLU B 595 31.31 -2.19 -33.65
C GLU B 595 31.65 -3.66 -33.67
N TYR B 596 31.40 -4.45 -34.70
CA TYR B 596 31.80 -5.84 -34.64
C TYR B 596 30.86 -6.78 -33.96
N LEU B 597 29.77 -6.27 -33.50
CA LEU B 597 28.74 -7.04 -32.87
C LEU B 597 28.21 -8.26 -33.62
N ASP B 598 27.98 -8.20 -34.94
CA ASP B 598 27.51 -9.37 -35.70
C ASP B 598 28.50 -10.50 -35.65
N ASP B 599 29.72 -10.23 -35.28
CA ASP B 599 30.67 -11.27 -35.15
C ASP B 599 31.01 -11.49 -33.69
N THR B 600 30.26 -10.96 -32.79
CA THR B 600 30.54 -11.19 -31.39
C THR B 600 29.60 -12.28 -30.95
N LEU B 601 30.07 -13.43 -30.47
CA LEU B 601 29.20 -14.48 -30.01
C LEU B 601 28.84 -14.11 -28.63
N PHE B 602 27.57 -14.02 -28.48
CA PHE B 602 27.04 -13.80 -27.21
C PHE B 602 26.76 -15.17 -26.60
N ASP B 603 27.45 -15.46 -25.53
CA ASP B 603 27.39 -16.74 -24.88
C ASP B 603 26.90 -16.51 -23.50
N MET B 604 25.68 -16.89 -23.21
CA MET B 604 25.19 -16.65 -21.90
C MET B 604 24.88 -17.85 -21.03
N GLN B 605 25.07 -17.70 -19.73
CA GLN B 605 24.65 -18.68 -18.75
C GLN B 605 23.98 -17.89 -17.69
N VAL B 606 22.71 -17.72 -17.88
CA VAL B 606 21.94 -17.01 -16.96
C VAL B 606 21.05 -17.99 -16.26
N LYS B 607 21.38 -18.27 -15.00
CA LYS B 607 20.60 -19.10 -14.15
C LYS B 607 21.16 -19.06 -12.75
N ARG B 608 20.55 -19.77 -11.86
CA ARG B 608 20.93 -19.82 -10.47
C ARG B 608 22.33 -20.24 -10.29
N ILE B 609 23.03 -19.45 -9.49
CA ILE B 609 24.39 -19.65 -9.21
C ILE B 609 24.40 -20.83 -8.27
N HIS B 610 24.93 -21.96 -8.61
CA HIS B 610 24.99 -23.08 -7.70
C HIS B 610 26.08 -23.92 -8.14
N GLU B 611 26.91 -24.50 -7.27
CA GLU B 611 27.95 -25.34 -7.72
C GLU B 611 27.55 -26.43 -8.71
N TYR B 612 26.43 -27.13 -8.57
CA TYR B 612 26.01 -28.14 -9.51
C TYR B 612 25.58 -27.58 -10.87
N LYS B 613 25.31 -26.28 -11.02
CA LYS B 613 24.96 -25.68 -12.29
C LYS B 613 26.20 -25.39 -13.01
N ARG B 614 27.30 -25.56 -12.29
CA ARG B 614 28.59 -25.41 -12.76
C ARG B 614 28.90 -24.11 -13.45
N GLN B 615 28.52 -22.98 -12.89
CA GLN B 615 28.96 -21.67 -13.39
C GLN B 615 30.45 -21.62 -13.24
N GLN B 616 31.04 -22.31 -12.25
CA GLN B 616 32.44 -22.32 -12.04
C GLN B 616 33.11 -23.02 -13.13
N LEU B 617 32.49 -24.03 -13.77
CA LEU B 617 33.04 -24.74 -14.85
C LEU B 617 33.12 -23.70 -15.95
N ASN B 618 32.09 -22.94 -16.19
CA ASN B 618 32.02 -21.93 -17.22
C ASN B 618 33.04 -20.84 -16.98
N VAL B 619 33.24 -20.39 -15.75
CA VAL B 619 34.23 -19.37 -15.43
C VAL B 619 35.59 -19.94 -15.59
N PHE B 620 35.86 -21.18 -15.15
CA PHE B 620 37.12 -21.78 -15.30
C PHE B 620 37.42 -21.87 -16.76
N GLY B 621 36.41 -22.10 -17.58
CA GLY B 621 36.55 -22.06 -18.98
C GLY B 621 36.89 -20.65 -19.44
N ILE B 622 36.32 -19.58 -18.91
CA ILE B 622 36.62 -18.20 -19.34
C ILE B 622 38.03 -17.87 -18.98
N ILE B 623 38.42 -18.04 -17.73
CA ILE B 623 39.77 -17.78 -17.30
C ILE B 623 40.66 -18.59 -18.13
N TYR B 624 40.42 -19.88 -18.38
CA TYR B 624 41.24 -20.67 -19.21
C TYR B 624 41.42 -19.96 -20.53
N ARG B 625 40.38 -19.64 -21.28
CA ARG B 625 40.49 -18.97 -22.54
C ARG B 625 41.31 -17.71 -22.33
N TYR B 626 41.04 -16.83 -21.40
CA TYR B 626 41.78 -15.60 -21.17
C TYR B 626 43.24 -15.84 -20.93
N LEU B 627 43.58 -16.82 -20.09
CA LEU B 627 44.93 -17.18 -19.83
C LEU B 627 45.57 -17.65 -21.06
N ALA B 628 44.85 -18.40 -21.88
CA ALA B 628 45.33 -18.85 -23.11
C ALA B 628 45.54 -17.67 -24.06
N MET B 629 44.65 -16.71 -24.14
CA MET B 629 44.74 -15.55 -25.01
C MET B 629 45.94 -14.71 -24.67
N LYS B 630 46.07 -14.39 -23.41
CA LYS B 630 47.09 -13.55 -22.87
C LYS B 630 48.42 -14.12 -23.07
N ASN B 631 48.53 -15.41 -22.77
CA ASN B 631 49.73 -16.13 -22.91
C ASN B 631 50.11 -16.11 -24.35
N MET B 632 49.14 -16.26 -25.24
CA MET B 632 49.32 -16.27 -26.65
C MET B 632 49.88 -14.92 -27.06
N LEU B 633 49.27 -13.81 -26.71
CA LEU B 633 49.73 -12.46 -27.02
C LEU B 633 51.17 -12.27 -26.59
N LYS B 634 51.48 -12.68 -25.37
CA LYS B 634 52.79 -12.54 -24.80
C LYS B 634 53.74 -13.46 -25.48
N ASN B 635 53.25 -14.47 -26.13
CA ASN B 635 54.09 -15.28 -26.89
C ASN B 635 54.14 -14.78 -28.29
N GLY B 636 53.85 -13.50 -28.51
CA GLY B 636 53.96 -12.84 -29.78
C GLY B 636 52.96 -13.26 -30.85
N ALA B 637 51.72 -13.41 -30.55
CA ALA B 637 50.78 -13.61 -31.62
C ALA B 637 50.18 -12.23 -31.83
N SER B 638 49.74 -11.87 -33.05
CA SER B 638 49.05 -10.61 -33.31
C SER B 638 47.66 -10.89 -32.91
N ILE B 639 46.90 -9.88 -32.52
CA ILE B 639 45.56 -10.16 -32.16
C ILE B 639 44.79 -10.83 -33.30
N GLU B 640 45.12 -10.61 -34.54
CA GLU B 640 44.46 -11.32 -35.62
C GLU B 640 44.67 -12.82 -35.43
N GLU B 641 45.77 -13.25 -34.87
CA GLU B 641 46.03 -14.66 -34.58
C GLU B 641 45.34 -15.16 -33.35
N VAL B 642 45.35 -14.35 -32.31
CA VAL B 642 44.70 -14.73 -31.11
C VAL B 642 43.23 -14.77 -31.43
N ALA B 643 42.68 -13.69 -31.94
CA ALA B 643 41.33 -13.62 -32.39
C ALA B 643 40.90 -14.74 -33.30
N ARG B 644 41.71 -15.18 -34.17
CA ARG B 644 41.34 -16.30 -35.02
C ARG B 644 41.11 -17.56 -34.20
N LYS B 645 41.83 -17.74 -33.10
CA LYS B 645 41.65 -18.91 -32.25
C LYS B 645 40.62 -18.76 -31.22
N TYR B 646 40.53 -17.58 -30.65
CA TYR B 646 39.62 -17.33 -29.62
C TYR B 646 38.89 -16.11 -30.12
N PRO B 647 37.81 -16.26 -30.87
CA PRO B 647 37.12 -15.13 -31.42
C PRO B 647 36.25 -14.44 -30.43
N ARG B 648 35.88 -13.22 -30.82
CA ARG B 648 35.08 -12.29 -30.12
C ARG B 648 33.82 -12.85 -29.55
N LYS B 649 33.80 -12.77 -28.25
CA LYS B 649 32.81 -13.39 -27.45
C LYS B 649 32.51 -12.44 -26.34
N VAL B 650 31.35 -12.58 -25.81
CA VAL B 650 30.93 -11.87 -24.66
C VAL B 650 30.26 -12.96 -23.87
N SER B 651 30.76 -13.20 -22.68
CA SER B 651 30.10 -14.11 -21.81
C SER B 651 29.22 -13.31 -20.92
N ILE B 652 27.97 -13.67 -20.98
CA ILE B 652 26.99 -12.99 -20.27
C ILE B 652 26.61 -13.90 -19.13
N PHE B 653 26.82 -13.51 -17.90
CA PHE B 653 26.40 -14.32 -16.78
C PHE B 653 25.36 -13.55 -16.10
N GLY B 654 24.43 -14.25 -15.56
CA GLY B 654 23.42 -13.63 -14.83
C GLY B 654 22.86 -14.66 -13.90
N GLY B 655 22.42 -14.25 -12.75
CA GLY B 655 21.80 -15.18 -11.85
C GLY B 655 22.07 -14.78 -10.43
N LYS B 656 21.35 -15.35 -9.52
CA LYS B 656 21.52 -15.00 -8.14
C LYS B 656 21.90 -16.23 -7.34
N SER B 657 22.70 -16.02 -6.31
CA SER B 657 23.12 -17.04 -5.35
C SER B 657 22.26 -16.94 -4.18
N ALA B 658 22.08 -18.03 -3.48
CA ALA B 658 21.38 -18.04 -2.28
C ALA B 658 22.22 -17.30 -1.25
N PRO B 659 21.64 -16.59 -0.31
CA PRO B 659 22.32 -15.72 0.61
C PRO B 659 23.42 -16.34 1.41
N GLY B 660 23.39 -17.64 1.70
CA GLY B 660 24.44 -18.22 2.55
C GLY B 660 25.26 -19.20 1.84
N TYR B 661 25.16 -19.27 0.55
CA TYR B 661 25.87 -20.27 -0.11
C TYR B 661 27.17 -19.59 -0.36
N TYR B 662 28.12 -19.77 0.56
CA TYR B 662 29.39 -19.16 0.44
C TYR B 662 30.04 -19.41 -0.86
N MET B 663 30.09 -20.67 -1.26
CA MET B 663 30.71 -20.99 -2.48
C MET B 663 30.00 -20.34 -3.67
N ALA B 664 28.70 -20.25 -3.69
CA ALA B 664 28.03 -19.64 -4.83
C ALA B 664 28.34 -18.14 -4.85
N LYS B 665 28.37 -17.52 -3.70
CA LYS B 665 28.77 -16.14 -3.62
C LYS B 665 30.20 -15.95 -4.00
N LEU B 666 31.07 -16.90 -3.75
CA LEU B 666 32.40 -16.76 -4.18
C LEU B 666 32.39 -16.76 -5.66
N ILE B 667 31.55 -17.60 -6.28
CA ILE B 667 31.57 -17.73 -7.70
C ILE B 667 31.14 -16.41 -8.34
N ILE B 668 30.23 -15.70 -7.77
CA ILE B 668 29.85 -14.40 -8.31
C ILE B 668 31.02 -13.45 -8.19
N LYS B 669 31.80 -13.43 -7.10
CA LYS B 669 32.90 -12.49 -6.97
C LYS B 669 33.88 -12.83 -8.00
N LEU B 670 34.13 -14.12 -8.14
CA LEU B 670 35.05 -14.58 -9.07
C LEU B 670 34.69 -14.15 -10.47
N ILE B 671 33.44 -14.22 -10.92
CA ILE B 671 33.02 -13.79 -12.25
C ILE B 671 33.33 -12.31 -12.39
N ASN B 672 33.04 -11.54 -11.38
CA ASN B 672 33.28 -10.10 -11.37
C ASN B 672 34.71 -9.70 -11.40
N CYS B 673 35.52 -10.49 -10.74
CA CYS B 673 36.92 -10.29 -10.79
C CYS B 673 37.41 -10.56 -12.17
N VAL B 674 37.02 -11.70 -12.75
CA VAL B 674 37.39 -12.04 -14.07
C VAL B 674 37.00 -10.88 -14.98
N ALA B 675 35.80 -10.41 -14.92
CA ALA B 675 35.33 -9.31 -15.74
C ALA B 675 36.16 -8.06 -15.54
N ASP B 676 36.61 -7.75 -14.34
CA ASP B 676 37.44 -6.57 -14.16
C ASP B 676 38.76 -6.66 -14.74
N ILE B 677 39.39 -7.80 -14.77
CA ILE B 677 40.67 -7.90 -15.35
C ILE B 677 40.54 -7.97 -16.86
N VAL B 678 39.70 -8.87 -17.39
CA VAL B 678 39.49 -9.11 -18.79
C VAL B 678 38.88 -7.92 -19.50
N ASN B 679 37.89 -7.30 -18.99
CA ASN B 679 37.26 -6.19 -19.69
C ASN B 679 38.14 -4.98 -19.80
N ASN B 680 39.10 -4.88 -18.89
CA ASN B 680 39.91 -3.68 -18.88
C ASN B 680 41.26 -3.97 -19.31
N ASP B 681 41.46 -5.12 -19.89
CA ASP B 681 42.73 -5.43 -20.34
C ASP B 681 42.90 -5.16 -21.80
N GLU B 682 43.46 -3.99 -22.04
CA GLU B 682 43.68 -3.48 -23.36
C GLU B 682 44.24 -4.42 -24.34
N SER B 683 45.15 -5.27 -23.86
CA SER B 683 45.84 -6.19 -24.67
C SER B 683 44.98 -7.12 -25.53
N ILE B 684 43.90 -7.60 -25.03
CA ILE B 684 43.09 -8.54 -25.79
C ILE B 684 42.06 -7.79 -26.63
N GLU B 685 42.23 -6.48 -26.76
CA GLU B 685 41.40 -5.61 -27.58
C GLU B 685 39.96 -5.97 -27.87
N HIS B 686 39.23 -6.15 -26.82
CA HIS B 686 37.82 -6.46 -26.92
C HIS B 686 37.47 -7.80 -27.53
N LEU B 687 38.36 -8.75 -27.53
CA LEU B 687 38.02 -10.06 -28.03
C LEU B 687 37.23 -10.82 -27.04
N LEU B 688 37.30 -10.43 -25.79
CA LEU B 688 36.55 -11.06 -24.75
C LEU B 688 36.08 -10.09 -23.73
N LYS B 689 34.83 -10.17 -23.42
CA LYS B 689 34.25 -9.39 -22.38
C LYS B 689 33.46 -10.33 -21.52
N VAL B 690 33.39 -10.08 -20.24
CA VAL B 690 32.62 -10.89 -19.35
C VAL B 690 31.71 -9.86 -18.81
N VAL B 691 30.46 -10.13 -18.72
CA VAL B 691 29.54 -9.17 -18.25
C VAL B 691 28.71 -9.93 -17.27
N PHE B 692 28.33 -9.36 -16.18
CA PHE B 692 27.46 -10.04 -15.30
C PHE B 692 26.24 -9.19 -15.22
N VAL B 693 25.04 -9.65 -15.50
CA VAL B 693 23.91 -8.82 -15.37
C VAL B 693 23.31 -8.98 -14.02
N ALA B 694 23.26 -7.89 -13.28
CA ALA B 694 22.68 -7.96 -12.00
C ALA B 694 21.20 -8.03 -12.10
N ASP B 695 20.75 -8.71 -11.07
CA ASP B 695 19.39 -8.91 -10.74
C ASP B 695 18.54 -9.30 -11.93
N TYR B 696 19.00 -10.38 -12.50
CA TYR B 696 18.40 -11.04 -13.64
C TYR B 696 17.10 -11.54 -13.24
N ASN B 697 16.15 -10.93 -13.87
CA ASN B 697 14.80 -11.25 -13.71
C ASN B 697 14.19 -11.59 -15.07
N VAL B 698 12.90 -11.69 -15.28
CA VAL B 698 12.37 -12.14 -16.55
C VAL B 698 12.59 -11.11 -17.63
N SER B 699 12.46 -9.83 -17.36
CA SER B 699 12.55 -8.78 -18.35
C SER B 699 13.90 -8.74 -18.90
N LYS B 700 14.88 -8.92 -18.00
CA LYS B 700 16.20 -8.98 -18.40
C LYS B 700 16.32 -10.20 -19.28
N ALA B 701 15.72 -11.34 -18.92
CA ALA B 701 15.73 -12.54 -19.71
C ALA B 701 14.99 -12.35 -21.03
N GLU B 702 14.03 -11.47 -21.15
CA GLU B 702 13.38 -11.23 -22.41
C GLU B 702 14.27 -10.40 -23.28
N ILE B 703 15.26 -9.66 -22.75
CA ILE B 703 16.14 -8.92 -23.58
C ILE B 703 17.29 -9.81 -23.87
N ILE B 704 17.77 -10.54 -22.86
CA ILE B 704 18.89 -11.42 -22.93
C ILE B 704 18.63 -12.63 -23.79
N ILE B 705 17.60 -13.45 -23.63
CA ILE B 705 17.41 -14.62 -24.44
C ILE B 705 17.32 -14.37 -25.95
N PRO B 706 16.55 -13.51 -26.63
CA PRO B 706 16.56 -13.36 -28.08
C PRO B 706 17.85 -12.85 -28.62
N ALA B 707 18.76 -12.37 -27.76
CA ALA B 707 20.03 -11.88 -28.15
C ALA B 707 21.02 -12.98 -28.12
N SER B 708 20.66 -14.15 -27.64
CA SER B 708 21.59 -15.19 -27.40
C SER B 708 22.03 -15.83 -28.64
N ASP B 709 23.31 -15.93 -28.74
CA ASP B 709 23.82 -16.72 -29.78
C ASP B 709 23.97 -18.16 -29.25
N LEU B 710 24.47 -18.32 -28.03
CA LEU B 710 24.68 -19.63 -27.43
C LEU B 710 24.34 -19.48 -25.99
N SER B 711 23.77 -20.52 -25.41
CA SER B 711 23.42 -20.51 -24.04
C SER B 711 23.92 -21.74 -23.33
N GLU B 712 24.47 -21.62 -22.15
CA GLU B 712 25.12 -22.73 -21.49
C GLU B 712 24.18 -23.56 -20.68
N HIS B 713 24.12 -24.88 -20.80
CA HIS B 713 23.25 -25.68 -20.02
C HIS B 713 24.05 -26.88 -19.56
N ILE B 714 24.99 -26.54 -18.65
CA ILE B 714 26.07 -27.38 -18.24
C ILE B 714 26.18 -28.03 -16.88
N SER B 715 25.10 -28.34 -16.25
CA SER B 715 25.10 -29.01 -14.96
C SER B 715 25.70 -30.38 -14.96
N THR B 716 26.14 -30.91 -13.81
CA THR B 716 26.70 -32.24 -13.79
C THR B 716 25.64 -33.23 -14.30
N ALA B 717 25.96 -34.22 -15.11
CA ALA B 717 24.94 -35.10 -15.64
C ALA B 717 24.23 -35.90 -14.60
N GLY B 718 22.95 -35.91 -14.79
CA GLY B 718 22.15 -36.56 -13.86
C GLY B 718 21.60 -35.62 -12.87
N THR B 719 21.85 -34.30 -12.90
CA THR B 719 21.33 -33.43 -11.91
C THR B 719 20.14 -32.62 -12.28
N GLU B 720 19.69 -32.50 -13.53
CA GLU B 720 18.62 -31.63 -13.89
C GLU B 720 17.42 -32.39 -14.32
N ALA B 721 16.28 -32.03 -13.84
CA ALA B 721 15.10 -32.76 -14.22
C ALA B 721 14.55 -32.33 -15.57
N SER B 722 14.32 -31.04 -15.80
CA SER B 722 13.87 -30.61 -17.11
C SER B 722 14.67 -29.36 -17.33
N GLY B 723 14.13 -28.16 -17.54
CA GLY B 723 14.94 -26.97 -17.65
C GLY B 723 14.36 -26.07 -18.71
N THR B 724 13.49 -25.20 -18.33
CA THR B 724 12.82 -24.41 -19.34
C THR B 724 13.58 -23.29 -19.96
N SER B 725 14.65 -22.68 -19.43
CA SER B 725 15.21 -21.56 -20.18
C SER B 725 15.84 -22.04 -21.41
N ASN B 726 16.23 -23.31 -21.38
CA ASN B 726 16.77 -24.02 -22.48
C ASN B 726 15.83 -23.87 -23.67
N MET B 727 14.58 -24.15 -23.44
CA MET B 727 13.54 -24.13 -24.46
C MET B 727 13.35 -22.72 -24.98
N LYS B 728 13.48 -21.74 -24.08
CA LYS B 728 13.38 -20.31 -24.42
C LYS B 728 14.46 -19.87 -25.31
N PHE B 729 15.62 -20.44 -25.12
CA PHE B 729 16.69 -20.14 -25.98
C PHE B 729 16.41 -20.79 -27.30
N VAL B 730 15.95 -22.04 -27.32
CA VAL B 730 15.70 -22.72 -28.56
C VAL B 730 14.66 -21.98 -29.39
N MET B 731 13.55 -21.62 -28.85
CA MET B 731 12.50 -20.87 -29.56
C MET B 731 12.91 -19.54 -30.21
N ASN B 732 14.10 -19.11 -29.86
CA ASN B 732 14.60 -17.86 -30.35
C ASN B 732 15.79 -18.04 -31.15
N GLY B 733 16.02 -19.27 -31.62
CA GLY B 733 17.11 -19.55 -32.46
C GLY B 733 18.45 -19.55 -31.77
N GLY B 734 18.54 -19.72 -30.48
CA GLY B 734 19.79 -19.74 -29.78
C GLY B 734 20.27 -21.16 -29.78
N LEU B 735 21.55 -21.39 -29.75
CA LEU B 735 21.99 -22.77 -29.69
C LEU B 735 22.42 -23.16 -28.28
N ILE B 736 22.39 -24.42 -27.90
CA ILE B 736 22.67 -24.90 -26.55
C ILE B 736 24.00 -25.56 -26.53
N ILE B 737 24.84 -25.29 -25.52
CA ILE B 737 25.97 -26.12 -25.22
C ILE B 737 25.56 -26.73 -23.92
N GLY B 738 25.40 -28.04 -23.79
CA GLY B 738 24.92 -28.59 -22.58
C GLY B 738 25.30 -30.02 -22.31
N THR B 739 25.01 -30.41 -21.11
CA THR B 739 25.24 -31.76 -20.64
C THR B 739 24.05 -32.59 -21.05
N VAL B 740 24.19 -33.90 -21.15
CA VAL B 740 23.11 -34.74 -21.60
C VAL B 740 22.36 -35.18 -20.41
N ASP B 741 21.58 -34.19 -20.11
CA ASP B 741 20.86 -34.17 -18.93
C ASP B 741 19.74 -33.19 -19.12
N GLY B 742 18.75 -33.37 -18.34
CA GLY B 742 17.66 -32.45 -18.28
C GLY B 742 16.86 -32.35 -19.57
N ALA B 743 16.43 -31.12 -19.80
CA ALA B 743 15.67 -30.82 -20.99
C ALA B 743 16.52 -30.91 -22.19
N ASN B 744 17.82 -30.89 -22.03
CA ASN B 744 18.66 -31.00 -23.13
C ASN B 744 18.36 -32.23 -23.94
N VAL B 745 18.15 -33.38 -23.28
CA VAL B 745 17.79 -34.64 -23.92
C VAL B 745 16.54 -34.48 -24.81
N GLU B 746 15.46 -34.00 -24.32
CA GLU B 746 14.31 -33.81 -25.18
C GLU B 746 14.44 -32.73 -26.23
N ILE B 747 15.18 -31.63 -25.98
CA ILE B 747 15.46 -30.62 -26.99
C ILE B 747 16.06 -31.37 -28.13
N THR B 748 17.05 -32.19 -27.82
CA THR B 748 17.76 -32.93 -28.77
C THR B 748 16.88 -33.84 -29.60
N ARG B 749 16.01 -34.60 -28.98
CA ARG B 749 15.06 -35.43 -29.69
C ARG B 749 14.30 -34.62 -30.73
N GLU B 750 13.60 -33.60 -30.32
CA GLU B 750 12.80 -32.75 -31.18
C GLU B 750 13.50 -31.99 -32.24
N ILE B 751 14.60 -31.31 -31.95
CA ILE B 751 15.20 -30.50 -32.97
C ILE B 751 16.29 -31.22 -33.62
N GLY B 752 16.71 -32.38 -33.12
CA GLY B 752 17.71 -33.12 -33.75
C GLY B 752 19.04 -32.99 -33.06
N GLU B 753 19.68 -34.11 -32.83
CA GLU B 753 20.98 -34.11 -32.18
C GLU B 753 21.98 -33.23 -32.85
N ASP B 754 21.85 -33.13 -34.16
CA ASP B 754 22.76 -32.33 -34.89
C ASP B 754 22.64 -30.83 -34.69
N ASN B 755 21.77 -30.39 -33.87
CA ASN B 755 21.61 -28.96 -33.69
C ASN B 755 21.97 -28.51 -32.30
N VAL B 756 22.40 -29.37 -31.39
CA VAL B 756 22.75 -28.98 -30.05
C VAL B 756 24.17 -29.34 -29.80
N PHE B 757 24.93 -28.68 -28.90
CA PHE B 757 26.29 -29.00 -28.61
C PHE B 757 26.35 -29.68 -27.28
N LEU B 758 26.32 -31.02 -27.23
CA LEU B 758 26.33 -31.71 -25.98
C LEU B 758 27.70 -32.17 -25.62
N PHE B 759 28.04 -32.36 -24.37
CA PHE B 759 29.34 -32.77 -23.94
C PHE B 759 29.23 -33.38 -22.57
N GLY B 760 30.39 -33.68 -22.00
CA GLY B 760 30.55 -34.14 -20.65
C GLY B 760 30.03 -35.54 -20.43
N ASN B 761 30.26 -35.99 -19.22
CA ASN B 761 29.82 -37.31 -18.86
C ASN B 761 28.37 -37.40 -18.76
N LEU B 762 27.99 -38.65 -18.98
CA LEU B 762 26.68 -39.17 -18.93
C LEU B 762 26.49 -39.58 -17.51
N SER B 763 25.27 -39.72 -17.11
CA SER B 763 24.96 -40.16 -15.80
C SER B 763 25.48 -41.47 -15.30
N GLU B 764 25.62 -42.51 -16.14
CA GLU B 764 26.09 -43.80 -15.65
C GLU B 764 27.44 -43.68 -14.99
N ASN B 765 28.23 -42.95 -15.71
CA ASN B 765 29.57 -42.67 -15.31
C ASN B 765 29.68 -41.74 -14.13
N VAL B 766 28.68 -41.04 -13.70
CA VAL B 766 28.82 -40.08 -12.63
C VAL B 766 29.18 -40.74 -11.31
N GLU B 767 28.50 -41.81 -10.91
CA GLU B 767 28.81 -42.44 -9.63
C GLU B 767 30.14 -43.10 -9.56
N GLU B 768 30.57 -43.62 -10.66
CA GLU B 768 31.85 -44.21 -10.64
C GLU B 768 32.92 -43.14 -10.64
N LEU B 769 32.77 -42.08 -11.45
CA LEU B 769 33.77 -41.04 -11.51
C LEU B 769 33.91 -40.35 -10.19
N ARG B 770 32.81 -40.25 -9.55
CA ARG B 770 32.78 -39.67 -8.26
C ARG B 770 33.58 -40.61 -7.38
N TYR B 771 33.32 -41.94 -7.29
CA TYR B 771 34.08 -42.88 -6.45
C TYR B 771 35.54 -42.81 -6.65
N ASN B 772 35.94 -42.93 -7.87
CA ASN B 772 37.30 -42.86 -8.17
C ASN B 772 37.94 -41.57 -7.69
N HIS B 773 37.22 -40.49 -7.54
CA HIS B 773 37.80 -39.24 -7.09
C HIS B 773 38.37 -39.36 -5.71
N GLN B 774 37.72 -40.15 -4.89
CA GLN B 774 38.15 -40.24 -3.52
C GLN B 774 38.98 -41.45 -3.24
N TYR B 775 38.45 -42.64 -3.53
CA TYR B 775 39.12 -43.87 -3.17
C TYR B 775 39.91 -44.46 -4.26
N HIS B 776 40.44 -43.64 -5.15
CA HIS B 776 41.31 -44.03 -6.18
C HIS B 776 41.66 -42.82 -7.06
N PRO B 777 42.01 -41.64 -6.52
CA PRO B 777 42.16 -40.42 -7.29
C PRO B 777 43.12 -40.43 -8.40
N GLN B 778 42.66 -39.89 -9.52
CA GLN B 778 43.50 -39.58 -10.61
C GLN B 778 44.00 -38.14 -10.36
N ASP B 779 44.32 -37.32 -11.33
CA ASP B 779 44.79 -35.96 -11.07
C ASP B 779 44.01 -34.98 -11.94
N LEU B 780 44.12 -33.69 -11.65
CA LEU B 780 43.44 -32.67 -12.43
C LEU B 780 44.05 -32.46 -13.76
N PRO B 781 43.31 -32.19 -14.83
CA PRO B 781 43.81 -31.78 -16.10
C PRO B 781 44.65 -30.52 -16.00
N SER B 782 45.76 -30.40 -16.62
CA SER B 782 46.55 -29.18 -16.62
C SER B 782 45.79 -27.90 -16.88
N SER B 783 44.82 -27.93 -17.77
CA SER B 783 44.02 -26.79 -18.17
C SER B 783 43.38 -26.18 -16.99
N LEU B 784 42.75 -27.10 -16.30
CA LEU B 784 42.08 -26.77 -15.14
C LEU B 784 43.07 -26.37 -14.06
N ASP B 785 44.18 -27.06 -13.96
CA ASP B 785 45.16 -26.74 -12.96
C ASP B 785 45.75 -25.36 -13.19
N SER B 786 45.79 -24.92 -14.41
CA SER B 786 46.27 -23.58 -14.70
C SER B 786 45.32 -22.64 -14.15
N VAL B 787 44.03 -22.78 -14.41
CA VAL B 787 43.17 -21.79 -13.86
C VAL B 787 43.13 -21.91 -12.38
N LEU B 788 43.12 -23.08 -11.74
CA LEU B 788 43.09 -23.08 -10.30
C LEU B 788 44.29 -22.44 -9.62
N SER B 789 45.44 -22.58 -10.17
CA SER B 789 46.62 -21.93 -9.63
C SER B 789 46.55 -20.44 -9.92
N TYR B 790 45.97 -20.04 -11.05
CA TYR B 790 45.90 -18.63 -11.40
C TYR B 790 44.95 -17.87 -10.56
N ILE B 791 44.15 -18.55 -9.80
CA ILE B 791 43.33 -17.80 -8.96
C ILE B 791 43.76 -18.04 -7.53
N GLU B 792 44.77 -18.83 -7.29
CA GLU B 792 45.20 -19.21 -5.96
C GLU B 792 46.41 -18.41 -5.50
N GLN B 795 40.45 -14.82 -10.73
CA GLN B 795 41.65 -14.41 -11.33
C GLN B 795 42.29 -13.53 -10.25
N PHE B 796 43.59 -13.36 -10.25
CA PHE B 796 44.42 -12.58 -9.34
C PHE B 796 44.04 -11.99 -8.04
N SER B 797 42.92 -11.37 -7.87
CA SER B 797 42.50 -10.85 -6.60
C SER B 797 43.53 -10.27 -5.61
N PRO B 798 44.27 -9.21 -5.96
CA PRO B 798 45.41 -8.75 -5.20
C PRO B 798 45.18 -8.37 -3.78
N GLU B 799 44.09 -7.71 -3.54
CA GLU B 799 43.78 -7.33 -2.20
C GLU B 799 43.75 -8.52 -1.26
N ASN B 800 43.29 -9.69 -1.70
CA ASN B 800 43.21 -10.82 -0.81
C ASN B 800 43.61 -12.04 -1.57
N PRO B 801 44.86 -12.29 -1.68
CA PRO B 801 45.34 -13.24 -2.62
C PRO B 801 45.05 -14.70 -2.27
N ASN B 802 44.07 -15.01 -1.49
CA ASN B 802 43.69 -16.36 -1.21
C ASN B 802 42.25 -16.41 -0.91
N GLU B 803 41.52 -15.43 -1.44
CA GLU B 803 40.11 -15.39 -1.31
C GLU B 803 39.36 -16.53 -1.99
N PHE B 804 39.77 -16.90 -3.17
CA PHE B 804 39.10 -17.92 -3.97
C PHE B 804 39.52 -19.36 -3.67
N LYS B 805 40.20 -19.54 -2.54
CA LYS B 805 40.72 -20.83 -2.14
C LYS B 805 39.70 -21.91 -1.89
N PRO B 806 38.65 -21.79 -1.17
CA PRO B 806 37.68 -22.86 -0.99
C PRO B 806 37.15 -23.54 -2.25
N LEU B 807 37.02 -22.75 -3.31
CA LEU B 807 36.59 -23.23 -4.60
C LEU B 807 37.62 -24.15 -5.12
N VAL B 808 38.82 -23.66 -5.23
CA VAL B 808 39.92 -24.43 -5.67
C VAL B 808 40.09 -25.68 -4.83
N ASP B 809 40.09 -25.59 -3.53
CA ASP B 809 40.23 -26.77 -2.71
C ASP B 809 39.05 -27.70 -2.77
N SER B 810 37.88 -27.35 -3.27
CA SER B 810 36.86 -28.36 -3.33
C SER B 810 37.15 -29.31 -4.44
N ILE B 811 37.57 -28.77 -5.57
CA ILE B 811 37.90 -29.58 -6.70
C ILE B 811 39.12 -30.38 -6.38
N LYS B 812 40.15 -29.62 -6.03
CA LYS B 812 41.45 -30.11 -5.77
C LYS B 812 41.68 -30.96 -4.54
N TYR B 813 40.82 -30.96 -3.59
CA TYR B 813 41.04 -31.72 -2.37
C TYR B 813 39.80 -32.27 -1.82
N HIS B 814 38.62 -32.09 -2.37
CA HIS B 814 37.51 -32.73 -1.74
C HIS B 814 36.69 -33.49 -2.77
N GLY B 815 37.39 -34.36 -3.40
CA GLY B 815 36.83 -35.25 -4.37
C GLY B 815 36.11 -34.65 -5.57
N ASP B 816 36.10 -33.34 -5.81
CA ASP B 816 35.41 -32.72 -6.92
C ASP B 816 34.10 -33.42 -7.29
N TYR B 817 33.25 -33.37 -6.33
CA TYR B 817 31.95 -33.96 -6.47
C TYR B 817 31.14 -33.51 -7.69
N TYR B 818 31.33 -32.38 -8.37
CA TYR B 818 30.49 -32.02 -9.51
C TYR B 818 31.13 -32.24 -10.81
N LEU B 819 32.17 -33.04 -10.76
CA LEU B 819 32.85 -33.42 -11.93
C LEU B 819 33.32 -32.29 -12.81
N VAL B 820 33.86 -31.22 -12.23
CA VAL B 820 34.40 -30.15 -13.05
C VAL B 820 35.59 -30.65 -13.77
N SER B 821 36.48 -31.35 -13.06
CA SER B 821 37.64 -31.86 -13.62
C SER B 821 37.34 -32.77 -14.80
N ASP B 822 36.32 -33.59 -14.61
CA ASP B 822 35.96 -34.62 -15.57
C ASP B 822 35.46 -34.03 -16.87
N ASP B 823 34.63 -33.02 -16.76
CA ASP B 823 34.06 -32.42 -17.94
C ASP B 823 34.86 -31.27 -18.49
N PHE B 824 35.90 -30.79 -17.81
CA PHE B 824 36.57 -29.59 -18.26
C PHE B 824 37.04 -29.64 -19.67
N GLU B 825 37.71 -30.70 -19.99
CA GLU B 825 38.21 -30.82 -21.30
C GLU B 825 37.17 -30.95 -22.40
N SER B 826 36.11 -31.67 -22.14
CA SER B 826 35.03 -31.88 -23.07
C SER B 826 34.39 -30.54 -23.31
N TYR B 827 34.14 -29.81 -22.27
CA TYR B 827 33.58 -28.48 -22.34
C TYR B 827 34.34 -27.55 -23.22
N LEU B 828 35.62 -27.45 -22.95
CA LEU B 828 36.44 -26.64 -23.78
C LEU B 828 36.40 -27.12 -25.23
N ALA B 829 36.38 -28.41 -25.50
CA ALA B 829 36.30 -28.92 -26.84
C ALA B 829 35.06 -28.52 -27.60
N THR B 830 33.96 -28.60 -26.95
CA THR B 830 32.73 -28.20 -27.56
C THR B 830 32.77 -26.70 -27.81
N HIS B 831 33.46 -25.93 -26.96
CA HIS B 831 33.51 -24.49 -27.18
C HIS B 831 34.27 -24.12 -28.38
N GLU B 832 35.33 -24.84 -28.60
CA GLU B 832 36.06 -24.68 -29.79
C GLU B 832 35.15 -24.89 -31.01
N LEU B 833 34.33 -25.94 -30.98
CA LEU B 833 33.33 -26.18 -32.01
C LEU B 833 32.40 -25.02 -32.23
N VAL B 834 31.78 -24.60 -31.19
CA VAL B 834 30.87 -23.49 -31.23
C VAL B 834 31.47 -22.29 -31.93
N ASP B 835 32.65 -21.93 -31.45
CA ASP B 835 33.31 -20.77 -31.96
C ASP B 835 33.50 -20.82 -33.42
N GLN B 836 33.88 -21.97 -33.92
CA GLN B 836 34.11 -22.06 -35.31
C GLN B 836 32.84 -22.01 -36.10
N GLU B 837 31.86 -22.76 -35.67
CA GLU B 837 30.55 -22.81 -36.28
C GLU B 837 30.01 -21.43 -36.49
N PHE B 838 29.91 -20.68 -35.42
CA PHE B 838 29.34 -19.36 -35.44
C PHE B 838 30.09 -18.33 -36.23
N HIS B 839 31.36 -18.18 -35.97
CA HIS B 839 32.03 -17.10 -36.63
C HIS B 839 32.30 -17.43 -38.05
N ASN B 840 32.72 -18.64 -38.29
CA ASN B 840 33.15 -18.96 -39.57
C ASN B 840 32.13 -19.55 -40.48
N GLN B 841 31.10 -20.19 -40.01
CA GLN B 841 30.11 -20.68 -40.94
C GLN B 841 28.73 -20.49 -40.49
N ARG B 842 28.47 -19.20 -40.40
CA ARG B 842 27.24 -18.70 -40.00
C ARG B 842 26.06 -19.23 -40.80
N SER B 843 26.07 -19.53 -42.08
CA SER B 843 24.92 -20.14 -42.74
C SER B 843 24.53 -21.49 -42.17
N GLU B 844 25.49 -22.24 -41.64
CA GLU B 844 25.25 -23.49 -40.96
C GLU B 844 24.70 -23.17 -39.63
N TRP B 845 25.24 -22.16 -38.92
CA TRP B 845 24.76 -21.71 -37.66
C TRP B 845 23.34 -21.28 -37.78
N LEU B 846 23.02 -20.47 -38.77
CA LEU B 846 21.72 -19.97 -39.04
C LEU B 846 20.72 -21.06 -39.39
N LYS B 847 21.13 -22.14 -39.98
CA LYS B 847 20.27 -23.26 -40.28
C LYS B 847 19.97 -23.94 -38.99
N LYS B 848 20.89 -24.06 -38.04
CA LYS B 848 20.62 -24.67 -36.77
C LYS B 848 19.63 -23.89 -36.03
N SER B 849 19.75 -22.57 -36.09
CA SER B 849 18.85 -21.67 -35.51
C SER B 849 17.47 -21.78 -36.13
N VAL B 850 17.28 -21.76 -37.46
CA VAL B 850 15.99 -21.84 -38.13
C VAL B 850 15.37 -23.18 -37.83
N LEU B 851 16.11 -24.24 -37.90
CA LEU B 851 15.59 -25.55 -37.58
C LEU B 851 15.24 -25.62 -36.13
N SER B 852 15.98 -25.02 -35.20
CA SER B 852 15.62 -24.98 -33.83
C SER B 852 14.24 -24.48 -33.72
N LEU B 853 14.01 -23.28 -34.26
CA LEU B 853 12.74 -22.64 -34.35
C LEU B 853 11.65 -23.52 -34.91
N ALA B 854 11.95 -24.08 -36.02
CA ALA B 854 11.05 -24.92 -36.76
C ALA B 854 10.58 -26.10 -35.97
N ASN B 855 11.41 -26.63 -35.07
CA ASN B 855 11.03 -27.79 -34.30
C ASN B 855 10.89 -27.56 -32.82
N VAL B 856 10.92 -26.31 -32.36
CA VAL B 856 10.77 -26.03 -30.98
C VAL B 856 9.36 -26.24 -30.55
N GLY B 857 8.40 -26.17 -31.46
CA GLY B 857 7.03 -26.23 -31.18
C GLY B 857 6.54 -27.26 -30.20
N PHE B 858 7.11 -28.42 -29.96
CA PHE B 858 6.61 -29.35 -28.99
C PHE B 858 6.77 -28.77 -27.61
N PHE B 859 7.72 -27.87 -27.39
CA PHE B 859 7.91 -27.31 -26.09
C PHE B 859 7.00 -26.15 -25.90
N SER B 860 5.90 -26.02 -26.63
CA SER B 860 5.01 -24.98 -26.37
C SER B 860 4.23 -25.40 -25.18
N SER B 861 4.17 -24.55 -24.16
CA SER B 861 3.43 -24.87 -23.01
C SER B 861 1.99 -25.15 -23.34
N ASP B 862 1.49 -24.82 -24.56
CA ASP B 862 0.16 -25.16 -25.00
C ASP B 862 -0.02 -26.65 -25.15
N ARG B 863 0.98 -27.29 -25.65
CA ARG B 863 1.00 -28.73 -25.76
C ARG B 863 1.14 -29.32 -24.36
N CYS B 864 1.99 -28.83 -23.42
CA CYS B 864 2.02 -29.34 -22.04
C CYS B 864 0.67 -29.32 -21.49
N ILE B 865 -0.04 -28.23 -21.72
CA ILE B 865 -1.33 -28.12 -21.20
C ILE B 865 -2.30 -29.03 -21.91
N GLU B 866 -2.16 -29.32 -23.18
CA GLU B 866 -3.01 -30.30 -23.85
C GLU B 866 -2.84 -31.65 -23.16
N GLU B 867 -1.63 -32.05 -22.88
CA GLU B 867 -1.36 -33.34 -22.31
C GLU B 867 -1.87 -33.47 -20.95
N TYR B 868 -1.66 -32.44 -20.15
CA TYR B 868 -2.09 -32.47 -18.80
C TYR B 868 -3.56 -32.57 -18.83
N SER B 869 -4.21 -31.75 -19.65
CA SER B 869 -5.62 -31.76 -19.74
C SER B 869 -6.14 -33.12 -20.14
N ASP B 870 -5.56 -33.78 -21.07
CA ASP B 870 -6.10 -35.04 -21.49
C ASP B 870 -5.72 -36.27 -20.69
N THR B 871 -4.58 -36.37 -20.05
CA THR B 871 -4.29 -37.61 -19.34
C THR B 871 -4.53 -37.55 -17.87
N ILE B 872 -4.30 -36.36 -17.32
CA ILE B 872 -4.35 -36.22 -15.91
C ILE B 872 -5.58 -35.57 -15.49
N TRP B 873 -5.84 -34.37 -15.96
CA TRP B 873 -6.92 -33.63 -15.46
C TRP B 873 -8.26 -34.04 -16.03
N ASN B 874 -8.28 -34.57 -17.23
CA ASN B 874 -9.45 -34.96 -18.00
C ASN B 874 -10.34 -33.77 -18.03
N VAL B 875 -9.78 -32.71 -18.57
CA VAL B 875 -10.38 -31.42 -18.62
C VAL B 875 -10.59 -31.01 -20.08
N GLU B 876 -11.67 -30.38 -20.45
CA GLU B 876 -11.95 -29.89 -21.79
C GLU B 876 -11.93 -28.36 -21.70
N PRO B 877 -11.58 -27.60 -22.72
CA PRO B 877 -11.78 -26.16 -22.81
C PRO B 877 -13.20 -25.76 -22.76
N VAL B 878 -13.51 -24.67 -22.10
CA VAL B 878 -14.82 -24.14 -22.10
C VAL B 878 -14.64 -22.71 -22.59
N THR B 879 -14.78 -22.52 -23.89
CA THR B 879 -14.60 -21.23 -24.53
C THR B 879 -15.75 -21.14 -25.53
#